data_6HLU
#
_entry.id   6HLU
#
_cell.length_a   95.586
_cell.length_b   129.756
_cell.length_c   179.465
_cell.angle_alpha   90.00
_cell.angle_beta   90.00
_cell.angle_gamma   90.00
#
_symmetry.space_group_name_H-M   'P 21 21 21'
#
_entity_poly.entity_id   1
_entity_poly.type   'polypeptide(L)'
_entity_poly.pdbx_seq_one_letter_code
;MSYYHHHHHHDYDIPTTENLYFQGAMGSMSDLDVIRQIEQELGMQLEPVDKLKWYSKGYKLDKDQRVTAIGLYDCGSDTL
DRIIQPLESLKSLSELSLSSNQITDISPLASLNSLSMLWLDRNQITDIAPLASLNSLSMLWLFGNKISDIAPLESLKSLT
ELQLSSNQITDIAPLASLKSLTELSLSGNNISDIAPLESLKSLTELSLSSNQITDIAPLASLKSLTELSLSSNQISDIAP
LESLKSLTELQLSRNQISDIAPLESLKSLTELQLSSNQITDIAPLASLKSLTELQLSRNQISDIAPLESLNSLSKLWLNG
NQITDIAPLASLNSLTELELSSNQITDIAPLASLKSLSTLWLSSNQISDIAPLASLESLSELSLSSNQISDISPLASLNS
LTGFDVRRNPIKRLPETITGFDMEILWNDFSSSGFITFFDNPLESPPPEIVKQGKEAVRQYFQSIEEARSKGEALVHLQE
IKVHLIGDGMAGKTSLLKQLIGETFDPKESQTHGLNVVTKQAPNIKGLENDDELKECLFHFWDFGGQEIMHASHQFFMTR
SSVYMLLLDSRTDSNKHYWLRHIEKYGGKSPVIVVMNKIDENPSYNIEQKKINERFPAIENRFHRISCKNGDGVESIAKS
LKSAVLHPDSIYGTPLAPSWIKVKEKLVEATTAQRYLNRTEVEKICNDSGITDPGERKTLLGYLNNLGIVLYFEALDLSE
IYVLDPHWVTIGVYRIINSSKTKNGHLNTSALGYILNEEQIRCDEYDPAKNNKFTYTLLEQRYLLDIMKQFELCYDEGKG
LFIIPSNLPTQIDNEPEITEGEPLRFIMKYDYLPSTIIPRLMIAMQHQILDRMQWRYGMVLKSQDHEGALAKVVAETKDS
TITIAIQGEPRCKREYLSIIWYEIKKINANFTNLDVKEFIPLPGHPDELVEYKELLGLEKMGRDEYVSGKLEKVFSVSKM
LDSVISKEERNKER
;
_entity_poly.pdbx_strand_id   A,B
#
# COMPACT_ATOMS: atom_id res chain seq x y z
CA SER A 30 -4.90 -38.44 53.46
C SER A 30 -3.91 -39.59 53.44
N ASP A 31 -4.42 -40.81 53.24
CA ASP A 31 -3.56 -41.98 53.18
C ASP A 31 -2.77 -42.01 51.88
N LEU A 32 -1.67 -42.77 51.91
CA LEU A 32 -0.82 -42.91 50.72
C LEU A 32 -1.45 -43.81 49.67
N ASP A 33 -2.37 -44.69 50.04
CA ASP A 33 -3.05 -45.49 49.02
C ASP A 33 -4.02 -44.65 48.19
N VAL A 34 -4.33 -43.43 48.61
CA VAL A 34 -5.19 -42.58 47.80
C VAL A 34 -4.43 -41.97 46.63
N ILE A 35 -3.17 -41.56 46.86
CA ILE A 35 -2.37 -41.02 45.76
C ILE A 35 -1.98 -42.13 44.79
N ARG A 36 -1.85 -43.36 45.28
CA ARG A 36 -1.58 -44.49 44.37
C ARG A 36 -2.73 -44.68 43.38
N GLN A 37 -3.96 -44.40 43.81
CA GLN A 37 -5.08 -44.42 42.87
C GLN A 37 -5.03 -43.24 41.92
N ILE A 38 -4.43 -42.12 42.35
CA ILE A 38 -4.39 -40.93 41.52
C ILE A 38 -3.36 -41.07 40.42
N GLU A 39 -2.17 -41.57 40.75
CA GLU A 39 -1.13 -41.79 39.75
C GLU A 39 -1.41 -43.01 38.89
N GLN A 40 -2.52 -43.71 39.11
CA GLN A 40 -2.97 -44.78 38.23
C GLN A 40 -4.09 -44.33 37.30
N GLU A 41 -4.97 -43.45 37.76
CA GLU A 41 -6.03 -42.93 36.91
C GLU A 41 -5.52 -41.90 35.91
N LEU A 42 -4.38 -41.26 36.18
CA LEU A 42 -3.83 -40.24 35.31
C LEU A 42 -2.70 -40.74 34.43
N GLY A 43 -1.92 -41.71 34.90
CA GLY A 43 -0.78 -42.24 34.16
C GLY A 43 0.56 -41.72 34.61
N MET A 44 0.62 -40.55 35.23
CA MET A 44 1.88 -40.01 35.72
C MET A 44 2.32 -40.76 36.97
N GLN A 45 3.47 -40.35 37.51
CA GLN A 45 4.01 -40.90 38.75
C GLN A 45 4.23 -39.76 39.74
N LEU A 46 3.81 -39.97 40.98
CA LEU A 46 3.89 -38.96 42.02
C LEU A 46 4.98 -39.37 43.01
N GLU A 47 5.95 -38.47 43.22
CA GLU A 47 7.05 -38.69 44.15
C GLU A 47 6.98 -37.69 45.31
N PRO A 48 7.49 -38.06 46.48
CA PRO A 48 7.44 -37.14 47.62
C PRO A 48 8.34 -35.93 47.40
N VAL A 49 7.94 -34.81 48.01
CA VAL A 49 8.68 -33.56 47.92
C VAL A 49 8.66 -32.89 49.30
N ASP A 50 9.76 -32.20 49.62
CA ASP A 50 9.87 -31.56 50.93
C ASP A 50 8.93 -30.35 51.03
N LYS A 51 8.86 -29.54 49.98
CA LYS A 51 7.97 -28.38 49.96
C LYS A 51 7.27 -28.32 48.61
N LEU A 52 5.94 -28.25 48.65
CA LEU A 52 5.17 -28.27 47.42
C LEU A 52 5.32 -26.96 46.67
N LYS A 53 5.54 -27.05 45.35
CA LYS A 53 5.66 -25.91 44.48
C LYS A 53 4.65 -26.02 43.34
N TRP A 54 4.53 -24.94 42.56
CA TRP A 54 3.53 -24.90 41.50
C TRP A 54 3.79 -25.95 40.44
N TYR A 55 5.05 -26.28 40.17
CA TYR A 55 5.41 -27.23 39.14
C TYR A 55 5.58 -28.65 39.68
N SER A 56 5.17 -28.90 40.92
CA SER A 56 5.42 -30.19 41.54
C SER A 56 4.50 -31.26 40.97
N LYS A 57 5.07 -32.44 40.70
CA LYS A 57 4.30 -33.59 40.24
C LYS A 57 4.34 -34.66 41.32
N GLY A 58 3.90 -34.32 42.53
CA GLY A 58 3.96 -35.26 43.62
C GLY A 58 3.15 -34.80 44.81
N TYR A 59 3.46 -35.40 45.96
CA TYR A 59 2.73 -35.18 47.20
C TYR A 59 3.67 -34.73 48.30
N LYS A 60 3.09 -34.33 49.42
CA LYS A 60 3.85 -33.90 50.59
C LYS A 60 3.09 -34.34 51.83
N LEU A 61 3.65 -35.30 52.56
CA LEU A 61 3.03 -35.80 53.78
C LEU A 61 3.68 -35.17 55.02
N ASP A 62 3.05 -35.38 56.16
CA ASP A 62 3.53 -34.79 57.41
C ASP A 62 4.23 -35.83 58.28
N LYS A 63 4.11 -35.68 59.60
CA LYS A 63 4.75 -36.61 60.52
C LYS A 63 3.93 -37.89 60.66
N ASP A 64 2.61 -37.77 60.72
CA ASP A 64 1.72 -38.92 60.80
C ASP A 64 1.36 -39.49 59.43
N GLN A 65 2.15 -39.20 58.41
CA GLN A 65 1.96 -39.74 57.06
C GLN A 65 0.57 -39.39 56.52
N ARG A 66 0.23 -38.12 56.58
CA ARG A 66 -1.02 -37.60 56.05
C ARG A 66 -0.71 -36.58 54.96
N VAL A 67 -1.33 -36.75 53.79
CA VAL A 67 -1.05 -35.89 52.65
C VAL A 67 -1.61 -34.50 52.96
N THR A 68 -0.71 -33.54 53.18
CA THR A 68 -1.10 -32.15 53.41
C THR A 68 -0.91 -31.29 52.18
N ALA A 69 -0.27 -31.81 51.14
CA ALA A 69 -0.05 -31.05 49.91
C ALA A 69 0.17 -32.03 48.76
N ILE A 70 -0.46 -31.74 47.63
CA ILE A 70 -0.34 -32.57 46.44
C ILE A 70 -0.30 -31.65 45.22
N GLY A 71 0.51 -32.03 44.24
CA GLY A 71 0.64 -31.24 43.03
C GLY A 71 0.53 -32.07 41.77
N LEU A 72 -0.27 -31.61 40.81
CA LEU A 72 -0.50 -32.32 39.56
C LEU A 72 -0.18 -31.38 38.40
N TYR A 73 1.10 -31.04 38.28
CA TYR A 73 1.57 -30.14 37.23
C TYR A 73 1.62 -30.89 35.91
N ASP A 74 0.92 -30.36 34.90
CA ASP A 74 0.94 -30.91 33.54
C ASP A 74 0.55 -32.38 33.53
N CYS A 75 -0.76 -32.66 33.61
CA CYS A 75 -1.27 -34.02 33.59
C CYS A 75 -2.45 -34.22 32.65
N GLY A 76 -2.97 -33.17 32.03
CA GLY A 76 -4.05 -33.31 31.09
C GLY A 76 -5.33 -32.64 31.58
N SER A 77 -6.20 -32.34 30.63
CA SER A 77 -7.50 -31.72 30.94
C SER A 77 -8.47 -32.70 31.56
N ASP A 78 -8.19 -33.99 31.55
CA ASP A 78 -9.03 -35.00 32.19
C ASP A 78 -8.83 -35.06 33.70
N THR A 79 -8.34 -33.97 34.30
CA THR A 79 -8.07 -33.89 35.72
C THR A 79 -9.26 -33.24 36.43
N LEU A 80 -9.29 -33.42 37.76
CA LEU A 80 -10.28 -32.86 38.67
C LEU A 80 -11.73 -33.25 38.35
N ASP A 81 -12.06 -33.48 37.09
CA ASP A 81 -13.42 -33.92 36.79
C ASP A 81 -13.69 -35.32 37.33
N ARG A 82 -12.67 -36.18 37.37
CA ARG A 82 -12.81 -37.51 37.94
C ARG A 82 -11.81 -37.81 39.06
N ILE A 83 -10.80 -36.97 39.26
CA ILE A 83 -9.85 -37.16 40.35
C ILE A 83 -10.22 -36.33 41.58
N ILE A 84 -11.38 -35.68 41.58
CA ILE A 84 -11.77 -34.88 42.73
C ILE A 84 -12.25 -35.77 43.87
N GLN A 85 -12.86 -36.92 43.56
CA GLN A 85 -13.33 -37.80 44.61
C GLN A 85 -12.21 -38.34 45.49
N PRO A 86 -11.05 -38.78 44.96
CA PRO A 86 -9.93 -39.08 45.85
C PRO A 86 -9.33 -37.86 46.53
N LEU A 87 -9.51 -36.67 45.95
CA LEU A 87 -9.02 -35.45 46.60
C LEU A 87 -9.84 -35.12 47.85
N GLU A 88 -11.16 -35.37 47.80
CA GLU A 88 -11.99 -35.10 48.96
C GLU A 88 -11.68 -36.07 50.10
N SER A 89 -11.18 -37.26 49.77
CA SER A 89 -10.77 -38.21 50.80
C SER A 89 -9.50 -37.77 51.52
N LEU A 90 -8.68 -36.95 50.87
CA LEU A 90 -7.49 -36.39 51.53
C LEU A 90 -7.93 -35.34 52.55
N LYS A 91 -8.14 -35.77 53.79
CA LYS A 91 -8.67 -34.86 54.80
C LYS A 91 -7.64 -33.83 55.25
N SER A 92 -6.37 -34.19 55.26
CA SER A 92 -5.32 -33.27 55.70
C SER A 92 -4.80 -32.39 54.58
N LEU A 93 -5.40 -32.44 53.40
CA LEU A 93 -4.91 -31.68 52.27
C LEU A 93 -5.07 -30.18 52.53
N SER A 94 -4.00 -29.43 52.28
CA SER A 94 -3.94 -27.99 52.50
C SER A 94 -3.53 -27.23 51.26
N GLU A 95 -2.64 -27.80 50.44
CA GLU A 95 -2.09 -27.13 49.27
C GLU A 95 -2.36 -28.00 48.04
N LEU A 96 -2.96 -27.40 47.02
CA LEU A 96 -3.29 -28.10 45.78
C LEU A 96 -2.71 -27.33 44.59
N SER A 97 -2.14 -28.07 43.65
CA SER A 97 -1.53 -27.48 42.47
C SER A 97 -2.08 -28.17 41.23
N LEU A 98 -2.75 -27.38 40.38
CA LEU A 98 -3.28 -27.83 39.10
C LEU A 98 -2.66 -27.03 37.95
N SER A 99 -1.36 -26.81 38.01
CA SER A 99 -0.69 -25.94 37.07
C SER A 99 -0.65 -26.54 35.67
N SER A 100 -1.04 -25.74 34.67
CA SER A 100 -0.94 -26.10 33.26
C SER A 100 -1.65 -27.41 32.93
N ASN A 101 -2.98 -27.38 32.87
CA ASN A 101 -3.77 -28.54 32.51
C ASN A 101 -4.86 -28.26 31.49
N GLN A 102 -4.97 -27.03 30.99
CA GLN A 102 -6.04 -26.64 30.06
C GLN A 102 -7.42 -26.93 30.64
N ILE A 103 -7.58 -26.65 31.93
CA ILE A 103 -8.85 -26.90 32.62
C ILE A 103 -9.84 -25.80 32.29
N THR A 104 -11.06 -26.18 31.93
CA THR A 104 -12.11 -25.22 31.62
C THR A 104 -13.17 -25.10 32.70
N ASP A 105 -13.44 -26.17 33.46
CA ASP A 105 -14.45 -26.17 34.51
C ASP A 105 -13.80 -26.55 35.83
N ILE A 106 -13.92 -25.67 36.84
CA ILE A 106 -13.34 -25.92 38.15
C ILE A 106 -14.44 -26.04 39.19
N SER A 107 -15.59 -26.59 38.79
CA SER A 107 -16.71 -26.76 39.71
C SER A 107 -16.43 -27.76 40.83
N PRO A 108 -15.81 -28.93 40.57
CA PRO A 108 -15.64 -29.90 41.66
C PRO A 108 -14.74 -29.43 42.79
N LEU A 109 -13.97 -28.37 42.59
CA LEU A 109 -13.02 -27.91 43.61
C LEU A 109 -13.69 -27.15 44.76
N ALA A 110 -15.01 -26.93 44.70
CA ALA A 110 -15.70 -26.22 45.77
C ALA A 110 -15.80 -27.04 47.04
N SER A 111 -15.62 -28.36 46.96
CA SER A 111 -15.72 -29.22 48.13
C SER A 111 -14.50 -29.16 49.03
N LEU A 112 -13.45 -28.45 48.64
CA LEU A 112 -12.22 -28.40 49.43
C LEU A 112 -12.11 -27.07 50.16
N ASN A 113 -13.04 -26.87 51.09
CA ASN A 113 -13.11 -25.65 51.89
C ASN A 113 -11.97 -25.52 52.90
N SER A 114 -10.99 -26.42 52.91
CA SER A 114 -9.88 -26.36 53.84
C SER A 114 -8.56 -26.06 53.16
N LEU A 115 -8.59 -25.64 51.89
CA LEU A 115 -7.37 -25.37 51.15
C LEU A 115 -6.81 -24.00 51.52
N SER A 116 -5.51 -23.96 51.80
CA SER A 116 -4.82 -22.70 52.08
C SER A 116 -4.03 -22.18 50.89
N MET A 117 -3.60 -23.06 49.98
CA MET A 117 -2.87 -22.67 48.79
C MET A 117 -3.44 -23.41 47.59
N LEU A 118 -3.75 -22.68 46.53
CA LEU A 118 -4.35 -23.26 45.33
C LEU A 118 -3.65 -22.70 44.10
N TRP A 119 -3.13 -23.61 43.26
CA TRP A 119 -2.48 -23.24 42.01
C TRP A 119 -3.38 -23.63 40.84
N LEU A 120 -3.90 -22.63 40.14
CA LEU A 120 -4.70 -22.83 38.94
C LEU A 120 -4.10 -22.08 37.76
N ASP A 121 -2.77 -22.10 37.67
CA ASP A 121 -2.06 -21.25 36.71
C ASP A 121 -2.03 -21.90 35.33
N ARG A 122 -2.12 -21.04 34.30
CA ARG A 122 -1.96 -21.44 32.91
C ARG A 122 -2.98 -22.51 32.49
N ASN A 123 -4.25 -22.25 32.79
CA ASN A 123 -5.34 -23.10 32.36
C ASN A 123 -6.23 -22.35 31.36
N GLN A 124 -7.46 -22.82 31.19
CA GLN A 124 -8.42 -22.14 30.32
C GLN A 124 -9.70 -21.83 31.09
N ILE A 125 -9.54 -21.29 32.29
CA ILE A 125 -10.67 -21.02 33.19
C ILE A 125 -11.35 -19.71 32.78
N THR A 126 -12.68 -19.74 32.72
CA THR A 126 -13.48 -18.55 32.45
C THR A 126 -14.36 -18.15 33.61
N ASP A 127 -15.05 -19.10 34.24
CA ASP A 127 -15.89 -18.84 35.39
C ASP A 127 -15.18 -19.31 36.66
N ILE A 128 -15.05 -18.41 37.63
CA ILE A 128 -14.42 -18.75 38.91
C ILE A 128 -15.43 -18.69 40.04
N ALA A 129 -16.70 -18.97 39.71
CA ALA A 129 -17.74 -18.96 40.74
C ALA A 129 -17.54 -20.00 41.83
N PRO A 130 -17.13 -21.24 41.54
CA PRO A 130 -16.92 -22.22 42.62
C PRO A 130 -15.79 -21.84 43.58
N LEU A 131 -14.99 -20.82 43.27
CA LEU A 131 -13.90 -20.41 44.13
C LEU A 131 -14.35 -19.60 45.34
N ALA A 132 -15.62 -19.16 45.36
CA ALA A 132 -16.10 -18.32 46.46
C ALA A 132 -16.22 -19.11 47.77
N SER A 133 -16.44 -20.42 47.69
CA SER A 133 -16.63 -21.24 48.88
C SER A 133 -15.33 -21.67 49.54
N LEU A 134 -14.20 -21.06 49.20
CA LEU A 134 -12.91 -21.44 49.75
C LEU A 134 -12.40 -20.32 50.66
N ASN A 135 -13.12 -20.11 51.76
CA ASN A 135 -12.84 -18.99 52.67
C ASN A 135 -11.67 -19.29 53.59
N SER A 136 -10.71 -20.10 53.13
CA SER A 136 -9.54 -20.44 53.93
C SER A 136 -8.26 -20.39 53.11
N LEU A 137 -8.27 -19.74 51.95
CA LEU A 137 -7.11 -19.68 51.07
C LEU A 137 -6.23 -18.48 51.40
N SER A 138 -4.92 -18.69 51.34
CA SER A 138 -3.94 -17.64 51.53
C SER A 138 -2.98 -17.58 50.35
N MET A 139 -3.22 -18.35 49.30
CA MET A 139 -2.36 -18.40 48.12
C MET A 139 -3.19 -18.86 46.93
N LEU A 140 -3.36 -18.00 45.95
CA LEU A 140 -4.17 -18.33 44.77
C LEU A 140 -3.47 -17.80 43.53
N TRP A 141 -3.21 -18.68 42.57
CA TRP A 141 -2.51 -18.34 41.34
C TRP A 141 -3.41 -18.63 40.15
N LEU A 142 -3.77 -17.59 39.40
CA LEU A 142 -4.54 -17.69 38.16
C LEU A 142 -3.71 -17.03 37.05
N PHE A 143 -2.61 -17.69 36.68
CA PHE A 143 -1.56 -17.02 35.91
C PHE A 143 -1.97 -16.75 34.47
N GLY A 144 -2.63 -17.69 33.81
CA GLY A 144 -2.89 -17.50 32.39
C GLY A 144 -4.21 -18.06 31.89
N ASN A 145 -5.31 -17.53 32.40
CA ASN A 145 -6.64 -17.96 32.02
C ASN A 145 -7.35 -16.84 31.26
N LYS A 146 -8.60 -17.09 30.88
CA LYS A 146 -9.45 -16.11 30.21
C LYS A 146 -10.55 -15.67 31.16
N ILE A 147 -10.15 -14.96 32.21
CA ILE A 147 -11.03 -14.57 33.29
C ILE A 147 -11.37 -13.09 33.16
N SER A 148 -12.66 -12.78 33.02
CA SER A 148 -13.12 -11.40 32.93
C SER A 148 -13.84 -10.92 34.18
N ASP A 149 -14.26 -11.82 35.06
CA ASP A 149 -14.94 -11.46 36.30
C ASP A 149 -14.16 -12.01 37.48
N ILE A 150 -13.94 -11.17 38.48
CA ILE A 150 -13.22 -11.53 39.70
C ILE A 150 -14.09 -11.37 40.94
N ALA A 151 -15.41 -11.31 40.76
CA ALA A 151 -16.29 -11.07 41.89
C ALA A 151 -16.25 -12.17 42.94
N PRO A 152 -16.26 -13.47 42.62
CA PRO A 152 -16.29 -14.49 43.68
C PRO A 152 -15.10 -14.41 44.63
N LEU A 153 -14.03 -13.70 44.27
CA LEU A 153 -12.90 -13.52 45.17
C LEU A 153 -13.18 -12.52 46.29
N GLU A 154 -14.33 -11.84 46.26
CA GLU A 154 -14.63 -10.83 47.26
C GLU A 154 -14.70 -11.44 48.66
N SER A 155 -15.29 -12.63 48.78
CA SER A 155 -15.41 -13.30 50.07
C SER A 155 -14.10 -13.86 50.59
N LEU A 156 -13.01 -13.74 49.83
CA LEU A 156 -11.73 -14.36 50.20
C LEU A 156 -10.92 -13.37 51.02
N LYS A 157 -11.42 -13.07 52.21
CA LYS A 157 -10.82 -12.09 53.10
C LYS A 157 -9.62 -12.65 53.88
N SER A 158 -9.07 -13.79 53.46
CA SER A 158 -7.91 -14.38 54.13
C SER A 158 -6.73 -14.56 53.17
N LEU A 159 -6.76 -13.88 52.03
CA LEU A 159 -5.71 -14.03 51.02
C LEU A 159 -4.55 -13.09 51.30
N THR A 160 -3.33 -13.59 51.11
CA THR A 160 -2.12 -12.81 51.23
C THR A 160 -1.28 -12.78 49.96
N GLU A 161 -1.63 -13.57 48.94
CA GLU A 161 -0.87 -13.61 47.70
C GLU A 161 -1.82 -13.98 46.57
N LEU A 162 -2.14 -13.01 45.72
CA LEU A 162 -3.06 -13.18 44.61
C LEU A 162 -2.31 -13.00 43.29
N GLN A 163 -2.52 -13.92 42.36
CA GLN A 163 -1.90 -13.87 41.04
C GLN A 163 -3.02 -13.91 40.00
N LEU A 164 -3.31 -12.76 39.39
CA LEU A 164 -4.33 -12.65 38.36
C LEU A 164 -3.75 -12.09 37.07
N SER A 165 -2.48 -12.40 36.80
CA SER A 165 -1.84 -11.94 35.58
C SER A 165 -2.45 -12.60 34.36
N SER A 166 -2.22 -11.98 33.21
CA SER A 166 -2.57 -12.49 31.88
C SER A 166 -3.99 -13.07 31.85
N ASN A 167 -4.96 -12.16 31.92
CA ASN A 167 -6.36 -12.53 31.79
C ASN A 167 -7.10 -11.51 30.94
N GLN A 168 -8.39 -11.34 31.18
CA GLN A 168 -9.22 -10.34 30.51
C GLN A 168 -9.99 -9.52 31.53
N ILE A 169 -9.32 -9.11 32.60
CA ILE A 169 -9.94 -8.37 33.68
C ILE A 169 -10.04 -6.89 33.30
N THR A 170 -11.23 -6.32 33.47
CA THR A 170 -11.48 -4.91 33.22
C THR A 170 -11.83 -4.13 34.47
N ASP A 171 -12.59 -4.72 35.38
CA ASP A 171 -12.99 -4.09 36.63
C ASP A 171 -12.37 -4.85 37.79
N ILE A 172 -11.48 -4.19 38.52
CA ILE A 172 -10.84 -4.80 39.69
C ILE A 172 -11.48 -4.27 40.97
N ALA A 173 -12.78 -4.00 40.92
CA ALA A 173 -13.51 -3.46 42.06
C ALA A 173 -13.67 -4.45 43.21
N PRO A 174 -13.96 -5.75 42.96
CA PRO A 174 -14.08 -6.68 44.09
C PRO A 174 -12.76 -7.02 44.77
N LEU A 175 -11.71 -6.26 44.49
CA LEU A 175 -10.42 -6.45 45.13
C LEU A 175 -10.23 -5.57 46.37
N ALA A 176 -11.08 -4.57 46.57
CA ALA A 176 -10.95 -3.69 47.73
C ALA A 176 -11.38 -4.37 49.03
N SER A 177 -12.13 -5.47 48.97
CA SER A 177 -12.60 -6.11 50.19
C SER A 177 -11.50 -6.90 50.87
N LEU A 178 -10.74 -7.69 50.11
CA LEU A 178 -9.67 -8.52 50.66
C LEU A 178 -8.38 -7.70 50.86
N LYS A 179 -8.50 -6.66 51.71
CA LYS A 179 -7.43 -5.73 52.04
C LYS A 179 -6.30 -6.35 52.89
N SER A 180 -6.23 -7.67 53.01
CA SER A 180 -5.18 -8.35 53.76
C SER A 180 -4.08 -8.90 52.87
N LEU A 181 -4.08 -8.55 51.59
CA LEU A 181 -3.06 -9.03 50.67
C LEU A 181 -1.76 -8.24 50.82
N THR A 182 -0.65 -8.92 50.55
CA THR A 182 0.68 -8.32 50.52
C THR A 182 1.32 -8.37 49.15
N GLU A 183 0.96 -9.36 48.32
CA GLU A 183 1.51 -9.52 46.98
C GLU A 183 0.35 -9.67 46.00
N LEU A 184 0.29 -8.79 45.00
CA LEU A 184 -0.76 -8.84 44.00
C LEU A 184 -0.14 -8.66 42.62
N SER A 185 -0.67 -9.39 41.64
CA SER A 185 -0.16 -9.35 40.28
C SER A 185 -1.33 -9.27 39.32
N LEU A 186 -1.40 -8.21 38.54
CA LEU A 186 -2.49 -7.98 37.60
C LEU A 186 -1.95 -7.56 36.24
N SER A 187 -0.90 -8.23 35.78
CA SER A 187 -0.25 -7.86 34.53
C SER A 187 -0.88 -8.57 33.34
N GLY A 188 -1.12 -7.83 32.28
CA GLY A 188 -1.64 -8.40 31.05
C GLY A 188 -3.15 -8.53 31.03
N ASN A 189 -3.85 -7.44 31.29
CA ASN A 189 -5.31 -7.44 31.32
C ASN A 189 -5.80 -6.21 30.55
N ASN A 190 -7.05 -5.82 30.78
CA ASN A 190 -7.64 -4.64 30.17
C ASN A 190 -8.05 -3.64 31.25
N ILE A 191 -7.21 -3.49 32.27
CA ILE A 191 -7.51 -2.63 33.41
C ILE A 191 -7.26 -1.18 33.03
N SER A 192 -8.21 -0.31 33.36
CA SER A 192 -8.05 1.13 33.16
C SER A 192 -8.27 1.96 34.40
N ASP A 193 -8.88 1.41 35.45
CA ASP A 193 -9.13 2.14 36.69
C ASP A 193 -8.57 1.35 37.86
N ILE A 194 -7.58 1.91 38.54
CA ILE A 194 -6.97 1.28 39.70
C ILE A 194 -7.46 1.90 41.00
N ALA A 195 -8.57 2.64 40.96
CA ALA A 195 -9.10 3.25 42.17
C ALA A 195 -9.43 2.23 43.27
N PRO A 196 -10.01 1.06 42.99
CA PRO A 196 -10.29 0.11 44.08
C PRO A 196 -9.05 -0.40 44.80
N LEU A 197 -7.85 -0.09 44.33
CA LEU A 197 -6.62 -0.58 44.95
C LEU A 197 -6.13 0.29 46.09
N GLU A 198 -6.74 1.45 46.33
CA GLU A 198 -6.31 2.33 47.39
C GLU A 198 -6.53 1.74 48.78
N SER A 199 -7.40 0.73 48.91
CA SER A 199 -7.73 0.19 50.22
C SER A 199 -6.76 -0.85 50.72
N LEU A 200 -5.99 -1.48 49.84
CA LEU A 200 -5.11 -2.59 50.23
C LEU A 200 -3.74 -2.07 50.66
N LYS A 201 -3.74 -1.25 51.70
CA LYS A 201 -2.55 -0.53 52.14
C LYS A 201 -1.52 -1.44 52.82
N SER A 202 -1.57 -2.74 52.54
CA SER A 202 -0.61 -3.69 53.09
C SER A 202 0.19 -4.38 51.99
N LEU A 203 0.29 -3.76 50.82
CA LEU A 203 0.94 -4.36 49.66
C LEU A 203 2.44 -4.08 49.70
N THR A 204 3.23 -5.13 49.55
CA THR A 204 4.68 -5.02 49.41
C THR A 204 5.14 -5.20 47.98
N GLU A 205 4.53 -6.13 47.25
CA GLU A 205 4.85 -6.37 45.84
C GLU A 205 3.57 -6.19 45.02
N LEU A 206 3.69 -5.45 43.92
CA LEU A 206 2.54 -5.19 43.06
C LEU A 206 3.03 -5.06 41.62
N SER A 207 2.46 -5.87 40.73
CA SER A 207 2.80 -5.84 39.32
C SER A 207 1.53 -5.53 38.53
N LEU A 208 1.58 -4.45 37.74
CA LEU A 208 0.41 -3.99 37.02
C LEU A 208 0.84 -3.57 35.60
N SER A 209 1.50 -4.47 34.90
CA SER A 209 2.05 -4.19 33.59
C SER A 209 1.08 -4.61 32.48
N SER A 210 1.27 -4.03 31.30
CA SER A 210 0.53 -4.38 30.08
C SER A 210 -0.98 -4.22 30.30
N ASN A 211 -1.38 -3.01 30.67
CA ASN A 211 -2.77 -2.67 30.88
C ASN A 211 -3.05 -1.35 30.15
N GLN A 212 -4.15 -0.70 30.51
CA GLN A 212 -4.56 0.56 29.90
C GLN A 212 -4.64 1.66 30.94
N ILE A 213 -3.69 1.69 31.86
CA ILE A 213 -3.69 2.66 32.95
C ILE A 213 -3.18 3.99 32.45
N THR A 214 -3.81 5.07 32.90
CA THR A 214 -3.38 6.43 32.57
C THR A 214 -3.29 7.27 33.84
N ASP A 215 -4.09 6.92 34.84
CA ASP A 215 -4.14 7.63 36.11
C ASP A 215 -3.65 6.72 37.21
N ILE A 216 -2.52 7.08 37.83
CA ILE A 216 -1.94 6.31 38.92
C ILE A 216 -2.16 7.02 40.26
N ALA A 217 -3.09 7.97 40.30
CA ALA A 217 -3.35 8.69 41.56
C ALA A 217 -3.73 7.76 42.71
N PRO A 218 -4.55 6.71 42.52
CA PRO A 218 -4.82 5.82 43.66
C PRO A 218 -3.58 5.17 44.23
N LEU A 219 -2.49 5.10 43.47
CA LEU A 219 -1.23 4.54 43.96
C LEU A 219 -0.51 5.47 44.92
N ALA A 220 -1.10 6.64 45.23
CA ALA A 220 -0.47 7.59 46.14
C ALA A 220 -0.43 7.09 47.58
N SER A 221 -1.07 5.96 47.88
CA SER A 221 -0.95 5.38 49.21
C SER A 221 0.02 4.21 49.15
N LEU A 222 -0.32 3.11 49.83
CA LEU A 222 0.47 1.88 49.76
C LEU A 222 1.92 2.15 50.14
N LYS A 223 2.10 2.80 51.30
CA LYS A 223 3.42 3.24 51.73
C LYS A 223 4.41 2.08 51.95
N SER A 224 3.94 0.84 51.99
CA SER A 224 4.81 -0.31 52.19
C SER A 224 5.10 -1.05 50.89
N LEU A 225 4.94 -0.39 49.74
CA LEU A 225 5.28 -0.98 48.46
C LEU A 225 6.79 -0.99 48.27
N THR A 226 7.35 -2.18 48.03
CA THR A 226 8.77 -2.34 47.79
C THR A 226 9.11 -2.69 46.35
N GLU A 227 8.19 -3.30 45.62
CA GLU A 227 8.41 -3.67 44.22
C GLU A 227 7.14 -3.35 43.44
N LEU A 228 7.25 -2.43 42.49
CA LEU A 228 6.11 -2.01 41.68
C LEU A 228 6.48 -2.07 40.20
N SER A 229 5.63 -2.69 39.40
CA SER A 229 5.83 -2.81 37.96
C SER A 229 4.65 -2.17 37.23
N LEU A 230 4.95 -1.30 36.27
CA LEU A 230 3.92 -0.55 35.56
C LEU A 230 4.35 -0.33 34.10
N SER A 231 4.64 -1.41 33.40
CA SER A 231 5.12 -1.34 32.03
C SER A 231 3.97 -1.53 31.04
N SER A 232 4.16 -0.99 29.84
CA SER A 232 3.21 -1.14 28.73
C SER A 232 1.84 -0.59 29.11
N ASN A 233 1.80 0.69 29.44
CA ASN A 233 0.57 1.37 29.80
C ASN A 233 0.51 2.69 29.01
N GLN A 234 -0.31 3.61 29.49
CA GLN A 234 -0.43 4.94 28.90
C GLN A 234 -0.08 6.01 29.91
N ILE A 235 0.74 5.66 30.91
CA ILE A 235 1.05 6.57 32.00
C ILE A 235 1.92 7.70 31.50
N SER A 236 1.63 8.91 31.98
CA SER A 236 2.44 10.09 31.72
C SER A 236 2.68 10.94 32.95
N ASP A 237 1.78 10.95 33.92
CA ASP A 237 1.91 11.72 35.16
C ASP A 237 2.29 10.73 36.27
N ILE A 238 3.56 10.74 36.64
CA ILE A 238 4.07 9.85 37.68
C ILE A 238 4.23 10.58 39.01
N ALA A 239 3.51 11.69 39.20
CA ALA A 239 3.58 12.42 40.46
C ALA A 239 3.20 11.58 41.68
N PRO A 240 2.15 10.74 41.65
CA PRO A 240 1.80 9.98 42.87
C PRO A 240 2.90 9.05 43.36
N LEU A 241 3.91 8.77 42.54
CA LEU A 241 4.99 7.86 42.91
C LEU A 241 6.01 8.49 43.87
N GLU A 242 5.82 9.76 44.23
CA GLU A 242 6.80 10.47 45.06
C GLU A 242 6.80 10.00 46.50
N SER A 243 5.74 9.33 46.96
CA SER A 243 5.62 8.97 48.37
C SER A 243 6.18 7.59 48.70
N LEU A 244 6.34 6.72 47.70
CA LEU A 244 6.76 5.34 47.97
C LEU A 244 8.24 5.29 48.32
N LYS A 245 8.59 5.75 49.52
CA LYS A 245 10.00 5.77 49.94
C LYS A 245 10.56 4.38 50.17
N SER A 246 9.72 3.36 50.29
CA SER A 246 10.17 1.99 50.49
C SER A 246 10.38 1.25 49.17
N LEU A 247 10.16 1.92 48.04
CA LEU A 247 10.31 1.28 46.74
C LEU A 247 11.78 0.97 46.46
N THR A 248 12.06 -0.29 46.13
CA THR A 248 13.41 -0.73 45.78
C THR A 248 13.49 -1.36 44.40
N GLU A 249 12.40 -1.38 43.64
CA GLU A 249 12.39 -2.01 42.32
C GLU A 249 11.18 -1.46 41.55
N LEU A 250 11.44 -0.51 40.65
CA LEU A 250 10.40 0.15 39.89
C LEU A 250 10.56 -0.16 38.40
N GLN A 251 9.44 -0.42 37.73
CA GLN A 251 9.43 -0.72 36.30
C GLN A 251 8.38 0.16 35.63
N LEU A 252 8.83 1.12 34.83
CA LEU A 252 7.95 2.10 34.19
C LEU A 252 8.26 2.22 32.69
N SER A 253 8.41 1.09 32.01
CA SER A 253 8.80 1.10 30.62
C SER A 253 7.57 1.10 29.70
N ARG A 254 7.82 1.39 28.43
CA ARG A 254 6.79 1.38 27.38
C ARG A 254 5.61 2.26 27.75
N ASN A 255 5.91 3.46 28.25
CA ASN A 255 4.88 4.42 28.63
C ASN A 255 5.08 5.74 27.90
N GLN A 256 4.45 6.80 28.39
CA GLN A 256 4.54 8.12 27.79
C GLN A 256 5.08 9.12 28.80
N ILE A 257 6.17 8.78 29.47
CA ILE A 257 6.71 9.59 30.56
C ILE A 257 7.81 10.49 30.03
N SER A 258 7.74 11.77 30.38
CA SER A 258 8.76 12.75 29.99
C SER A 258 9.25 13.57 31.18
N ASP A 259 8.87 13.21 32.40
CA ASP A 259 9.26 13.95 33.59
C ASP A 259 9.45 12.93 34.72
N ILE A 260 10.70 12.60 35.02
CA ILE A 260 11.01 11.68 36.11
C ILE A 260 11.35 12.43 37.40
N ALA A 261 10.86 13.66 37.54
CA ALA A 261 11.09 14.42 38.77
C ALA A 261 10.58 13.72 40.03
N PRO A 262 9.40 13.11 40.04
CA PRO A 262 8.95 12.45 41.29
C PRO A 262 9.81 11.29 41.73
N LEU A 263 10.81 10.89 40.93
CA LEU A 263 11.68 9.78 41.29
C LEU A 263 12.93 10.24 42.06
N GLU A 264 13.09 11.55 42.27
CA GLU A 264 14.31 12.06 42.89
C GLU A 264 14.42 11.66 44.36
N SER A 265 13.34 11.23 44.99
CA SER A 265 13.33 10.95 46.42
C SER A 265 13.45 9.47 46.75
N LEU A 266 13.22 8.58 45.79
CA LEU A 266 13.22 7.14 46.06
C LEU A 266 14.66 6.62 46.12
N LYS A 267 15.36 7.07 47.16
CA LYS A 267 16.79 6.76 47.32
C LYS A 267 17.05 5.29 47.66
N SER A 268 16.01 4.49 47.87
CA SER A 268 16.17 3.07 48.17
C SER A 268 16.11 2.20 46.92
N LEU A 269 15.98 2.80 45.74
CA LEU A 269 15.87 2.04 44.51
C LEU A 269 17.21 1.41 44.13
N THR A 270 17.16 0.13 43.74
CA THR A 270 18.32 -0.57 43.22
C THR A 270 18.13 -1.08 41.78
N GLU A 271 16.90 -1.18 41.30
CA GLU A 271 16.61 -1.60 39.94
C GLU A 271 15.55 -0.65 39.37
N LEU A 272 15.96 0.22 38.46
CA LEU A 272 15.06 1.17 37.83
C LEU A 272 15.11 0.96 36.31
N GLN A 273 13.94 0.91 35.69
CA GLN A 273 13.84 0.67 34.25
C GLN A 273 12.76 1.60 33.69
N LEU A 274 13.18 2.55 32.85
CA LEU A 274 12.30 3.53 32.24
C LEU A 274 12.48 3.53 30.73
N SER A 275 12.63 2.35 30.14
CA SER A 275 12.91 2.24 28.72
C SER A 275 11.71 2.63 27.87
N SER A 276 11.99 3.04 26.64
CA SER A 276 10.99 3.38 25.62
C SER A 276 9.98 4.39 26.16
N ASN A 277 10.50 5.60 26.42
CA ASN A 277 9.66 6.71 26.84
C ASN A 277 10.03 7.97 26.06
N GLN A 278 9.83 9.13 26.68
CA GLN A 278 10.18 10.41 26.07
C GLN A 278 11.09 11.21 26.98
N ILE A 279 11.95 10.53 27.72
CA ILE A 279 12.81 11.18 28.72
C ILE A 279 13.94 11.92 28.02
N THR A 280 14.10 13.19 28.36
CA THR A 280 15.21 14.01 27.87
C THR A 280 16.12 14.48 29.01
N ASP A 281 15.54 14.80 30.17
CA ASP A 281 16.31 15.22 31.34
C ASP A 281 16.34 14.07 32.33
N ILE A 282 17.55 13.63 32.69
CA ILE A 282 17.71 12.53 33.65
C ILE A 282 18.38 13.06 34.91
N ALA A 283 18.14 14.32 35.23
CA ALA A 283 18.69 14.88 36.46
C ALA A 283 18.23 14.17 37.73
N PRO A 284 16.95 13.79 37.90
CA PRO A 284 16.56 13.12 39.14
C PRO A 284 17.34 11.84 39.44
N LEU A 285 17.86 11.16 38.41
CA LEU A 285 18.57 9.92 38.65
C LEU A 285 19.89 10.11 39.38
N ALA A 286 20.36 11.35 39.53
CA ALA A 286 21.60 11.59 40.25
C ALA A 286 21.43 11.43 41.76
N SER A 287 20.19 11.42 42.26
CA SER A 287 19.93 11.27 43.68
C SER A 287 19.79 9.82 44.10
N LEU A 288 19.58 8.90 43.16
CA LEU A 288 19.39 7.49 43.47
C LEU A 288 20.75 6.76 43.42
N LYS A 289 21.63 7.14 44.34
CA LYS A 289 22.98 6.60 44.37
C LYS A 289 23.03 5.13 44.73
N SER A 290 21.89 4.50 45.03
CA SER A 290 21.84 3.08 45.34
C SER A 290 21.44 2.23 44.13
N LEU A 291 21.40 2.83 42.94
CA LEU A 291 21.01 2.09 41.75
C LEU A 291 22.11 1.11 41.35
N THR A 292 21.69 -0.10 41.00
CA THR A 292 22.60 -1.13 40.50
C THR A 292 22.25 -1.64 39.12
N GLU A 293 21.03 -1.39 38.64
CA GLU A 293 20.59 -1.82 37.32
C GLU A 293 19.68 -0.74 36.77
N LEU A 294 20.21 0.08 35.88
CA LEU A 294 19.49 1.19 35.28
C LEU A 294 19.31 0.93 33.79
N GLN A 295 18.06 1.05 33.31
CA GLN A 295 17.73 0.79 31.91
C GLN A 295 16.95 1.99 31.37
N LEU A 296 17.55 2.73 30.42
CA LEU A 296 16.88 3.84 29.75
C LEU A 296 17.18 3.72 28.25
N SER A 297 16.41 2.88 27.57
CA SER A 297 16.61 2.63 26.15
C SER A 297 15.46 3.21 25.33
N ARG A 298 15.77 3.59 24.10
CA ARG A 298 14.80 4.15 23.16
C ARG A 298 14.10 5.39 23.72
N ASN A 299 14.89 6.30 24.29
CA ASN A 299 14.42 7.57 24.79
C ASN A 299 14.94 8.69 23.90
N GLN A 300 15.16 9.87 24.48
CA GLN A 300 15.69 11.03 23.78
C GLN A 300 16.83 11.65 24.58
N ILE A 301 17.56 10.82 25.33
CA ILE A 301 18.59 11.31 26.24
C ILE A 301 19.80 11.77 25.43
N SER A 302 20.29 12.97 25.74
CA SER A 302 21.50 13.51 25.14
C SER A 302 22.55 13.90 26.17
N ASP A 303 22.21 13.91 27.46
CA ASP A 303 23.12 14.33 28.51
C ASP A 303 23.08 13.28 29.62
N ILE A 304 24.15 12.48 29.73
CA ILE A 304 24.21 11.44 30.74
C ILE A 304 25.12 11.88 31.87
N ALA A 305 25.21 13.18 32.10
CA ALA A 305 26.03 13.70 33.19
C ALA A 305 25.54 13.29 34.57
N PRO A 306 24.24 13.27 34.89
CA PRO A 306 23.84 12.94 36.27
C PRO A 306 24.23 11.54 36.73
N LEU A 307 24.54 10.63 35.81
CA LEU A 307 24.85 9.26 36.20
C LEU A 307 26.22 9.09 36.83
N GLU A 308 26.99 10.17 37.00
CA GLU A 308 28.35 10.04 37.53
C GLU A 308 28.35 9.61 39.00
N SER A 309 27.29 9.94 39.74
CA SER A 309 27.23 9.64 41.16
C SER A 309 26.83 8.21 41.45
N LEU A 310 26.32 7.47 40.45
CA LEU A 310 25.84 6.11 40.65
C LEU A 310 27.02 5.16 40.57
N ASN A 311 27.82 5.14 41.65
CA ASN A 311 29.02 4.32 41.68
C ASN A 311 28.70 2.83 41.83
N SER A 312 27.49 2.49 42.26
CA SER A 312 27.07 1.10 42.39
C SER A 312 26.39 0.57 41.14
N LEU A 313 26.37 1.36 40.07
CA LEU A 313 25.70 0.94 38.83
C LEU A 313 26.55 -0.12 38.14
N SER A 314 25.95 -1.28 37.89
CA SER A 314 26.63 -2.38 37.21
C SER A 314 26.01 -2.74 35.86
N LYS A 315 24.70 -2.62 35.71
CA LYS A 315 24.02 -2.89 34.45
C LYS A 315 23.40 -1.59 33.95
N LEU A 316 23.85 -1.12 32.79
CA LEU A 316 23.46 0.17 32.26
C LEU A 316 23.09 0.00 30.79
N TRP A 317 21.87 0.38 30.43
CA TRP A 317 21.39 0.30 29.05
C TRP A 317 20.99 1.69 28.58
N LEU A 318 21.59 2.14 27.47
CA LEU A 318 21.35 3.47 26.92
C LEU A 318 21.19 3.44 25.41
N ASN A 319 20.61 2.37 24.88
CA ASN A 319 20.49 2.23 23.44
C ASN A 319 19.32 3.05 22.89
N GLY A 320 19.49 3.56 21.68
CA GLY A 320 18.41 4.27 21.01
C GLY A 320 18.23 5.69 21.47
N ASN A 321 19.28 6.33 21.97
CA ASN A 321 19.22 7.71 22.42
C ASN A 321 19.97 8.61 21.44
N GLN A 322 20.40 9.77 21.91
CA GLN A 322 21.14 10.74 21.12
C GLN A 322 22.43 11.13 21.82
N ILE A 323 23.13 10.12 22.36
CA ILE A 323 24.35 10.36 23.13
C ILE A 323 25.53 10.58 22.19
N THR A 324 26.25 11.69 22.40
CA THR A 324 27.48 11.98 21.67
C THR A 324 28.70 12.05 22.57
N ASP A 325 28.52 12.28 23.86
CA ASP A 325 29.63 12.35 24.82
C ASP A 325 29.40 11.32 25.91
N ILE A 326 30.29 10.33 26.01
CA ILE A 326 30.19 9.31 27.04
C ILE A 326 31.29 9.52 28.07
N ALA A 327 31.73 10.76 28.21
CA ALA A 327 32.74 11.08 29.24
C ALA A 327 32.26 10.79 30.66
N PRO A 328 31.00 11.04 31.04
CA PRO A 328 30.58 10.72 32.42
C PRO A 328 30.70 9.24 32.78
N LEU A 329 30.71 8.34 31.79
CA LEU A 329 30.75 6.91 32.09
C LEU A 329 32.09 6.46 32.68
N ALA A 330 33.12 7.30 32.62
CA ALA A 330 34.44 6.91 33.12
C ALA A 330 34.49 6.80 34.63
N SER A 331 33.57 7.45 35.34
CA SER A 331 33.53 7.41 36.80
C SER A 331 32.72 6.25 37.34
N LEU A 332 32.17 5.40 36.48
CA LEU A 332 31.33 4.27 36.90
C LEU A 332 32.14 2.99 36.88
N ASN A 333 33.09 2.91 37.80
CA ASN A 333 34.04 1.79 37.90
C ASN A 333 33.38 0.48 38.30
N SER A 334 32.06 0.39 38.44
CA SER A 334 31.38 -0.86 38.78
C SER A 334 30.56 -1.41 37.63
N LEU A 335 30.64 -0.81 36.45
CA LEU A 335 29.88 -1.31 35.31
C LEU A 335 30.45 -2.63 34.80
N THR A 336 29.56 -3.60 34.59
CA THR A 336 29.93 -4.88 34.01
C THR A 336 29.17 -5.19 32.72
N GLU A 337 28.17 -4.38 32.36
CA GLU A 337 27.38 -4.63 31.15
C GLU A 337 26.88 -3.28 30.64
N LEU A 338 27.56 -2.73 29.65
CA LEU A 338 27.17 -1.47 29.03
C LEU A 338 26.38 -1.73 27.76
N GLU A 339 25.56 -0.75 27.38
CA GLU A 339 24.71 -0.86 26.21
C GLU A 339 24.54 0.55 25.63
N LEU A 340 25.40 0.89 24.67
CA LEU A 340 25.41 2.21 24.06
C LEU A 340 25.12 2.12 22.56
N SER A 341 24.24 1.20 22.18
CA SER A 341 23.95 0.99 20.77
C SER A 341 23.00 2.06 20.25
N SER A 342 22.92 2.16 18.92
CA SER A 342 21.97 3.03 18.23
C SER A 342 22.03 4.47 18.75
N ASN A 343 23.26 4.96 18.94
CA ASN A 343 23.47 6.34 19.37
C ASN A 343 24.19 7.14 18.29
N GLN A 344 24.99 8.11 18.70
CA GLN A 344 25.79 8.93 17.80
C GLN A 344 27.19 9.10 18.35
N ILE A 345 27.72 8.03 18.95
CA ILE A 345 29.00 8.09 19.66
C ILE A 345 30.14 8.11 18.65
N THR A 346 31.07 9.05 18.82
CA THR A 346 32.27 9.14 18.00
C THR A 346 33.52 8.69 18.76
N ASP A 347 33.71 9.19 19.98
CA ASP A 347 34.86 8.83 20.81
C ASP A 347 34.48 7.72 21.77
N ILE A 348 35.42 6.79 21.98
CA ILE A 348 35.22 5.65 22.87
C ILE A 348 36.29 5.61 23.96
N ALA A 349 37.14 6.62 24.03
CA ALA A 349 38.21 6.64 25.02
C ALA A 349 37.74 6.57 26.48
N PRO A 350 36.65 7.23 26.90
CA PRO A 350 36.28 7.18 28.34
C PRO A 350 36.02 5.78 28.86
N LEU A 351 35.72 4.81 28.00
CA LEU A 351 35.44 3.45 28.44
C LEU A 351 36.70 2.67 28.81
N ALA A 352 37.88 3.28 28.70
CA ALA A 352 39.12 2.54 28.95
C ALA A 352 39.35 2.30 30.44
N SER A 353 38.79 3.14 31.31
CA SER A 353 39.00 3.01 32.74
C SER A 353 38.05 2.00 33.39
N LEU A 354 37.10 1.45 32.66
CA LEU A 354 36.13 0.51 33.21
C LEU A 354 36.67 -0.91 33.14
N LYS A 355 37.65 -1.18 34.01
CA LYS A 355 38.36 -2.46 33.99
C LYS A 355 37.45 -3.64 34.33
N SER A 356 36.26 -3.40 34.88
CA SER A 356 35.34 -4.47 35.21
C SER A 356 34.30 -4.71 34.14
N LEU A 357 34.38 -4.01 33.00
CA LEU A 357 33.42 -4.20 31.93
C LEU A 357 33.55 -5.60 31.34
N SER A 358 32.41 -6.28 31.18
CA SER A 358 32.38 -7.62 30.63
C SER A 358 31.48 -7.76 29.40
N THR A 359 30.57 -6.82 29.17
CA THR A 359 29.66 -6.87 28.05
C THR A 359 29.51 -5.46 27.48
N LEU A 360 30.01 -5.25 26.27
CA LEU A 360 29.92 -3.98 25.58
C LEU A 360 29.08 -4.15 24.32
N TRP A 361 28.11 -3.27 24.13
CA TRP A 361 27.28 -3.26 22.92
C TRP A 361 27.31 -1.85 22.35
N LEU A 362 28.16 -1.63 21.36
CA LEU A 362 28.33 -0.32 20.72
C LEU A 362 27.91 -0.37 19.26
N SER A 363 26.94 -1.21 18.93
CA SER A 363 26.51 -1.35 17.55
C SER A 363 25.75 -0.11 17.08
N SER A 364 25.85 0.17 15.79
CA SER A 364 25.17 1.28 15.14
C SER A 364 25.53 2.61 15.82
N ASN A 365 26.75 3.03 15.53
CA ASN A 365 27.28 4.30 16.05
C ASN A 365 28.15 4.93 14.96
N GLN A 366 29.06 5.81 15.37
CA GLN A 366 30.01 6.42 14.46
C GLN A 366 31.44 6.21 14.94
N ILE A 367 31.69 5.06 15.56
CA ILE A 367 33.01 4.77 16.12
C ILE A 367 34.00 4.49 14.99
N SER A 368 35.16 5.15 15.04
CA SER A 368 36.22 4.95 14.07
C SER A 368 37.47 4.35 14.68
N ASP A 369 37.76 4.64 15.95
CA ASP A 369 38.93 4.13 16.64
C ASP A 369 38.48 3.29 17.82
N ILE A 370 38.98 2.06 17.90
CA ILE A 370 38.71 1.17 19.02
C ILE A 370 39.99 0.82 19.77
N ALA A 371 41.04 1.61 19.58
CA ALA A 371 42.28 1.38 20.33
C ALA A 371 42.13 1.55 21.83
N PRO A 372 41.35 2.51 22.35
CA PRO A 372 41.18 2.59 23.81
C PRO A 372 40.54 1.35 24.42
N LEU A 373 39.90 0.50 23.62
CA LEU A 373 39.29 -0.71 24.14
C LEU A 373 40.30 -1.81 24.46
N ALA A 374 41.58 -1.60 24.16
CA ALA A 374 42.61 -2.60 24.45
C ALA A 374 42.92 -2.71 25.94
N SER A 375 42.46 -1.77 26.75
CA SER A 375 42.69 -1.79 28.19
C SER A 375 41.53 -2.44 28.95
N LEU A 376 40.57 -3.04 28.24
CA LEU A 376 39.43 -3.70 28.86
C LEU A 376 39.79 -5.17 29.06
N GLU A 377 40.57 -5.43 30.11
CA GLU A 377 41.08 -6.77 30.35
C GLU A 377 39.98 -7.77 30.67
N SER A 378 38.84 -7.31 31.18
CA SER A 378 37.73 -8.18 31.54
C SER A 378 36.65 -8.24 30.48
N LEU A 379 36.85 -7.58 29.33
CA LEU A 379 35.84 -7.57 28.28
C LEU A 379 35.74 -8.96 27.66
N SER A 380 34.52 -9.52 27.65
CA SER A 380 34.27 -10.86 27.15
C SER A 380 33.32 -10.92 25.97
N GLU A 381 32.36 -10.00 25.87
CA GLU A 381 31.42 -9.96 24.76
C GLU A 381 31.36 -8.54 24.22
N LEU A 382 31.46 -8.40 22.90
CA LEU A 382 31.54 -7.09 22.27
C LEU A 382 30.73 -7.11 20.98
N SER A 383 30.23 -5.93 20.59
CA SER A 383 29.49 -5.79 19.34
C SER A 383 29.78 -4.41 18.78
N LEU A 384 30.39 -4.37 17.61
CA LEU A 384 30.77 -3.12 16.95
C LEU A 384 30.17 -3.02 15.56
N SER A 385 29.05 -3.70 15.33
CA SER A 385 28.44 -3.71 14.01
C SER A 385 27.91 -2.34 13.63
N SER A 386 27.87 -2.08 12.32
CA SER A 386 27.36 -0.82 11.76
C SER A 386 28.11 0.37 12.35
N ASN A 387 29.40 0.43 12.04
CA ASN A 387 30.26 1.50 12.51
C ASN A 387 31.22 1.87 11.38
N GLN A 388 32.26 2.61 11.73
CA GLN A 388 33.27 3.04 10.74
C GLN A 388 34.65 2.59 11.16
N ILE A 389 34.77 1.32 11.54
CA ILE A 389 36.04 0.77 12.01
C ILE A 389 36.76 0.10 10.85
N SER A 390 38.06 0.38 10.73
CA SER A 390 38.89 -0.20 9.68
C SER A 390 40.06 -1.00 10.22
N ASP A 391 40.23 -1.08 11.53
CA ASP A 391 41.38 -1.77 12.11
C ASP A 391 40.95 -2.38 13.44
N ILE A 392 41.04 -3.71 13.54
CA ILE A 392 40.71 -4.42 14.76
C ILE A 392 41.95 -5.04 15.40
N SER A 393 43.14 -4.53 15.05
CA SER A 393 44.40 -5.03 15.59
C SER A 393 44.57 -4.75 17.08
N PRO A 394 44.25 -3.55 17.58
CA PRO A 394 44.43 -3.29 19.01
C PRO A 394 43.62 -4.21 19.92
N LEU A 395 42.53 -4.79 19.40
CA LEU A 395 41.70 -5.67 20.20
C LEU A 395 42.30 -7.06 20.41
N ALA A 396 43.44 -7.35 19.77
CA ALA A 396 44.09 -8.64 19.89
C ALA A 396 44.71 -8.87 21.27
N SER A 397 44.71 -7.87 22.15
CA SER A 397 45.23 -8.03 23.49
C SER A 397 44.20 -8.57 24.47
N LEU A 398 42.90 -8.54 24.11
CA LEU A 398 41.84 -9.02 24.98
C LEU A 398 41.83 -10.56 24.91
N ASN A 399 42.63 -11.19 25.76
CA ASN A 399 42.70 -12.65 25.78
C ASN A 399 41.49 -13.28 26.44
N SER A 400 40.54 -12.49 26.94
CA SER A 400 39.33 -13.00 27.57
C SER A 400 38.09 -12.81 26.70
N LEU A 401 38.28 -12.38 25.45
CA LEU A 401 37.14 -12.19 24.55
C LEU A 401 36.55 -13.54 24.14
N THR A 402 35.24 -13.68 24.29
CA THR A 402 34.53 -14.91 23.96
C THR A 402 33.34 -14.60 23.07
N GLY A 403 33.56 -13.78 22.03
CA GLY A 403 32.50 -13.43 21.11
C GLY A 403 32.38 -11.93 20.88
N PHE A 404 32.98 -11.43 19.81
CA PHE A 404 32.87 -10.02 19.47
C PHE A 404 32.45 -9.87 18.02
N ASP A 405 31.56 -8.91 17.77
CA ASP A 405 30.89 -8.74 16.49
C ASP A 405 31.43 -7.50 15.79
N VAL A 406 31.75 -7.63 14.50
CA VAL A 406 32.32 -6.54 13.73
C VAL A 406 31.72 -6.51 12.33
N ARG A 407 30.42 -6.76 12.23
CA ARG A 407 29.75 -6.71 10.94
C ARG A 407 29.61 -5.27 10.47
N ARG A 408 29.30 -5.13 9.18
CA ARG A 408 28.95 -3.84 8.57
C ARG A 408 29.95 -2.75 8.95
N ASN A 409 31.23 -3.08 8.87
CA ASN A 409 32.32 -2.16 9.15
C ASN A 409 33.28 -2.13 7.97
N PRO A 410 33.85 -0.96 7.67
CA PRO A 410 34.79 -0.88 6.53
C PRO A 410 36.13 -1.51 6.86
N ILE A 411 36.15 -2.82 7.06
CA ILE A 411 37.38 -3.56 7.35
C ILE A 411 37.91 -4.12 6.03
N LYS A 412 39.12 -3.72 5.66
CA LYS A 412 39.72 -4.19 4.42
C LYS A 412 40.62 -5.40 4.62
N ARG A 413 41.45 -5.39 5.67
CA ARG A 413 42.38 -6.47 5.94
C ARG A 413 42.29 -6.86 7.40
N LEU A 414 42.30 -8.17 7.66
CA LEU A 414 42.27 -8.69 9.02
C LEU A 414 43.69 -8.96 9.50
N PRO A 415 43.98 -8.73 10.78
CA PRO A 415 45.30 -9.06 11.31
C PRO A 415 45.49 -10.56 11.42
N GLU A 416 46.72 -11.02 11.18
CA GLU A 416 47.02 -12.44 11.27
C GLU A 416 46.76 -13.00 12.65
N THR A 417 46.79 -12.16 13.69
CA THR A 417 46.53 -12.60 15.05
C THR A 417 45.05 -12.88 15.31
N ILE A 418 44.17 -12.69 14.33
CA ILE A 418 42.75 -12.94 14.52
C ILE A 418 42.45 -14.43 14.66
N THR A 419 43.39 -15.29 14.29
CA THR A 419 43.24 -16.73 14.48
C THR A 419 43.77 -17.21 15.82
N GLY A 420 44.35 -16.31 16.62
CA GLY A 420 44.83 -16.67 17.94
C GLY A 420 43.83 -16.55 19.05
N PHE A 421 42.64 -16.05 18.75
CA PHE A 421 41.58 -15.97 19.74
C PHE A 421 41.01 -17.36 20.03
N ASP A 422 40.29 -17.46 21.14
CA ASP A 422 39.63 -18.70 21.51
C ASP A 422 38.26 -18.81 20.87
N MET A 423 38.10 -18.22 19.67
CA MET A 423 36.81 -18.19 19.00
C MET A 423 36.95 -18.70 17.56
N GLU A 424 35.83 -19.17 17.03
CA GLU A 424 35.73 -19.59 15.64
C GLU A 424 35.17 -18.44 14.81
N ILE A 425 35.75 -18.23 13.63
CA ILE A 425 35.35 -17.13 12.77
C ILE A 425 34.17 -17.56 11.91
N LEU A 426 33.15 -16.70 11.84
CA LEU A 426 31.95 -16.97 11.07
C LEU A 426 31.66 -15.81 10.13
N TRP A 427 30.80 -16.08 9.15
CA TRP A 427 30.32 -15.07 8.20
C TRP A 427 28.80 -15.17 8.17
N ASN A 428 28.16 -14.49 9.13
CA ASN A 428 26.71 -14.51 9.26
C ASN A 428 26.25 -13.11 9.65
N ASP A 429 24.93 -12.90 9.63
CA ASP A 429 24.34 -11.61 9.96
C ASP A 429 23.77 -11.59 11.36
N PHE A 430 24.49 -12.15 12.33
CA PHE A 430 24.12 -12.08 13.73
C PHE A 430 25.38 -12.09 14.58
N SER A 431 25.19 -12.05 15.90
CA SER A 431 26.28 -12.03 16.86
C SER A 431 26.11 -13.21 17.81
N SER A 432 26.67 -14.36 17.44
CA SER A 432 26.61 -15.55 18.29
C SER A 432 27.78 -15.54 19.26
N SER A 433 27.52 -16.04 20.47
CA SER A 433 28.55 -16.07 21.49
C SER A 433 29.65 -17.06 21.13
N GLY A 434 30.89 -16.70 21.44
CA GLY A 434 32.02 -17.54 21.12
C GLY A 434 32.39 -17.59 19.65
N PHE A 435 32.03 -16.57 18.88
CA PHE A 435 32.30 -16.55 17.45
C PHE A 435 32.63 -15.14 17.01
N ILE A 436 33.60 -15.02 16.10
CA ILE A 436 33.92 -13.76 15.45
C ILE A 436 33.06 -13.70 14.18
N THR A 437 32.11 -12.77 14.16
CA THR A 437 31.13 -12.69 13.08
C THR A 437 31.48 -11.57 12.13
N PHE A 438 31.42 -11.85 10.83
CA PHE A 438 31.63 -10.86 9.78
C PHE A 438 30.44 -10.87 8.83
N PHE A 439 30.11 -9.69 8.31
CA PHE A 439 29.06 -9.55 7.30
C PHE A 439 29.15 -8.14 6.73
N ASP A 440 28.91 -8.02 5.42
CA ASP A 440 28.93 -6.73 4.74
C ASP A 440 30.25 -6.00 4.98
N ASN A 441 31.35 -6.74 4.89
CA ASN A 441 32.69 -6.20 5.08
C ASN A 441 33.47 -6.28 3.78
N PRO A 442 34.08 -5.18 3.32
CA PRO A 442 34.89 -5.21 2.10
C PRO A 442 36.24 -5.88 2.32
N LEU A 443 36.20 -7.17 2.70
CA LEU A 443 37.41 -7.88 3.08
C LEU A 443 38.25 -8.20 1.85
N GLU A 444 39.53 -7.82 1.91
CA GLU A 444 40.49 -8.16 0.87
C GLU A 444 41.48 -9.24 1.29
N SER A 445 42.00 -9.16 2.51
CA SER A 445 42.99 -10.12 3.01
C SER A 445 42.65 -10.48 4.44
N PRO A 446 41.95 -11.61 4.67
CA PRO A 446 41.47 -12.51 3.63
C PRO A 446 40.11 -12.09 3.07
N PRO A 447 39.77 -12.56 1.86
CA PRO A 447 38.46 -12.25 1.29
C PRO A 447 37.36 -13.01 2.02
N PRO A 448 36.09 -12.60 1.84
CA PRO A 448 35.00 -13.32 2.51
C PRO A 448 34.90 -14.78 2.11
N GLU A 449 35.35 -15.15 0.90
CA GLU A 449 35.29 -16.54 0.46
C GLU A 449 36.21 -17.42 1.29
N ILE A 450 37.16 -16.82 2.02
CA ILE A 450 38.07 -17.57 2.87
C ILE A 450 37.56 -17.52 4.31
N VAL A 451 36.89 -16.42 4.65
CA VAL A 451 36.39 -16.24 6.02
C VAL A 451 35.29 -17.22 6.38
N LYS A 452 34.41 -17.56 5.43
CA LYS A 452 33.29 -18.44 5.71
C LYS A 452 33.70 -19.86 6.08
N GLN A 453 34.95 -20.25 5.84
CA GLN A 453 35.39 -21.61 6.10
C GLN A 453 36.02 -21.79 7.47
N GLY A 454 36.00 -20.75 8.30
CA GLY A 454 36.38 -20.86 9.70
C GLY A 454 37.77 -20.32 9.99
N LYS A 455 38.14 -20.43 11.27
CA LYS A 455 39.44 -19.93 11.72
C LYS A 455 40.59 -20.70 11.06
N GLU A 456 40.46 -22.03 10.97
CA GLU A 456 41.51 -22.84 10.37
C GLU A 456 41.74 -22.51 8.91
N ALA A 457 40.74 -21.90 8.25
CA ALA A 457 40.92 -21.48 6.87
C ALA A 457 41.69 -20.16 6.77
N VAL A 458 41.29 -19.18 7.60
CA VAL A 458 42.01 -17.91 7.63
C VAL A 458 43.46 -18.11 8.00
N ARG A 459 43.73 -19.10 8.88
CA ARG A 459 45.10 -19.39 9.25
C ARG A 459 45.86 -20.01 8.09
N GLN A 460 45.20 -20.85 7.29
CA GLN A 460 45.87 -21.47 6.15
C GLN A 460 46.08 -20.46 5.01
N TYR A 461 45.26 -19.43 4.94
CA TYR A 461 45.49 -18.39 3.93
C TYR A 461 46.72 -17.56 4.28
N PHE A 462 46.80 -17.10 5.53
CA PHE A 462 47.98 -16.37 5.97
C PHE A 462 49.23 -17.24 5.90
N GLN A 463 49.08 -18.55 6.04
CA GLN A 463 50.24 -19.44 5.97
C GLN A 463 50.75 -19.58 4.55
N SER A 464 49.89 -19.41 3.55
CA SER A 464 50.33 -19.52 2.16
C SER A 464 51.08 -18.26 1.72
N ILE A 465 50.58 -17.08 2.09
CA ILE A 465 51.27 -15.84 1.72
C ILE A 465 52.54 -15.68 2.54
N GLU A 466 52.60 -16.24 3.75
CA GLU A 466 53.83 -16.20 4.52
C GLU A 466 54.89 -17.12 3.92
N GLU A 467 54.48 -18.31 3.50
CA GLU A 467 55.41 -19.23 2.85
C GLU A 467 55.83 -18.74 1.47
N ALA A 468 54.95 -18.00 0.79
CA ALA A 468 55.27 -17.49 -0.53
C ALA A 468 56.30 -16.37 -0.46
N ARG A 469 56.11 -15.42 0.46
CA ARG A 469 57.06 -14.32 0.56
C ARG A 469 58.39 -14.77 1.14
N SER A 470 58.39 -15.81 1.98
CA SER A 470 59.64 -16.38 2.45
C SER A 470 60.39 -17.10 1.33
N LYS A 471 59.66 -17.71 0.40
CA LYS A 471 60.27 -18.38 -0.74
C LYS A 471 60.60 -17.43 -1.89
N GLY A 472 60.38 -16.13 -1.71
CA GLY A 472 60.70 -15.18 -2.76
C GLY A 472 59.74 -15.16 -3.91
N GLU A 473 58.53 -15.69 -3.74
CA GLU A 473 57.53 -15.72 -4.81
C GLU A 473 56.66 -14.49 -4.70
N ALA A 474 56.58 -13.71 -5.78
CA ALA A 474 55.79 -12.49 -5.77
C ALA A 474 54.30 -12.80 -5.80
N LEU A 475 53.55 -12.16 -4.91
CA LEU A 475 52.11 -12.40 -4.83
C LEU A 475 51.41 -11.91 -6.09
N VAL A 476 50.36 -12.63 -6.48
CA VAL A 476 49.63 -12.36 -7.72
C VAL A 476 48.14 -12.24 -7.40
N HIS A 477 47.47 -11.36 -8.14
CA HIS A 477 46.03 -11.19 -8.02
C HIS A 477 45.32 -12.21 -8.94
N LEU A 478 44.02 -12.03 -9.14
CA LEU A 478 43.21 -12.99 -9.88
C LEU A 478 42.85 -12.50 -11.28
N GLN A 479 42.19 -11.34 -11.38
CA GLN A 479 41.73 -10.79 -12.65
C GLN A 479 40.78 -11.77 -13.37
N GLU A 480 39.66 -12.05 -12.72
CA GLU A 480 38.64 -12.94 -13.28
C GLU A 480 37.30 -12.57 -12.68
N ILE A 481 36.32 -12.27 -13.55
CA ILE A 481 35.00 -11.84 -13.11
C ILE A 481 33.95 -12.55 -13.95
N LYS A 482 32.73 -12.59 -13.42
CA LYS A 482 31.59 -13.18 -14.09
C LYS A 482 30.64 -12.08 -14.57
N VAL A 483 30.26 -12.15 -15.84
CA VAL A 483 29.36 -11.18 -16.44
C VAL A 483 27.97 -11.79 -16.49
N HIS A 484 27.09 -11.34 -15.60
CA HIS A 484 25.72 -11.83 -15.53
C HIS A 484 24.87 -11.09 -16.56
N LEU A 485 24.41 -11.81 -17.58
CA LEU A 485 23.51 -11.25 -18.57
C LEU A 485 22.10 -11.24 -17.99
N ILE A 486 21.56 -10.03 -17.76
CA ILE A 486 20.27 -9.85 -17.12
C ILE A 486 19.33 -9.15 -18.09
N GLY A 487 18.12 -9.65 -18.20
CA GLY A 487 17.13 -9.07 -19.10
C GLY A 487 16.04 -10.06 -19.41
N ASP A 488 14.89 -9.51 -19.79
CA ASP A 488 13.71 -10.31 -20.14
C ASP A 488 13.72 -10.58 -21.64
N GLY A 489 13.95 -11.84 -22.02
CA GLY A 489 13.98 -12.22 -23.41
C GLY A 489 15.39 -12.30 -23.97
N MET A 490 15.68 -13.37 -24.71
CA MET A 490 17.00 -13.57 -25.30
C MET A 490 17.20 -12.75 -26.57
N ALA A 491 16.24 -11.90 -26.94
CA ALA A 491 16.40 -11.07 -28.12
C ALA A 491 17.54 -10.07 -27.95
N GLY A 492 17.70 -9.53 -26.75
CA GLY A 492 18.76 -8.59 -26.47
C GLY A 492 20.03 -9.25 -25.96
N LYS A 493 19.93 -10.48 -25.48
CA LYS A 493 21.10 -11.18 -24.95
C LYS A 493 22.05 -11.59 -26.07
N THR A 494 21.53 -12.30 -27.08
CA THR A 494 22.37 -12.70 -28.20
C THR A 494 22.79 -11.52 -29.06
N SER A 495 22.07 -10.39 -28.98
CA SER A 495 22.47 -9.20 -29.71
C SER A 495 23.66 -8.52 -29.06
N LEU A 496 23.81 -8.66 -27.74
CA LEU A 496 24.97 -8.08 -27.06
C LEU A 496 26.17 -9.02 -27.13
N LEU A 497 25.92 -10.33 -27.10
CA LEU A 497 26.99 -11.31 -27.27
C LEU A 497 27.60 -11.24 -28.66
N LYS A 498 26.91 -10.62 -29.61
CA LYS A 498 27.45 -10.36 -30.95
C LYS A 498 28.28 -9.08 -31.00
N GLN A 499 28.20 -8.23 -29.98
CA GLN A 499 28.99 -7.00 -29.99
C GLN A 499 30.48 -7.29 -29.84
N LEU A 500 30.83 -8.36 -29.14
CA LEU A 500 32.22 -8.79 -29.07
C LEU A 500 32.53 -9.70 -30.25
N ILE A 501 33.24 -10.80 -30.02
CA ILE A 501 33.57 -11.72 -31.11
C ILE A 501 32.31 -12.41 -31.61
N GLY A 502 31.51 -12.94 -30.71
CA GLY A 502 30.28 -13.62 -31.05
C GLY A 502 29.98 -14.74 -30.06
N GLU A 503 28.70 -15.06 -29.94
CA GLU A 503 28.26 -16.10 -29.02
C GLU A 503 28.77 -17.47 -29.45
N GLY A 514 17.98 -23.73 -20.22
CA GLY A 514 18.84 -23.02 -21.15
C GLY A 514 19.90 -22.18 -20.47
N LEU A 515 21.17 -22.54 -20.70
CA LEU A 515 22.29 -21.80 -20.13
C LEU A 515 23.52 -22.00 -21.00
N ASN A 516 24.13 -20.89 -21.40
CA ASN A 516 25.34 -20.89 -22.22
C ASN A 516 26.45 -20.18 -21.47
N VAL A 517 27.52 -20.91 -21.15
CA VAL A 517 28.65 -20.36 -20.43
C VAL A 517 29.80 -20.22 -21.42
N VAL A 518 30.11 -18.97 -21.80
CA VAL A 518 31.20 -18.67 -22.72
C VAL A 518 32.22 -17.80 -21.97
N THR A 519 33.47 -18.26 -21.95
CA THR A 519 34.55 -17.54 -21.29
C THR A 519 35.55 -17.07 -22.33
N LYS A 520 35.72 -15.76 -22.45
CA LYS A 520 36.64 -15.15 -23.40
C LYS A 520 37.44 -14.07 -22.68
N GLN A 521 38.76 -14.10 -22.86
CA GLN A 521 39.61 -13.14 -22.17
C GLN A 521 39.49 -11.75 -22.81
N ALA A 522 40.26 -10.80 -22.28
CA ALA A 522 40.10 -9.40 -22.67
C ALA A 522 40.47 -9.13 -24.12
N PRO A 523 41.60 -9.62 -24.66
CA PRO A 523 41.92 -9.32 -26.07
C PRO A 523 40.88 -9.80 -27.06
N ASN A 524 39.93 -10.63 -26.65
CA ASN A 524 38.83 -11.08 -27.51
C ASN A 524 37.56 -10.29 -27.29
N ILE A 525 37.67 -9.11 -26.67
CA ILE A 525 36.53 -8.25 -26.36
C ILE A 525 36.65 -6.99 -27.20
N LYS A 526 35.60 -6.64 -27.93
CA LYS A 526 35.60 -5.44 -28.74
C LYS A 526 35.68 -4.24 -27.80
N GLY A 527 36.90 -3.72 -27.63
CA GLY A 527 37.11 -2.59 -26.73
C GLY A 527 38.42 -2.67 -26.00
N LEU A 528 38.80 -3.87 -25.55
CA LEU A 528 40.06 -4.09 -24.84
C LEU A 528 40.97 -5.01 -25.64
N GLU A 529 41.06 -4.80 -26.95
CA GLU A 529 41.86 -5.68 -27.78
C GLU A 529 43.34 -5.59 -27.40
N ASN A 530 43.87 -4.37 -27.28
CA ASN A 530 45.24 -4.18 -26.82
C ASN A 530 45.27 -3.32 -25.57
N ASP A 531 44.57 -3.76 -24.52
CA ASP A 531 44.58 -3.07 -23.22
C ASP A 531 45.51 -3.86 -22.30
N ASP A 532 46.74 -3.36 -22.15
CA ASP A 532 47.77 -4.04 -21.36
C ASP A 532 47.48 -4.04 -19.87
N GLU A 533 46.51 -3.25 -19.39
CA GLU A 533 46.22 -3.22 -17.97
C GLU A 533 45.54 -4.49 -17.48
N LEU A 534 44.98 -5.29 -18.39
CA LEU A 534 44.28 -6.51 -18.01
C LEU A 534 44.27 -7.51 -19.17
N LYS A 535 45.41 -7.68 -19.83
CA LYS A 535 45.51 -8.61 -20.94
C LYS A 535 45.25 -10.05 -20.52
N GLU A 536 45.45 -10.38 -19.25
CA GLU A 536 45.21 -11.72 -18.73
C GLU A 536 43.86 -11.84 -18.04
N CYS A 537 43.04 -10.78 -18.06
CA CYS A 537 41.75 -10.82 -17.40
C CYS A 537 40.80 -11.77 -18.11
N LEU A 538 40.03 -12.53 -17.33
CA LEU A 538 39.08 -13.49 -17.84
C LEU A 538 37.65 -13.01 -17.54
N PHE A 539 36.77 -13.19 -18.53
CA PHE A 539 35.37 -12.82 -18.40
C PHE A 539 34.51 -14.07 -18.55
N HIS A 540 33.55 -14.25 -17.65
CA HIS A 540 32.64 -15.39 -17.66
C HIS A 540 31.23 -14.87 -17.88
N PHE A 541 30.69 -15.11 -19.08
CA PHE A 541 29.35 -14.67 -19.43
C PHE A 541 28.34 -15.77 -19.09
N TRP A 542 27.42 -15.47 -18.18
CA TRP A 542 26.37 -16.40 -17.79
C TRP A 542 25.01 -15.80 -18.13
N ASP A 543 24.03 -16.67 -18.37
CA ASP A 543 22.66 -16.25 -18.69
C ASP A 543 21.69 -17.21 -18.01
N PHE A 544 21.38 -16.94 -16.75
CA PHE A 544 20.35 -17.68 -16.03
C PHE A 544 18.99 -17.08 -16.41
N GLY A 545 18.17 -17.85 -17.11
CA GLY A 545 16.87 -17.37 -17.55
C GLY A 545 15.92 -17.08 -16.40
N GLY A 546 16.31 -16.17 -15.51
CA GLY A 546 15.52 -15.83 -14.34
C GLY A 546 15.77 -16.77 -13.17
N GLN A 547 16.10 -18.02 -13.46
CA GLN A 547 16.34 -19.03 -12.43
C GLN A 547 17.81 -18.97 -12.03
N GLU A 548 18.10 -18.26 -10.94
CA GLU A 548 19.45 -18.16 -10.40
C GLU A 548 19.73 -19.45 -9.62
N ILE A 549 20.39 -20.40 -10.27
CA ILE A 549 20.58 -21.72 -9.69
C ILE A 549 21.58 -21.68 -8.54
N MET A 550 22.53 -20.76 -8.57
CA MET A 550 23.64 -20.77 -7.63
C MET A 550 23.38 -19.96 -6.37
N HIS A 551 22.25 -19.25 -6.27
CA HIS A 551 22.04 -18.34 -5.15
C HIS A 551 21.88 -19.08 -3.83
N ALA A 552 21.36 -20.31 -3.85
CA ALA A 552 21.08 -21.01 -2.60
C ALA A 552 22.35 -21.57 -1.97
N SER A 553 23.12 -22.35 -2.73
CA SER A 553 24.31 -22.99 -2.18
C SER A 553 25.47 -22.00 -2.06
N HIS A 554 25.95 -21.48 -3.19
CA HIS A 554 27.10 -20.57 -3.20
C HIS A 554 26.60 -19.15 -3.07
N GLN A 555 26.64 -18.62 -1.84
CA GLN A 555 26.15 -17.27 -1.59
C GLN A 555 27.03 -16.19 -2.22
N PHE A 556 28.27 -16.53 -2.58
CA PHE A 556 29.19 -15.57 -3.18
C PHE A 556 29.26 -15.65 -4.69
N PHE A 557 28.51 -16.56 -5.31
CA PHE A 557 28.46 -16.60 -6.76
C PHE A 557 27.80 -15.36 -7.32
N MET A 558 26.79 -14.83 -6.62
CA MET A 558 26.06 -13.66 -7.07
C MET A 558 26.60 -12.35 -6.49
N THR A 559 27.16 -12.38 -5.29
CA THR A 559 27.60 -11.17 -4.61
C THR A 559 29.02 -10.77 -4.98
N ARG A 560 29.97 -11.69 -4.87
CA ARG A 560 31.36 -11.41 -5.14
C ARG A 560 31.78 -11.95 -6.51
N SER A 561 32.72 -11.23 -7.14
CA SER A 561 33.27 -11.62 -8.45
C SER A 561 32.18 -11.74 -9.50
N SER A 562 31.32 -10.72 -9.58
CA SER A 562 30.21 -10.73 -10.51
C SER A 562 29.93 -9.31 -11.00
N VAL A 563 29.62 -9.19 -12.29
CA VAL A 563 29.26 -7.93 -12.91
C VAL A 563 27.95 -8.14 -13.67
N TYR A 564 26.92 -7.41 -13.27
CA TYR A 564 25.59 -7.57 -13.87
C TYR A 564 25.39 -6.58 -15.01
N MET A 565 24.78 -7.05 -16.09
CA MET A 565 24.60 -6.25 -17.30
C MET A 565 23.12 -6.28 -17.69
N LEU A 566 22.44 -5.16 -17.47
CA LEU A 566 21.02 -5.06 -17.81
C LEU A 566 20.87 -4.66 -19.27
N LEU A 567 20.05 -5.42 -20.00
CA LEU A 567 19.82 -5.20 -21.42
C LEU A 567 18.41 -4.67 -21.63
N LEU A 568 18.31 -3.45 -22.16
CA LEU A 568 17.04 -2.77 -22.33
C LEU A 568 16.93 -2.23 -23.75
N ASP A 569 15.69 -2.13 -24.23
CA ASP A 569 15.40 -1.49 -25.51
C ASP A 569 14.08 -0.74 -25.38
N SER A 570 13.60 -0.19 -26.49
CA SER A 570 12.40 0.63 -26.46
C SER A 570 11.16 -0.16 -26.05
N ARG A 571 11.16 -1.47 -26.33
CA ARG A 571 10.01 -2.32 -26.01
C ARG A 571 10.05 -2.88 -24.59
N THR A 572 11.22 -3.31 -24.12
CA THR A 572 11.35 -3.94 -22.81
C THR A 572 11.60 -2.92 -21.69
N ASP A 573 11.18 -1.68 -21.87
CA ASP A 573 11.32 -0.68 -20.82
C ASP A 573 10.27 -0.82 -19.72
N SER A 574 9.17 -1.54 -20.00
CA SER A 574 8.13 -1.73 -18.99
C SER A 574 8.68 -2.51 -17.79
N ASN A 575 9.41 -3.59 -18.06
CA ASN A 575 9.99 -4.41 -17.00
C ASN A 575 11.42 -3.93 -16.70
N LYS A 576 11.51 -2.67 -16.29
CA LYS A 576 12.79 -2.03 -16.01
C LYS A 576 13.16 -2.09 -14.53
N HIS A 577 12.21 -1.80 -13.64
CA HIS A 577 12.52 -1.77 -12.21
C HIS A 577 12.48 -3.14 -11.57
N TYR A 578 11.82 -4.12 -12.19
CA TYR A 578 11.85 -5.48 -11.66
C TYR A 578 13.26 -6.05 -11.72
N TRP A 579 13.88 -5.96 -12.90
CA TRP A 579 15.24 -6.51 -13.05
C TRP A 579 16.26 -5.68 -12.29
N LEU A 580 16.07 -4.36 -12.20
CA LEU A 580 17.00 -3.54 -11.42
C LEU A 580 16.99 -3.95 -9.95
N ARG A 581 15.82 -4.26 -9.40
CA ARG A 581 15.77 -4.80 -8.05
C ARG A 581 16.18 -6.27 -8.01
N HIS A 582 15.89 -7.02 -9.07
CA HIS A 582 16.37 -8.40 -9.14
C HIS A 582 17.89 -8.46 -9.07
N ILE A 583 18.57 -7.45 -9.62
CA ILE A 583 20.03 -7.40 -9.53
C ILE A 583 20.45 -7.03 -8.11
N GLU A 584 19.74 -6.08 -7.48
CA GLU A 584 20.13 -5.61 -6.16
C GLU A 584 19.99 -6.71 -5.11
N LYS A 585 18.90 -7.47 -5.15
CA LYS A 585 18.67 -8.48 -4.13
C LYS A 585 19.58 -9.68 -4.30
N TYR A 586 19.84 -10.08 -5.55
CA TYR A 586 20.69 -11.24 -5.78
C TYR A 586 22.16 -10.86 -5.77
N GLY A 587 22.54 -9.82 -6.51
CA GLY A 587 23.93 -9.43 -6.62
C GLY A 587 24.41 -8.55 -5.48
N GLY A 588 23.67 -7.50 -5.17
CA GLY A 588 24.04 -6.61 -4.10
C GLY A 588 25.03 -5.54 -4.52
N LYS A 589 26.22 -5.54 -3.91
CA LYS A 589 27.24 -4.53 -4.17
C LYS A 589 27.99 -4.75 -5.47
N SER A 590 27.58 -5.71 -6.30
CA SER A 590 28.27 -5.96 -7.55
C SER A 590 28.03 -4.82 -8.52
N PRO A 591 29.06 -4.38 -9.25
CA PRO A 591 28.86 -3.29 -10.22
C PRO A 591 27.95 -3.73 -11.35
N VAL A 592 27.11 -2.82 -11.81
CA VAL A 592 26.14 -3.12 -12.87
C VAL A 592 26.34 -2.15 -14.02
N ILE A 593 26.09 -2.64 -15.23
CA ILE A 593 26.20 -1.85 -16.46
C ILE A 593 24.86 -1.92 -17.17
N VAL A 594 24.20 -0.77 -17.30
CA VAL A 594 22.89 -0.66 -17.92
C VAL A 594 23.10 -0.29 -19.38
N VAL A 595 22.78 -1.22 -20.28
CA VAL A 595 22.96 -1.03 -21.72
C VAL A 595 21.58 -0.93 -22.35
N MET A 596 21.30 0.23 -22.96
CA MET A 596 20.04 0.47 -23.65
C MET A 596 20.31 0.27 -25.15
N ASN A 597 19.93 -0.89 -25.66
CA ASN A 597 20.19 -1.24 -27.04
C ASN A 597 19.01 -0.87 -27.93
N LYS A 598 19.24 -0.95 -29.25
CA LYS A 598 18.22 -0.67 -30.26
C LYS A 598 17.68 0.75 -30.15
N ILE A 599 18.59 1.71 -29.98
CA ILE A 599 18.18 3.12 -29.93
C ILE A 599 18.21 3.77 -31.30
N ASP A 600 18.88 3.17 -32.28
CA ASP A 600 18.85 3.70 -33.64
C ASP A 600 17.47 3.55 -34.29
N GLU A 601 16.64 2.65 -33.78
CA GLU A 601 15.27 2.53 -34.29
C GLU A 601 14.36 3.57 -33.65
N ASN A 602 14.59 3.90 -32.39
CA ASN A 602 13.81 4.92 -31.69
C ASN A 602 14.77 5.77 -30.86
N PRO A 603 15.29 6.85 -31.43
CA PRO A 603 16.30 7.66 -30.72
C PRO A 603 15.73 8.40 -29.52
N SER A 604 14.41 8.50 -29.39
CA SER A 604 13.80 9.15 -28.24
C SER A 604 13.88 8.29 -26.98
N TYR A 605 14.40 7.07 -27.07
CA TYR A 605 14.42 6.17 -25.93
C TYR A 605 15.62 6.45 -25.05
N ASN A 606 15.36 6.79 -23.79
CA ASN A 606 16.37 6.97 -22.76
C ASN A 606 15.67 6.98 -21.42
N ILE A 607 16.38 6.55 -20.38
CA ILE A 607 15.81 6.43 -19.06
C ILE A 607 16.28 7.60 -18.20
N GLU A 608 15.72 7.71 -16.99
CA GLU A 608 16.10 8.77 -16.06
C GLU A 608 17.33 8.32 -15.28
N GLN A 609 18.49 8.50 -15.91
CA GLN A 609 19.72 7.96 -15.37
C GLN A 609 20.09 8.57 -14.02
N LYS A 610 19.61 9.77 -13.72
CA LYS A 610 19.93 10.40 -12.44
C LYS A 610 19.21 9.68 -11.29
N LYS A 611 17.88 9.56 -11.38
CA LYS A 611 17.13 8.93 -10.30
C LYS A 611 17.40 7.43 -10.22
N ILE A 612 17.73 6.79 -11.34
CA ILE A 612 18.00 5.36 -11.30
C ILE A 612 19.33 5.09 -10.62
N ASN A 613 20.35 5.90 -10.92
CA ASN A 613 21.66 5.69 -10.30
C ASN A 613 21.65 6.04 -8.82
N GLU A 614 20.86 7.04 -8.41
CA GLU A 614 20.77 7.38 -7.00
C GLU A 614 20.08 6.29 -6.20
N ARG A 615 19.12 5.58 -6.81
CA ARG A 615 18.46 4.48 -6.13
C ARG A 615 19.38 3.26 -6.04
N PHE A 616 20.06 2.92 -7.13
CA PHE A 616 21.01 1.83 -7.15
C PHE A 616 22.41 2.41 -7.35
N PRO A 617 23.14 2.73 -6.28
CA PRO A 617 24.47 3.35 -6.44
C PRO A 617 25.49 2.43 -7.09
N ALA A 618 25.21 1.14 -7.21
CA ALA A 618 26.13 0.22 -7.87
C ALA A 618 26.24 0.46 -9.37
N ILE A 619 25.35 1.28 -9.94
CA ILE A 619 25.42 1.55 -11.38
C ILE A 619 26.64 2.40 -11.70
N GLU A 620 26.92 3.42 -10.87
CA GLU A 620 28.02 4.35 -11.10
C GLU A 620 27.94 5.01 -12.47
N ASN A 621 26.72 5.33 -12.89
CA ASN A 621 26.45 6.02 -14.15
C ASN A 621 27.06 5.27 -15.34
N ARG A 622 26.92 3.96 -15.34
CA ARG A 622 27.35 3.12 -16.46
C ARG A 622 26.23 2.93 -17.48
N PHE A 623 25.65 4.03 -17.94
CA PHE A 623 24.56 3.99 -18.91
C PHE A 623 25.12 4.14 -20.31
N HIS A 624 24.60 3.33 -21.23
CA HIS A 624 25.07 3.29 -22.61
C HIS A 624 23.88 3.19 -23.54
N ARG A 625 24.05 3.71 -24.76
CA ARG A 625 23.01 3.67 -25.80
C ARG A 625 23.67 3.18 -27.09
N ILE A 626 23.43 1.93 -27.43
CA ILE A 626 24.08 1.29 -28.57
C ILE A 626 23.32 1.60 -29.85
N SER A 627 24.02 2.11 -30.85
CA SER A 627 23.43 2.36 -32.16
C SER A 627 24.43 1.98 -33.25
N CYS A 628 23.91 1.79 -34.45
CA CYS A 628 24.73 1.41 -35.60
C CYS A 628 25.41 2.63 -36.20
N VAL A 634 28.80 0.05 -29.01
CA VAL A 634 29.04 -1.26 -28.43
C VAL A 634 30.48 -1.36 -27.93
N GLU A 635 31.20 -0.23 -27.99
CA GLU A 635 32.58 -0.18 -27.56
C GLU A 635 32.79 0.63 -26.28
N SER A 636 31.82 1.46 -25.89
CA SER A 636 31.93 2.18 -24.63
C SER A 636 31.60 1.32 -23.43
N ILE A 637 30.87 0.22 -23.63
CA ILE A 637 30.60 -0.70 -22.53
C ILE A 637 31.89 -1.37 -22.07
N ALA A 638 32.84 -1.53 -22.99
CA ALA A 638 34.13 -2.11 -22.63
C ALA A 638 34.87 -1.28 -21.60
N LYS A 639 34.70 0.05 -21.65
CA LYS A 639 35.30 0.89 -20.62
C LYS A 639 34.59 0.71 -19.29
N SER A 640 33.29 0.41 -19.32
CA SER A 640 32.55 0.14 -18.09
C SER A 640 32.85 -1.26 -17.55
N LEU A 641 33.10 -2.23 -18.42
CA LEU A 641 33.51 -3.55 -17.97
C LEU A 641 34.87 -3.49 -17.29
N LYS A 642 35.76 -2.65 -17.78
CA LYS A 642 37.07 -2.49 -17.14
C LYS A 642 36.91 -1.89 -15.75
N SER A 643 36.09 -0.84 -15.63
CA SER A 643 35.86 -0.20 -14.34
C SER A 643 35.14 -1.11 -13.35
N ALA A 644 34.60 -2.24 -13.80
CA ALA A 644 33.92 -3.19 -12.93
C ALA A 644 34.83 -4.33 -12.49
N VAL A 645 35.76 -4.76 -13.34
CA VAL A 645 36.71 -5.79 -12.95
C VAL A 645 37.82 -5.19 -12.10
N LEU A 646 38.30 -4.00 -12.47
CA LEU A 646 39.34 -3.30 -11.71
C LEU A 646 38.80 -2.62 -10.46
N HIS A 647 37.64 -3.04 -9.99
CA HIS A 647 37.05 -2.45 -8.80
C HIS A 647 37.85 -2.84 -7.56
N PRO A 648 38.10 -1.90 -6.64
CA PRO A 648 38.88 -2.25 -5.44
C PRO A 648 38.20 -3.29 -4.57
N ASP A 649 36.87 -3.28 -4.50
CA ASP A 649 36.15 -4.28 -3.70
C ASP A 649 36.17 -5.66 -4.34
N SER A 650 36.48 -5.75 -5.62
CA SER A 650 36.48 -7.03 -6.33
C SER A 650 37.67 -7.88 -5.87
N ILE A 651 37.85 -9.03 -6.53
CA ILE A 651 38.92 -9.96 -6.16
C ILE A 651 40.30 -9.43 -6.53
N TYR A 652 40.38 -8.32 -7.25
CA TYR A 652 41.70 -7.74 -7.56
C TYR A 652 42.43 -7.34 -6.29
N GLY A 653 41.72 -6.92 -5.25
CA GLY A 653 42.36 -6.57 -4.00
C GLY A 653 42.81 -7.72 -3.14
N THR A 654 42.47 -8.95 -3.51
CA THR A 654 42.85 -10.12 -2.74
C THR A 654 44.21 -10.64 -3.22
N PRO A 655 45.24 -10.64 -2.37
CA PRO A 655 46.53 -11.22 -2.77
C PRO A 655 46.52 -12.74 -2.62
N LEU A 656 46.85 -13.44 -3.69
CA LEU A 656 46.90 -14.90 -3.69
C LEU A 656 48.35 -15.37 -3.81
N ALA A 657 48.62 -16.53 -3.21
CA ALA A 657 49.92 -17.15 -3.39
C ALA A 657 50.07 -17.63 -4.83
N PRO A 658 51.27 -17.56 -5.40
CA PRO A 658 51.44 -17.96 -6.80
C PRO A 658 51.11 -19.42 -7.06
N SER A 659 51.21 -20.28 -6.04
CA SER A 659 50.86 -21.68 -6.23
C SER A 659 49.36 -21.89 -6.32
N TRP A 660 48.56 -21.00 -5.70
CA TRP A 660 47.12 -21.13 -5.78
C TRP A 660 46.60 -20.84 -7.18
N ILE A 661 47.27 -19.95 -7.92
CA ILE A 661 46.87 -19.68 -9.30
C ILE A 661 47.34 -20.79 -10.23
N LYS A 662 48.45 -21.47 -9.90
CA LYS A 662 48.92 -22.56 -10.74
C LYS A 662 47.94 -23.73 -10.73
N VAL A 663 47.47 -24.11 -9.53
CA VAL A 663 46.50 -25.20 -9.45
C VAL A 663 45.14 -24.76 -9.95
N LYS A 664 44.84 -23.46 -9.89
CA LYS A 664 43.57 -22.97 -10.42
C LYS A 664 43.51 -23.14 -11.93
N GLU A 665 44.53 -22.64 -12.64
CA GLU A 665 44.57 -22.80 -14.09
C GLU A 665 44.70 -24.26 -14.49
N LYS A 666 45.27 -25.09 -13.63
CA LYS A 666 45.40 -26.52 -13.93
C LYS A 666 44.09 -27.25 -13.69
N LEU A 667 43.32 -26.85 -12.66
CA LEU A 667 42.04 -27.49 -12.41
C LEU A 667 41.00 -27.11 -13.46
N VAL A 668 40.97 -25.84 -13.87
CA VAL A 668 40.05 -25.42 -14.91
C VAL A 668 40.41 -26.08 -16.24
N GLU A 669 41.71 -26.26 -16.50
CA GLU A 669 42.13 -26.94 -17.72
C GLU A 669 41.68 -28.39 -17.74
N ALA A 670 41.80 -29.08 -16.61
CA ALA A 670 41.47 -30.51 -16.57
C ALA A 670 39.97 -30.75 -16.46
N THR A 671 39.24 -29.86 -15.78
CA THR A 671 37.80 -30.03 -15.66
C THR A 671 37.09 -29.77 -16.99
N THR A 672 37.55 -28.76 -17.73
CA THR A 672 36.96 -28.46 -19.03
C THR A 672 37.21 -29.55 -20.06
N ALA A 673 38.14 -30.47 -19.80
CA ALA A 673 38.42 -31.55 -20.73
C ALA A 673 37.95 -32.92 -20.25
N GLN A 674 37.80 -33.11 -18.93
CA GLN A 674 37.37 -34.39 -18.38
C GLN A 674 36.12 -34.26 -17.52
N ARG A 675 35.32 -33.22 -17.75
CA ARG A 675 34.11 -32.95 -16.98
C ARG A 675 34.44 -32.77 -15.50
N TYR A 676 34.51 -33.87 -14.75
CA TYR A 676 34.86 -33.83 -13.34
C TYR A 676 36.22 -34.47 -13.11
N LEU A 677 36.80 -34.17 -11.94
CA LEU A 677 38.09 -34.71 -11.54
C LEU A 677 37.92 -35.49 -10.24
N ASN A 678 38.70 -36.58 -10.10
CA ASN A 678 38.63 -37.41 -8.92
C ASN A 678 39.62 -36.89 -7.87
N ARG A 679 39.62 -37.55 -6.70
CA ARG A 679 40.41 -37.06 -5.58
C ARG A 679 41.91 -37.21 -5.83
N THR A 680 42.33 -38.33 -6.40
CA THR A 680 43.75 -38.53 -6.69
C THR A 680 44.24 -37.54 -7.74
N GLU A 681 43.39 -37.19 -8.71
CA GLU A 681 43.80 -36.24 -9.74
C GLU A 681 44.04 -34.85 -9.17
N VAL A 682 43.13 -34.37 -8.32
CA VAL A 682 43.29 -33.02 -7.78
C VAL A 682 44.44 -32.97 -6.76
N GLU A 683 44.64 -34.03 -6.00
CA GLU A 683 45.76 -34.06 -5.06
C GLU A 683 47.09 -34.12 -5.79
N LYS A 684 47.14 -34.87 -6.89
CA LYS A 684 48.34 -34.88 -7.71
C LYS A 684 48.61 -33.52 -8.35
N ILE A 685 47.56 -32.73 -8.55
CA ILE A 685 47.73 -31.38 -9.08
C ILE A 685 48.27 -30.44 -8.00
N CYS A 686 47.78 -30.58 -6.77
CA CYS A 686 48.25 -29.71 -5.69
C CYS A 686 49.70 -30.03 -5.32
N ASN A 687 50.07 -31.31 -5.35
CA ASN A 687 51.45 -31.68 -5.03
C ASN A 687 52.42 -31.23 -6.13
N ASP A 688 51.94 -31.09 -7.36
CA ASP A 688 52.78 -30.58 -8.44
C ASP A 688 53.04 -29.08 -8.32
N SER A 689 52.48 -28.42 -7.31
CA SER A 689 52.71 -27.00 -7.08
C SER A 689 53.16 -26.71 -5.65
N GLY A 690 53.53 -27.74 -4.88
CA GLY A 690 54.00 -27.55 -3.52
C GLY A 690 52.92 -27.55 -2.46
N ILE A 691 51.65 -27.58 -2.84
CA ILE A 691 50.55 -27.57 -1.87
C ILE A 691 50.40 -28.96 -1.27
N THR A 692 51.12 -29.21 -0.18
CA THR A 692 51.14 -30.50 0.48
C THR A 692 50.20 -30.58 1.68
N ASP A 693 50.10 -29.51 2.45
CA ASP A 693 49.22 -29.49 3.62
C ASP A 693 47.77 -29.63 3.20
N PRO A 694 47.03 -30.63 3.69
CA PRO A 694 45.59 -30.70 3.39
C PRO A 694 44.81 -29.49 3.88
N GLY A 695 45.35 -28.73 4.84
CA GLY A 695 44.68 -27.53 5.27
C GLY A 695 44.58 -26.48 4.17
N GLU A 696 45.65 -26.37 3.36
CA GLU A 696 45.61 -25.44 2.24
C GLU A 696 44.67 -25.95 1.15
N ARG A 697 44.81 -27.21 0.76
CA ARG A 697 44.02 -27.74 -0.36
C ARG A 697 42.54 -27.78 -0.05
N LYS A 698 42.18 -28.01 1.22
CA LYS A 698 40.77 -28.02 1.59
C LYS A 698 40.18 -26.60 1.58
N THR A 699 40.97 -25.61 2.01
CA THR A 699 40.50 -24.24 2.03
C THR A 699 40.76 -23.50 0.73
N LEU A 700 41.52 -24.08 -0.19
CA LEU A 700 41.69 -23.51 -1.52
C LEU A 700 40.60 -24.00 -2.47
N LEU A 701 40.25 -25.28 -2.42
CA LEU A 701 39.11 -25.77 -3.18
C LEU A 701 37.82 -25.10 -2.73
N GLY A 702 37.71 -24.80 -1.43
CA GLY A 702 36.58 -24.03 -0.95
C GLY A 702 36.58 -22.60 -1.45
N TYR A 703 37.77 -22.02 -1.60
CA TYR A 703 37.88 -20.66 -2.14
C TYR A 703 37.43 -20.63 -3.61
N LEU A 704 37.90 -21.58 -4.41
CA LEU A 704 37.48 -21.65 -5.80
C LEU A 704 36.02 -22.03 -5.94
N ASN A 705 35.47 -22.75 -4.96
CA ASN A 705 34.07 -23.14 -5.01
C ASN A 705 33.15 -21.94 -4.75
N ASN A 706 33.53 -21.07 -3.80
CA ASN A 706 32.70 -19.92 -3.50
C ASN A 706 32.72 -18.89 -4.63
N LEU A 707 33.79 -18.85 -5.42
CA LEU A 707 33.87 -17.91 -6.53
C LEU A 707 33.16 -18.42 -7.78
N GLY A 708 32.85 -19.70 -7.86
CA GLY A 708 32.22 -20.26 -9.04
C GLY A 708 33.17 -20.61 -10.15
N ILE A 709 34.48 -20.56 -9.90
CA ILE A 709 35.45 -20.93 -10.93
C ILE A 709 35.52 -22.45 -11.08
N VAL A 710 35.54 -23.15 -9.96
CA VAL A 710 35.60 -24.61 -9.93
C VAL A 710 34.74 -25.11 -8.77
N LEU A 711 33.80 -26.01 -9.07
CA LEU A 711 32.85 -26.46 -8.07
C LEU A 711 33.43 -27.60 -7.24
N TYR A 712 33.21 -27.54 -5.92
CA TYR A 712 33.69 -28.57 -5.01
C TYR A 712 32.71 -28.67 -3.84
N PHE A 713 32.05 -29.81 -3.72
CA PHE A 713 31.07 -30.04 -2.66
C PHE A 713 31.73 -30.91 -1.59
N GLU A 714 32.09 -30.29 -0.46
CA GLU A 714 32.73 -31.03 0.63
C GLU A 714 31.75 -31.90 1.39
N ALA A 715 30.45 -31.61 1.31
CA ALA A 715 29.44 -32.38 2.03
C ALA A 715 29.10 -33.71 1.36
N LEU A 716 29.77 -34.07 0.27
CA LEU A 716 29.51 -35.31 -0.43
C LEU A 716 30.66 -36.31 -0.30
N ASP A 717 31.88 -35.88 -0.60
CA ASP A 717 33.09 -36.69 -0.43
C ASP A 717 33.00 -38.02 -1.20
N LEU A 718 32.79 -37.88 -2.52
CA LEU A 718 32.88 -39.01 -3.43
C LEU A 718 34.22 -38.90 -4.15
N SER A 719 35.15 -39.80 -3.80
CA SER A 719 36.51 -39.68 -4.31
C SER A 719 36.58 -39.83 -5.82
N GLU A 720 35.58 -40.47 -6.44
CA GLU A 720 35.56 -40.55 -7.90
C GLU A 720 35.14 -39.22 -8.52
N ILE A 721 34.31 -38.45 -7.82
CA ILE A 721 33.87 -37.14 -8.31
C ILE A 721 34.18 -36.10 -7.24
N TYR A 722 35.42 -35.62 -7.23
CA TYR A 722 35.87 -34.67 -6.21
C TYR A 722 35.70 -33.22 -6.66
N VAL A 723 36.29 -32.88 -7.80
CA VAL A 723 36.23 -31.53 -8.37
C VAL A 723 35.48 -31.60 -9.69
N LEU A 724 34.57 -30.64 -9.90
CA LEU A 724 33.67 -30.64 -11.05
C LEU A 724 33.79 -29.35 -11.83
N ASP A 725 33.46 -29.44 -13.12
CA ASP A 725 33.42 -28.26 -13.99
C ASP A 725 32.08 -27.55 -13.83
N PRO A 726 32.07 -26.23 -13.61
CA PRO A 726 30.79 -25.52 -13.50
C PRO A 726 29.94 -25.60 -14.76
N HIS A 727 30.57 -25.63 -15.94
CA HIS A 727 29.80 -25.75 -17.18
C HIS A 727 29.11 -27.09 -17.29
N TRP A 728 29.66 -28.13 -16.69
CA TRP A 728 29.08 -29.47 -16.80
C TRP A 728 27.94 -29.66 -15.82
N VAL A 729 28.06 -29.11 -14.61
CA VAL A 729 27.04 -29.28 -13.60
C VAL A 729 25.81 -28.46 -13.94
N THR A 730 26.01 -27.19 -14.29
CA THR A 730 24.87 -26.30 -14.58
C THR A 730 24.07 -26.80 -15.78
N ILE A 731 24.75 -27.31 -16.80
CA ILE A 731 24.04 -27.92 -17.93
C ILE A 731 23.30 -29.16 -17.47
N GLY A 732 23.90 -29.94 -16.58
CA GLY A 732 23.24 -31.14 -16.09
C GLY A 732 22.00 -30.84 -15.27
N VAL A 733 22.04 -29.79 -14.47
CA VAL A 733 20.86 -29.46 -13.66
C VAL A 733 19.82 -28.70 -14.48
N TYR A 734 20.25 -27.93 -15.48
CA TYR A 734 19.30 -27.20 -16.31
C TYR A 734 18.50 -28.15 -17.19
N ARG A 735 19.08 -29.31 -17.54
CA ARG A 735 18.34 -30.28 -18.34
C ARG A 735 17.32 -31.03 -17.51
N ILE A 736 17.55 -31.16 -16.20
CA ILE A 736 16.59 -31.81 -15.34
C ILE A 736 15.44 -30.86 -14.99
N ILE A 737 15.73 -29.56 -14.93
CA ILE A 737 14.69 -28.59 -14.60
C ILE A 737 13.77 -28.34 -15.80
N ASN A 738 14.35 -28.30 -17.00
CA ASN A 738 13.54 -28.07 -18.20
C ASN A 738 13.37 -29.34 -19.02
N SER A 739 12.97 -30.42 -18.35
CA SER A 739 12.74 -31.69 -19.02
C SER A 739 11.25 -31.99 -19.09
N SER A 740 10.89 -32.86 -20.04
CA SER A 740 9.49 -33.26 -20.19
C SER A 740 9.02 -34.04 -18.97
N LYS A 741 9.87 -34.90 -18.42
CA LYS A 741 9.48 -35.71 -17.27
C LYS A 741 9.39 -34.92 -15.97
N THR A 742 9.79 -33.64 -15.98
CA THR A 742 9.68 -32.78 -14.82
C THR A 742 8.77 -31.59 -15.07
N LYS A 743 7.86 -31.71 -16.04
CA LYS A 743 6.96 -30.59 -16.37
C LYS A 743 5.95 -30.32 -15.27
N ASN A 744 5.72 -31.26 -14.36
CA ASN A 744 4.76 -31.10 -13.28
C ASN A 744 5.41 -31.01 -11.91
N GLY A 745 6.74 -30.97 -11.85
CA GLY A 745 7.44 -30.90 -10.58
C GLY A 745 7.81 -32.23 -9.97
N HIS A 746 7.33 -33.33 -10.54
CA HIS A 746 7.66 -34.67 -10.05
C HIS A 746 8.80 -35.25 -10.89
N LEU A 747 9.74 -35.91 -10.21
CA LEU A 747 10.91 -36.48 -10.87
C LEU A 747 11.09 -37.91 -10.38
N ASN A 748 11.12 -38.85 -11.31
CA ASN A 748 11.32 -40.26 -11.01
C ASN A 748 12.78 -40.63 -11.29
N THR A 749 13.42 -41.25 -10.30
CA THR A 749 14.82 -41.64 -10.46
C THR A 749 15.00 -42.61 -11.62
N SER A 750 14.02 -43.48 -11.85
CA SER A 750 14.07 -44.44 -12.97
C SER A 750 13.70 -43.80 -14.30
N ALA A 751 14.21 -42.61 -14.58
CA ALA A 751 13.92 -41.90 -15.82
C ALA A 751 15.03 -40.91 -16.14
N LEU A 752 16.04 -40.83 -15.26
CA LEU A 752 17.11 -39.87 -15.42
C LEU A 752 17.93 -40.12 -16.69
N GLY A 753 17.96 -41.37 -17.18
CA GLY A 753 18.67 -41.65 -18.41
C GLY A 753 18.07 -40.90 -19.59
N TYR A 754 16.75 -40.84 -19.67
CA TYR A 754 16.08 -40.08 -20.73
C TYR A 754 16.35 -38.59 -20.59
N ILE A 755 16.50 -38.11 -19.36
CA ILE A 755 16.70 -36.67 -19.13
C ILE A 755 18.08 -36.24 -19.64
N LEU A 756 19.13 -36.82 -19.07
CA LEU A 756 20.50 -36.35 -19.32
C LEU A 756 21.12 -36.88 -20.61
N ASN A 757 20.53 -37.89 -21.26
CA ASN A 757 21.21 -38.54 -22.37
C ASN A 757 20.49 -38.48 -23.70
N GLU A 758 19.16 -38.32 -23.72
CA GLU A 758 18.42 -38.45 -24.98
C GLU A 758 17.13 -37.63 -24.88
N GLU A 759 17.15 -36.43 -25.44
CA GLU A 759 15.95 -35.60 -25.55
C GLU A 759 16.17 -34.56 -26.63
N GLN A 760 15.06 -34.10 -27.22
CA GLN A 760 15.11 -33.08 -28.27
C GLN A 760 15.13 -31.68 -27.66
N LYS A 773 26.42 -34.64 -27.14
CA LYS A 773 27.52 -33.82 -26.63
C LYS A 773 28.13 -34.44 -25.38
N PHE A 774 27.46 -34.25 -24.25
CA PHE A 774 27.92 -34.78 -22.97
C PHE A 774 27.35 -36.17 -22.73
N THR A 775 27.98 -36.88 -21.79
CA THR A 775 27.54 -38.22 -21.39
C THR A 775 27.37 -38.25 -19.88
N TYR A 776 26.35 -38.98 -19.42
CA TYR A 776 26.00 -39.03 -18.00
C TYR A 776 25.80 -40.48 -17.59
N THR A 777 26.75 -41.03 -16.86
CA THR A 777 26.65 -42.40 -16.36
C THR A 777 25.66 -42.47 -15.20
N LEU A 778 25.49 -43.67 -14.65
CA LEU A 778 24.51 -43.84 -13.57
C LEU A 778 24.97 -43.17 -12.29
N LEU A 779 26.27 -43.19 -12.00
CA LEU A 779 26.77 -42.54 -10.79
C LEU A 779 26.76 -41.02 -10.92
N GLU A 780 26.96 -40.50 -12.13
CA GLU A 780 26.85 -39.07 -12.36
C GLU A 780 25.43 -38.57 -12.14
N GLN A 781 24.43 -39.41 -12.40
CA GLN A 781 23.04 -39.02 -12.11
C GLN A 781 22.80 -38.92 -10.62
N ARG A 782 23.32 -39.86 -9.83
CA ARG A 782 23.16 -39.79 -8.39
C ARG A 782 23.87 -38.58 -7.80
N TYR A 783 24.93 -38.10 -8.46
CA TYR A 783 25.63 -36.92 -7.97
C TYR A 783 24.87 -35.65 -8.32
N LEU A 784 24.23 -35.59 -9.49
CA LEU A 784 23.48 -34.40 -9.87
C LEU A 784 22.25 -34.20 -8.99
N LEU A 785 21.62 -35.29 -8.53
CA LEU A 785 20.51 -35.14 -7.60
C LEU A 785 20.99 -34.64 -6.25
N ASP A 786 22.18 -35.07 -5.82
CA ASP A 786 22.76 -34.53 -4.60
C ASP A 786 23.17 -33.07 -4.77
N ILE A 787 23.56 -32.69 -5.98
CA ILE A 787 23.89 -31.29 -6.25
C ILE A 787 22.63 -30.44 -6.26
N MET A 788 21.58 -30.91 -6.94
CA MET A 788 20.31 -30.20 -6.94
C MET A 788 19.72 -30.12 -5.53
N LYS A 789 19.84 -31.20 -4.76
CA LYS A 789 19.42 -31.15 -3.37
C LYS A 789 20.27 -30.15 -2.58
N GLN A 790 21.54 -30.01 -2.94
CA GLN A 790 22.38 -29.01 -2.30
C GLN A 790 22.03 -27.60 -2.80
N PHE A 791 21.64 -27.47 -4.06
CA PHE A 791 21.23 -26.18 -4.60
C PHE A 791 19.86 -25.74 -4.10
N GLU A 792 19.24 -26.51 -3.22
CA GLU A 792 17.91 -26.19 -2.68
C GLU A 792 16.90 -25.97 -3.80
N LEU A 793 16.93 -26.86 -4.80
CA LEU A 793 15.99 -26.85 -5.90
C LEU A 793 14.99 -27.99 -5.85
N CYS A 794 15.28 -29.06 -5.09
CA CYS A 794 14.41 -30.21 -4.99
C CYS A 794 14.67 -30.90 -3.66
N TYR A 795 13.82 -31.88 -3.35
CA TYR A 795 14.01 -32.68 -2.15
C TYR A 795 13.54 -34.10 -2.44
N ASP A 796 14.04 -35.05 -1.66
CA ASP A 796 13.70 -36.45 -1.81
C ASP A 796 12.50 -36.79 -0.95
N GLU A 797 11.50 -37.44 -1.56
CA GLU A 797 10.30 -37.86 -0.84
C GLU A 797 10.30 -39.34 -0.49
N GLY A 798 11.09 -40.15 -1.21
CA GLY A 798 11.16 -41.58 -0.92
C GLY A 798 10.85 -42.40 -2.15
N LYS A 799 11.46 -43.59 -2.23
CA LYS A 799 11.26 -44.50 -3.35
C LYS A 799 11.55 -43.82 -4.69
N GLY A 800 12.65 -43.10 -4.75
CA GLY A 800 13.06 -42.45 -5.99
C GLY A 800 12.06 -41.43 -6.50
N LEU A 801 11.51 -40.62 -5.61
CA LEU A 801 10.51 -39.61 -5.96
C LEU A 801 11.00 -38.26 -5.46
N PHE A 802 11.33 -37.35 -6.38
CA PHE A 802 11.77 -36.01 -6.05
C PHE A 802 10.72 -34.99 -6.46
N ILE A 803 10.67 -33.88 -5.72
CA ILE A 803 9.72 -32.80 -5.97
C ILE A 803 10.51 -31.54 -6.28
N ILE A 804 10.34 -31.03 -7.50
CA ILE A 804 10.91 -29.75 -7.90
C ILE A 804 9.87 -28.65 -7.67
N PRO A 805 9.95 -27.92 -6.56
CA PRO A 805 8.89 -26.94 -6.27
C PRO A 805 8.80 -25.81 -7.28
N SER A 806 9.85 -25.56 -8.06
CA SER A 806 9.81 -24.53 -9.09
C SER A 806 9.07 -24.98 -10.34
N ASN A 807 8.83 -26.28 -10.49
CA ASN A 807 8.15 -26.82 -11.65
C ASN A 807 6.74 -27.29 -11.35
N LEU A 808 6.27 -27.08 -10.12
CA LEU A 808 4.93 -27.52 -9.73
C LEU A 808 3.87 -26.67 -10.44
N PRO A 809 2.66 -27.20 -10.58
CA PRO A 809 1.57 -26.42 -11.18
C PRO A 809 1.00 -25.40 -10.23
N THR A 810 -0.22 -24.92 -10.52
CA THR A 810 -0.92 -23.93 -9.69
C THR A 810 -2.39 -24.35 -9.67
N GLN A 811 -2.69 -25.35 -8.86
CA GLN A 811 -4.00 -25.99 -8.81
C GLN A 811 -4.91 -25.31 -7.80
N ILE A 812 -6.03 -25.95 -7.50
CA ILE A 812 -6.96 -25.49 -6.47
C ILE A 812 -7.67 -26.70 -5.88
N ASP A 813 -8.06 -26.58 -4.61
CA ASP A 813 -8.62 -27.70 -3.83
C ASP A 813 -7.71 -28.93 -3.88
N ILE A 818 -11.12 -21.58 1.56
CA ILE A 818 -9.87 -21.23 2.23
C ILE A 818 -9.87 -21.77 3.66
N THR A 819 -9.73 -20.87 4.62
CA THR A 819 -9.71 -21.23 6.04
C THR A 819 -10.90 -20.61 6.75
N GLU A 820 -11.44 -21.34 7.72
CA GLU A 820 -12.60 -20.89 8.49
C GLU A 820 -12.43 -21.28 9.95
N GLY A 821 -12.94 -20.43 10.83
CA GLY A 821 -12.82 -20.65 12.26
C GLY A 821 -12.28 -19.44 13.00
N GLU A 822 -11.06 -19.56 13.51
CA GLU A 822 -10.36 -18.46 14.18
C GLU A 822 -9.11 -18.14 13.36
N PRO A 823 -9.25 -17.39 12.27
CA PRO A 823 -8.13 -17.18 11.35
C PRO A 823 -7.07 -16.28 11.95
N LEU A 824 -5.88 -16.31 11.32
CA LEU A 824 -4.75 -15.47 11.69
C LEU A 824 -4.01 -15.14 10.39
N ARG A 825 -4.50 -14.11 9.69
CA ARG A 825 -3.86 -13.66 8.47
C ARG A 825 -2.63 -12.84 8.78
N PHE A 826 -1.60 -12.97 7.94
CA PHE A 826 -0.35 -12.26 8.12
C PHE A 826 0.27 -12.08 6.74
N ILE A 827 0.54 -10.84 6.37
CA ILE A 827 1.03 -10.51 5.04
C ILE A 827 2.43 -9.90 5.16
N MET A 828 3.32 -10.30 4.26
CA MET A 828 4.69 -9.79 4.19
C MET A 828 4.87 -9.15 2.82
N LYS A 829 4.92 -7.82 2.78
CA LYS A 829 5.00 -7.09 1.52
C LYS A 829 6.46 -6.92 1.13
N TYR A 830 6.90 -7.67 0.13
CA TYR A 830 8.25 -7.49 -0.40
C TYR A 830 8.27 -6.35 -1.42
N ASP A 831 9.41 -5.67 -1.48
CA ASP A 831 9.65 -4.77 -2.60
C ASP A 831 10.03 -5.55 -3.85
N TYR A 832 10.75 -6.65 -3.67
CA TYR A 832 11.01 -7.62 -4.72
C TYR A 832 10.81 -9.00 -4.12
N LEU A 833 9.87 -9.77 -4.68
CA LEU A 833 9.58 -11.11 -4.18
C LEU A 833 10.38 -12.13 -4.96
N PRO A 834 11.38 -12.78 -4.36
CA PRO A 834 12.13 -13.80 -5.09
C PRO A 834 11.29 -15.03 -5.36
N SER A 835 11.43 -15.59 -6.56
CA SER A 835 10.66 -16.76 -6.96
C SER A 835 11.10 -18.04 -6.25
N THR A 836 12.19 -17.99 -5.48
CA THR A 836 12.67 -19.15 -4.73
C THR A 836 12.33 -19.07 -3.25
N ILE A 837 11.53 -18.09 -2.83
CA ILE A 837 11.21 -17.95 -1.41
C ILE A 837 10.24 -19.03 -0.97
N ILE A 838 9.33 -19.43 -1.85
CA ILE A 838 8.36 -20.48 -1.53
C ILE A 838 9.00 -21.86 -1.76
N PRO A 839 9.69 -22.10 -2.89
CA PRO A 839 10.34 -23.42 -3.04
C PRO A 839 11.34 -23.73 -1.94
N ARG A 840 12.17 -22.77 -1.55
CA ARG A 840 13.16 -23.03 -0.50
C ARG A 840 12.52 -23.15 0.87
N LEU A 841 11.31 -22.62 1.06
CA LEU A 841 10.58 -22.88 2.30
C LEU A 841 9.96 -24.26 2.29
N MET A 842 9.48 -24.72 1.13
CA MET A 842 8.88 -26.04 1.02
C MET A 842 9.89 -27.14 1.32
N ILE A 843 11.17 -26.90 1.02
CA ILE A 843 12.19 -27.88 1.34
C ILE A 843 12.55 -27.83 2.82
N ALA A 844 12.45 -26.65 3.45
CA ALA A 844 12.75 -26.52 4.86
C ALA A 844 11.66 -27.09 5.75
N MET A 845 10.42 -27.16 5.27
CA MET A 845 9.30 -27.70 6.03
C MET A 845 8.67 -28.87 5.29
N GLN A 846 9.50 -29.75 4.72
CA GLN A 846 8.98 -30.83 3.90
C GLN A 846 8.26 -31.88 4.74
N HIS A 847 8.71 -32.12 5.98
CA HIS A 847 8.10 -33.11 6.84
C HIS A 847 6.92 -32.54 7.63
N GLN A 848 6.37 -31.42 7.19
CA GLN A 848 5.20 -30.82 7.81
C GLN A 848 4.09 -30.51 6.82
N ILE A 849 4.28 -30.83 5.53
CA ILE A 849 3.28 -30.55 4.52
C ILE A 849 2.08 -31.47 4.71
N LEU A 850 0.90 -30.96 4.39
CA LEU A 850 -0.35 -31.72 4.51
C LEU A 850 -0.48 -32.57 3.24
N ASP A 851 0.14 -33.74 3.28
CA ASP A 851 0.17 -34.72 2.20
C ASP A 851 0.39 -34.09 0.82
N ARG A 852 -0.41 -34.49 -0.15
CA ARG A 852 -0.29 -33.97 -1.52
C ARG A 852 -1.09 -32.68 -1.70
N MET A 853 -0.71 -31.67 -0.92
CA MET A 853 -1.30 -30.33 -1.03
C MET A 853 -0.16 -29.32 -1.10
N GLN A 854 0.58 -29.35 -2.21
CA GLN A 854 1.72 -28.48 -2.44
C GLN A 854 1.72 -28.05 -3.90
N TRP A 855 1.97 -26.76 -4.12
CA TRP A 855 2.03 -26.21 -5.47
C TRP A 855 3.15 -25.18 -5.50
N ARG A 856 3.25 -24.44 -6.60
CA ARG A 856 4.43 -23.59 -6.77
C ARG A 856 4.33 -22.32 -5.95
N TYR A 857 3.17 -21.65 -5.98
CA TYR A 857 3.01 -20.35 -5.33
C TYR A 857 2.43 -20.47 -3.93
N GLY A 858 2.57 -21.61 -3.28
CA GLY A 858 2.08 -21.76 -1.91
C GLY A 858 2.31 -23.15 -1.38
N MET A 859 1.58 -23.48 -0.32
CA MET A 859 1.65 -24.77 0.36
C MET A 859 0.69 -24.75 1.54
N VAL A 860 0.38 -25.94 2.05
CA VAL A 860 -0.46 -26.12 3.23
C VAL A 860 0.35 -26.89 4.28
N LEU A 861 0.37 -26.38 5.50
CA LEU A 861 1.21 -26.93 6.56
C LEU A 861 0.34 -27.48 7.69
N LYS A 862 0.97 -28.30 8.53
CA LYS A 862 0.30 -28.92 9.67
C LYS A 862 1.35 -29.27 10.72
N SER A 863 1.25 -28.67 11.90
CA SER A 863 2.26 -28.85 12.93
C SER A 863 2.02 -30.13 13.71
N GLN A 864 3.10 -30.83 14.03
CA GLN A 864 3.02 -32.04 14.84
C GLN A 864 2.98 -31.74 16.33
N ASP A 865 3.60 -30.63 16.76
CA ASP A 865 3.58 -30.26 18.17
C ASP A 865 2.18 -29.90 18.63
N HIS A 866 1.62 -28.81 18.11
CA HIS A 866 0.25 -28.42 18.41
C HIS A 866 -0.70 -29.19 17.52
N GLU A 867 -1.50 -30.08 18.11
CA GLU A 867 -2.44 -30.87 17.33
C GLU A 867 -3.51 -29.97 16.72
N GLY A 868 -3.82 -30.21 15.45
CA GLY A 868 -4.82 -29.44 14.75
C GLY A 868 -4.35 -28.13 14.16
N ALA A 869 -3.15 -27.67 14.51
CA ALA A 869 -2.60 -26.44 13.95
C ALA A 869 -2.47 -26.56 12.44
N LEU A 870 -3.29 -25.84 11.70
CA LEU A 870 -3.29 -25.86 10.24
C LEU A 870 -2.89 -24.50 9.69
N ALA A 871 -1.88 -24.49 8.83
CA ALA A 871 -1.35 -23.28 8.22
C ALA A 871 -1.48 -23.37 6.71
N LYS A 872 -1.48 -22.20 6.06
CA LYS A 872 -1.58 -22.13 4.61
C LYS A 872 -0.82 -20.88 4.15
N VAL A 873 0.43 -21.07 3.74
CA VAL A 873 1.23 -19.98 3.21
C VAL A 873 1.01 -19.90 1.71
N VAL A 874 0.77 -18.69 1.21
CA VAL A 874 0.51 -18.47 -0.21
C VAL A 874 1.29 -17.24 -0.66
N ALA A 875 1.84 -17.31 -1.87
CA ALA A 875 2.54 -16.18 -2.46
C ALA A 875 1.68 -15.59 -3.58
N GLU A 876 1.55 -14.27 -3.59
CA GLU A 876 0.78 -13.57 -4.61
C GLU A 876 1.79 -12.83 -5.49
N THR A 877 2.02 -13.36 -6.69
CA THR A 877 2.99 -12.76 -7.60
C THR A 877 2.52 -11.40 -8.11
N LYS A 878 1.20 -11.21 -8.22
CA LYS A 878 0.68 -9.93 -8.69
C LYS A 878 0.95 -8.81 -7.70
N ASP A 879 1.05 -9.12 -6.41
CA ASP A 879 1.31 -8.14 -5.38
C ASP A 879 2.67 -8.32 -4.71
N SER A 880 3.41 -9.38 -5.06
CA SER A 880 4.72 -9.67 -4.48
C SER A 880 4.63 -9.75 -2.94
N THR A 881 3.68 -10.56 -2.47
CA THR A 881 3.47 -10.73 -1.04
C THR A 881 3.34 -12.21 -0.69
N ILE A 882 3.79 -12.55 0.51
CA ILE A 882 3.70 -13.90 1.06
C ILE A 882 2.71 -13.83 2.23
N THR A 883 1.55 -14.46 2.06
CA THR A 883 0.52 -14.46 3.08
C THR A 883 0.56 -15.76 3.88
N ILE A 884 0.45 -15.63 5.20
CA ILE A 884 0.43 -16.78 6.11
C ILE A 884 -0.92 -16.78 6.81
N ALA A 885 -1.63 -17.90 6.72
CA ALA A 885 -2.96 -18.04 7.32
C ALA A 885 -2.97 -19.30 8.18
N ILE A 886 -3.11 -19.12 9.49
CA ILE A 886 -3.13 -20.22 10.45
C ILE A 886 -4.43 -20.17 11.23
N GLN A 887 -4.88 -21.33 11.68
CA GLN A 887 -6.12 -21.42 12.45
C GLN A 887 -5.90 -22.37 13.63
N GLY A 888 -6.72 -22.17 14.66
CA GLY A 888 -6.65 -22.98 15.86
C GLY A 888 -6.76 -22.17 17.12
N GLU A 889 -5.93 -22.52 18.14
CA GLU A 889 -5.86 -21.80 19.40
C GLU A 889 -4.75 -20.75 19.36
N PRO A 890 -4.95 -19.60 20.04
CA PRO A 890 -3.93 -18.55 19.99
C PRO A 890 -2.56 -19.00 20.48
N ARG A 891 -2.50 -19.71 21.61
CA ARG A 891 -1.23 -20.23 22.07
C ARG A 891 -0.69 -21.33 21.16
N CYS A 892 -1.54 -21.92 20.31
CA CYS A 892 -1.13 -22.94 19.36
C CYS A 892 -0.95 -22.40 17.95
N LYS A 893 -1.46 -21.19 17.66
CA LYS A 893 -1.29 -20.57 16.36
C LYS A 893 -0.15 -19.56 16.34
N ARG A 894 -0.10 -18.66 17.32
CA ARG A 894 0.99 -17.69 17.39
C ARG A 894 2.35 -18.36 17.56
N GLU A 895 2.40 -19.60 18.06
CA GLU A 895 3.65 -20.31 18.13
C GLU A 895 4.03 -20.92 16.77
N TYR A 896 3.04 -21.35 16.00
CA TYR A 896 3.32 -21.87 14.67
C TYR A 896 3.75 -20.75 13.73
N LEU A 897 3.23 -19.53 13.94
CA LEU A 897 3.66 -18.39 13.15
C LEU A 897 5.08 -17.96 13.49
N SER A 898 5.50 -18.12 14.75
CA SER A 898 6.85 -17.74 15.14
C SER A 898 7.92 -18.66 14.56
N ILE A 899 7.55 -19.87 14.16
CA ILE A 899 8.52 -20.76 13.51
C ILE A 899 8.45 -20.64 11.99
N ILE A 900 7.29 -20.32 11.43
CA ILE A 900 7.18 -20.11 9.99
C ILE A 900 7.83 -18.80 9.58
N TRP A 901 7.47 -17.71 10.28
CA TRP A 901 8.05 -16.42 9.97
C TRP A 901 9.55 -16.41 10.15
N TYR A 902 10.06 -17.17 11.14
CA TYR A 902 11.50 -17.28 11.32
C TYR A 902 12.14 -18.02 10.17
N GLU A 903 11.49 -19.08 9.67
CA GLU A 903 12.01 -19.81 8.53
C GLU A 903 11.95 -19.00 7.25
N ILE A 904 11.09 -17.99 7.18
CA ILE A 904 11.06 -17.12 6.01
C ILE A 904 12.16 -16.07 6.10
N LYS A 905 12.33 -15.46 7.27
CA LYS A 905 13.46 -14.55 7.48
C LYS A 905 14.79 -15.29 7.42
N LYS A 906 14.78 -16.60 7.69
CA LYS A 906 16.00 -17.40 7.56
C LYS A 906 16.44 -17.52 6.10
N ILE A 907 15.50 -17.41 5.16
CA ILE A 907 15.81 -17.51 3.74
C ILE A 907 15.95 -16.10 3.15
N ASN A 908 15.27 -15.13 3.77
CA ASN A 908 15.39 -13.74 3.33
C ASN A 908 16.79 -13.19 3.58
N ALA A 909 17.54 -13.76 4.53
CA ALA A 909 18.87 -13.24 4.83
C ALA A 909 19.87 -13.52 3.71
N ASN A 910 19.59 -14.48 2.82
CA ASN A 910 20.49 -14.77 1.72
C ASN A 910 20.51 -13.65 0.68
N PHE A 911 19.49 -12.79 0.66
CA PHE A 911 19.46 -11.66 -0.24
C PHE A 911 20.01 -10.42 0.46
N THR A 912 20.13 -9.32 -0.29
CA THR A 912 20.74 -8.10 0.22
C THR A 912 19.73 -6.95 0.13
N ASN A 913 19.38 -6.39 1.28
CA ASN A 913 18.53 -5.20 1.38
C ASN A 913 17.17 -5.42 0.71
N LEU A 914 16.42 -6.36 1.28
CA LEU A 914 15.03 -6.60 0.86
C LEU A 914 14.09 -5.88 1.82
N ASP A 915 13.11 -5.17 1.26
CA ASP A 915 12.15 -4.41 2.04
C ASP A 915 10.90 -5.25 2.27
N VAL A 916 10.77 -5.77 3.49
CA VAL A 916 9.64 -6.61 3.87
C VAL A 916 8.80 -5.81 4.86
N LYS A 917 7.62 -5.37 4.42
CA LYS A 917 6.69 -4.65 5.26
C LYS A 917 5.57 -5.60 5.66
N GLU A 918 5.49 -5.92 6.96
CA GLU A 918 4.53 -6.88 7.46
C GLU A 918 3.21 -6.18 7.75
N PHE A 919 2.14 -6.66 7.13
CA PHE A 919 0.79 -6.14 7.31
C PHE A 919 -0.09 -7.17 7.99
N ILE A 920 -1.13 -6.67 8.65
CA ILE A 920 -2.16 -7.53 9.25
C ILE A 920 -3.53 -6.94 8.91
N PRO A 921 -4.42 -7.69 8.28
CA PRO A 921 -5.72 -7.13 7.90
C PRO A 921 -6.61 -6.94 9.12
N LEU A 922 -7.67 -6.14 8.92
CA LEU A 922 -8.61 -5.89 9.99
C LEU A 922 -9.51 -7.11 10.18
N PRO A 923 -9.99 -7.34 11.41
CA PRO A 923 -10.74 -8.58 11.67
C PRO A 923 -12.06 -8.68 10.93
N GLY A 924 -12.74 -7.57 10.68
CA GLY A 924 -14.02 -7.60 10.00
C GLY A 924 -14.00 -7.45 8.50
N HIS A 925 -12.83 -7.25 7.89
CA HIS A 925 -12.71 -7.03 6.47
C HIS A 925 -11.53 -7.81 5.92
N PRO A 926 -11.74 -8.65 4.90
CA PRO A 926 -10.59 -9.37 4.31
C PRO A 926 -9.57 -8.43 3.69
N ASP A 927 -10.03 -7.44 2.92
CA ASP A 927 -9.14 -6.41 2.38
C ASP A 927 -8.94 -5.33 3.44
N GLU A 928 -8.44 -4.17 3.01
CA GLU A 928 -8.18 -3.05 3.93
C GLU A 928 -7.23 -3.47 5.05
N LEU A 929 -5.93 -3.44 4.79
CA LEU A 929 -4.92 -3.90 5.72
C LEU A 929 -4.31 -2.72 6.47
N VAL A 930 -3.68 -3.02 7.61
CA VAL A 930 -2.96 -2.04 8.40
C VAL A 930 -1.57 -2.60 8.70
N GLU A 931 -0.56 -1.73 8.66
CA GLU A 931 0.81 -2.18 8.86
C GLU A 931 1.07 -2.57 10.31
N TYR A 932 1.84 -3.64 10.49
CA TYR A 932 2.18 -4.12 11.83
C TYR A 932 3.06 -3.12 12.58
N LYS A 933 3.87 -2.34 11.85
CA LYS A 933 4.71 -1.34 12.50
C LYS A 933 3.92 -0.17 13.04
N GLU A 934 2.70 0.07 12.53
CA GLU A 934 1.87 1.15 13.05
C GLU A 934 1.24 0.75 14.38
N LEU A 935 0.63 -0.43 14.43
CA LEU A 935 0.00 -0.90 15.67
C LEU A 935 1.05 -1.07 16.77
N LEU A 936 2.21 -1.61 16.41
CA LEU A 936 3.31 -1.68 17.38
C LEU A 936 3.85 -0.31 17.73
N GLY A 937 3.79 0.64 16.80
CA GLY A 937 4.17 2.01 17.08
C GLY A 937 3.18 2.78 17.92
N LEU A 938 1.91 2.38 17.89
CA LEU A 938 0.90 3.05 18.72
C LEU A 938 1.06 2.68 20.19
N GLU A 939 1.49 1.45 20.48
CA GLU A 939 1.69 1.05 21.87
C GLU A 939 2.85 1.82 22.50
N LYS A 940 3.98 1.90 21.78
CA LYS A 940 5.11 2.67 22.30
C LYS A 940 4.76 4.15 22.42
N MET A 941 4.03 4.67 21.44
CA MET A 941 3.59 6.07 21.52
C MET A 941 2.54 6.28 22.62
N GLY A 942 1.73 5.26 22.90
CA GLY A 942 0.78 5.38 24.00
C GLY A 942 -0.66 5.57 23.60
N ARG A 943 -1.24 4.63 22.84
CA ARG A 943 -2.61 4.77 22.39
C ARG A 943 -3.17 3.41 22.02
N ASP A 944 -4.47 3.23 22.26
CA ASP A 944 -5.13 1.96 21.97
C ASP A 944 -6.32 2.16 21.04
N GLU A 945 -6.07 2.74 19.86
CA GLU A 945 -7.14 2.91 18.87
C GLU A 945 -6.58 3.28 17.50
N TYR A 946 -6.80 2.44 16.50
CA TYR A 946 -6.48 2.75 15.11
C TYR A 946 -7.78 3.15 14.41
N VAL A 947 -7.88 4.43 14.04
CA VAL A 947 -9.09 4.96 13.42
C VAL A 947 -8.95 4.87 11.90
N SER A 948 -10.02 4.43 11.24
CA SER A 948 -10.05 4.27 9.79
C SER A 948 -11.17 5.14 9.22
N GLY A 949 -10.79 6.21 8.54
CA GLY A 949 -11.81 7.10 7.97
C GLY A 949 -12.58 6.47 6.83
N LYS A 950 -11.90 5.72 5.96
CA LYS A 950 -12.58 5.06 4.86
C LYS A 950 -13.48 3.92 5.32
N LEU A 951 -13.38 3.50 6.58
CA LEU A 951 -14.26 2.49 7.14
C LEU A 951 -15.17 3.05 8.25
N GLU A 952 -14.84 4.22 8.79
CA GLU A 952 -15.64 4.86 9.83
C GLU A 952 -15.82 3.96 11.04
N LYS A 953 -14.72 3.34 11.48
CA LYS A 953 -14.73 2.45 12.63
C LYS A 953 -13.43 2.60 13.39
N VAL A 954 -13.51 2.44 14.71
CA VAL A 954 -12.34 2.46 15.58
C VAL A 954 -12.03 1.03 15.98
N PHE A 955 -10.75 0.69 16.06
CA PHE A 955 -10.30 -0.66 16.38
C PHE A 955 -9.25 -0.60 17.48
N SER A 956 -9.45 -1.38 18.53
CA SER A 956 -8.46 -1.47 19.59
C SER A 956 -7.20 -2.14 19.06
N VAL A 957 -6.04 -1.60 19.45
CA VAL A 957 -4.78 -2.14 18.94
C VAL A 957 -4.33 -3.36 19.76
N SER A 958 -4.79 -3.47 21.00
CA SER A 958 -4.37 -4.59 21.84
C SER A 958 -5.03 -5.90 21.39
N LYS A 959 -6.22 -5.81 20.79
CA LYS A 959 -6.91 -7.04 20.39
C LYS A 959 -6.25 -7.67 19.17
N MET A 960 -5.64 -6.87 18.31
CA MET A 960 -4.99 -7.39 17.11
C MET A 960 -3.49 -7.61 17.29
N LEU A 961 -2.87 -6.88 18.22
CA LEU A 961 -1.45 -7.11 18.49
C LEU A 961 -1.25 -8.37 19.32
N ASP A 962 -2.14 -8.63 20.28
CA ASP A 962 -2.05 -9.86 21.06
C ASP A 962 -2.43 -11.08 20.22
N SER A 963 -3.10 -10.88 19.09
CA SER A 963 -3.41 -11.96 18.17
C SER A 963 -2.19 -12.45 17.40
N VAL A 964 -1.06 -11.73 17.49
CA VAL A 964 0.17 -12.11 16.81
C VAL A 964 1.30 -12.38 17.82
N ILE A 965 1.47 -11.48 18.77
CA ILE A 965 2.55 -11.61 19.76
C ILE A 965 2.07 -11.03 21.09
N SER A 966 2.77 -11.41 22.16
CA SER A 966 2.47 -10.90 23.49
C SER A 966 3.71 -10.69 24.35
N LYS A 967 4.87 -11.22 23.98
CA LYS A 967 6.11 -11.00 24.73
C LYS A 967 6.67 -9.62 24.39
N GLU A 968 5.95 -8.60 24.86
CA GLU A 968 6.31 -7.22 24.58
C GLU A 968 6.87 -6.52 25.82
N SER B 30 -21.68 67.75 1.06
CA SER B 30 -23.13 67.68 0.90
C SER B 30 -23.64 66.25 1.02
N ASP B 31 -22.99 65.47 1.89
CA ASP B 31 -23.35 64.08 2.17
C ASP B 31 -23.28 63.21 0.93
N LEU B 32 -24.02 63.58 -0.13
CA LEU B 32 -23.97 62.80 -1.36
C LEU B 32 -22.66 63.02 -2.12
N ASP B 33 -22.02 64.17 -1.92
CA ASP B 33 -20.69 64.40 -2.50
C ASP B 33 -19.62 63.55 -1.83
N VAL B 34 -19.95 62.89 -0.71
CA VAL B 34 -19.01 62.00 -0.05
C VAL B 34 -18.85 60.72 -0.84
N ILE B 35 -19.95 60.23 -1.43
CA ILE B 35 -19.86 59.03 -2.26
C ILE B 35 -19.04 59.31 -3.51
N ARG B 36 -19.10 60.55 -4.02
CA ARG B 36 -18.21 60.95 -5.11
C ARG B 36 -16.75 60.89 -4.68
N GLN B 37 -16.48 61.17 -3.41
CA GLN B 37 -15.13 61.00 -2.89
C GLN B 37 -14.76 59.53 -2.76
N ILE B 38 -15.77 58.68 -2.53
CA ILE B 38 -15.52 57.25 -2.34
C ILE B 38 -15.28 56.56 -3.68
N GLU B 39 -16.10 56.87 -4.68
CA GLU B 39 -15.92 56.24 -6.00
C GLU B 39 -14.74 56.82 -6.76
N GLN B 40 -14.02 57.79 -6.19
CA GLN B 40 -12.74 58.26 -6.72
C GLN B 40 -11.55 57.71 -5.95
N GLU B 41 -11.71 57.51 -4.64
CA GLU B 41 -10.64 56.93 -3.82
C GLU B 41 -10.48 55.43 -4.05
N LEU B 42 -11.52 54.75 -4.50
CA LEU B 42 -11.46 53.32 -4.74
C LEU B 42 -11.33 52.95 -6.21
N GLY B 43 -11.88 53.77 -7.11
CA GLY B 43 -11.85 53.52 -8.53
C GLY B 43 -13.15 52.96 -9.09
N MET B 44 -13.94 52.28 -8.26
CA MET B 44 -15.22 51.75 -8.66
C MET B 44 -16.25 52.85 -8.76
N GLN B 45 -17.47 52.48 -9.14
CA GLN B 45 -18.61 53.40 -9.16
C GLN B 45 -19.73 52.80 -8.33
N LEU B 46 -20.36 53.64 -7.51
CA LEU B 46 -21.41 53.22 -6.59
C LEU B 46 -22.76 53.68 -7.11
N GLU B 47 -23.70 52.75 -7.22
CA GLU B 47 -25.04 53.03 -7.71
C GLU B 47 -26.07 52.87 -6.60
N PRO B 48 -27.17 53.62 -6.65
CA PRO B 48 -28.17 53.53 -5.58
C PRO B 48 -28.89 52.18 -5.58
N VAL B 49 -29.35 51.79 -4.40
CA VAL B 49 -30.07 50.55 -4.19
C VAL B 49 -31.20 50.81 -3.20
N ASP B 50 -32.32 50.10 -3.40
CA ASP B 50 -33.49 50.31 -2.53
C ASP B 50 -33.23 49.76 -1.14
N LYS B 51 -32.64 48.57 -1.05
CA LYS B 51 -32.31 47.95 0.23
C LYS B 51 -30.90 47.39 0.16
N LEU B 52 -30.06 47.77 1.11
CA LEU B 52 -28.66 47.36 1.09
C LEU B 52 -28.55 45.88 1.40
N LYS B 53 -27.74 45.17 0.61
CA LYS B 53 -27.50 43.75 0.81
C LYS B 53 -26.01 43.50 0.96
N TRP B 54 -25.67 42.27 1.35
CA TRP B 54 -24.27 41.96 1.63
C TRP B 54 -23.41 42.04 0.38
N TYR B 55 -23.97 41.71 -0.78
CA TYR B 55 -23.23 41.74 -2.03
C TYR B 55 -23.38 43.05 -2.80
N SER B 56 -23.97 44.07 -2.17
CA SER B 56 -24.25 45.32 -2.86
C SER B 56 -22.97 46.13 -3.05
N LYS B 57 -22.83 46.71 -4.24
CA LYS B 57 -21.71 47.59 -4.55
C LYS B 57 -22.19 49.02 -4.74
N GLY B 58 -22.85 49.57 -3.75
CA GLY B 58 -23.39 50.91 -3.87
C GLY B 58 -23.85 51.47 -2.54
N TYR B 59 -24.68 52.49 -2.62
CA TYR B 59 -25.17 53.22 -1.45
C TYR B 59 -26.69 53.22 -1.47
N LYS B 60 -27.27 53.72 -0.38
CA LYS B 60 -28.73 53.82 -0.25
C LYS B 60 -29.05 55.08 0.53
N LEU B 61 -29.65 56.06 -0.14
CA LEU B 61 -30.02 57.32 0.47
C LEU B 61 -31.51 57.35 0.80
N ASP B 62 -31.91 58.37 1.55
CA ASP B 62 -33.29 58.51 2.01
C ASP B 62 -34.04 59.56 1.21
N LYS B 63 -34.99 60.25 1.85
CA LYS B 63 -35.78 61.26 1.16
C LYS B 63 -35.02 62.58 1.04
N ASP B 64 -34.31 62.99 2.10
CA ASP B 64 -33.50 64.20 2.06
C ASP B 64 -32.09 63.94 1.56
N GLN B 65 -31.88 62.86 0.82
CA GLN B 65 -30.59 62.54 0.19
C GLN B 65 -29.47 62.44 1.22
N ARG B 66 -29.69 61.60 2.23
CA ARG B 66 -28.71 61.29 3.25
C ARG B 66 -28.39 59.80 3.20
N VAL B 67 -27.11 59.48 3.08
CA VAL B 67 -26.68 58.09 2.93
C VAL B 67 -26.90 57.36 4.27
N THR B 68 -27.87 56.45 4.29
CA THR B 68 -28.13 55.62 5.45
C THR B 68 -27.58 54.21 5.33
N ALA B 69 -27.07 53.83 4.16
CA ALA B 69 -26.52 52.50 3.95
C ALA B 69 -25.54 52.55 2.79
N ILE B 70 -24.40 51.87 2.95
CA ILE B 70 -23.38 51.82 1.91
C ILE B 70 -22.78 50.42 1.88
N GLY B 71 -22.47 49.94 0.68
CA GLY B 71 -21.91 48.61 0.52
C GLY B 71 -20.69 48.58 -0.38
N LEU B 72 -19.63 47.92 0.07
CA LEU B 72 -18.37 47.81 -0.67
C LEU B 72 -18.02 46.32 -0.81
N TYR B 73 -18.83 45.61 -1.60
CA TYR B 73 -18.62 44.17 -1.80
C TYR B 73 -17.44 43.94 -2.75
N ASP B 74 -16.47 43.17 -2.29
CA ASP B 74 -15.31 42.77 -3.10
C ASP B 74 -14.56 43.98 -3.66
N CYS B 75 -13.74 44.61 -2.83
CA CYS B 75 -12.94 45.76 -3.27
C CYS B 75 -11.48 45.72 -2.83
N GLY B 76 -11.09 44.77 -2.00
CA GLY B 76 -9.70 44.65 -1.58
C GLY B 76 -9.54 44.94 -0.10
N SER B 77 -8.44 44.40 0.46
CA SER B 77 -8.13 44.60 1.87
C SER B 77 -7.59 45.99 2.17
N ASP B 78 -7.22 46.76 1.16
CA ASP B 78 -6.76 48.13 1.36
C ASP B 78 -7.94 49.09 1.48
N THR B 79 -9.10 48.58 1.91
CA THR B 79 -10.30 49.39 2.00
C THR B 79 -10.50 49.98 3.39
N LEU B 80 -10.40 49.16 4.44
CA LEU B 80 -10.55 49.70 5.79
C LEU B 80 -9.37 50.59 6.18
N ASP B 81 -8.19 50.34 5.62
CA ASP B 81 -7.05 51.21 5.86
C ASP B 81 -7.29 52.60 5.28
N ARG B 82 -8.12 52.69 4.23
CA ARG B 82 -8.47 53.95 3.63
C ARG B 82 -9.98 54.16 3.74
N ILE B 83 -10.54 55.04 2.92
CA ILE B 83 -11.98 55.29 2.79
C ILE B 83 -12.72 55.40 4.12
N ILE B 84 -12.00 55.34 5.24
CA ILE B 84 -12.66 55.41 6.55
C ILE B 84 -13.03 56.86 6.88
N GLN B 85 -12.23 57.83 6.45
CA GLN B 85 -12.56 59.23 6.70
C GLN B 85 -13.86 59.66 6.02
N PRO B 86 -14.12 59.31 4.75
CA PRO B 86 -15.47 59.59 4.21
C PRO B 86 -16.57 58.78 4.86
N LEU B 87 -16.26 57.62 5.43
CA LEU B 87 -17.28 56.85 6.13
C LEU B 87 -17.68 57.54 7.44
N GLU B 88 -16.71 58.14 8.13
CA GLU B 88 -17.00 58.84 9.36
C GLU B 88 -17.78 60.13 9.10
N SER B 89 -17.62 60.72 7.91
CA SER B 89 -18.38 61.92 7.57
C SER B 89 -19.86 61.62 7.32
N LEU B 90 -20.19 60.38 6.94
CA LEU B 90 -21.59 59.98 6.79
C LEU B 90 -22.24 59.86 8.17
N LYS B 91 -22.82 60.95 8.65
CA LYS B 91 -23.35 60.96 10.02
C LYS B 91 -24.61 60.12 10.15
N SER B 92 -25.42 60.05 9.10
CA SER B 92 -26.66 59.28 9.12
C SER B 92 -26.45 57.83 8.71
N LEU B 93 -25.20 57.41 8.52
CA LEU B 93 -24.92 56.04 8.10
C LEU B 93 -25.35 55.04 9.17
N SER B 94 -26.05 54.00 8.75
CA SER B 94 -26.58 53.01 9.68
C SER B 94 -26.14 51.60 9.33
N GLU B 95 -26.02 51.30 8.04
CA GLU B 95 -25.70 49.96 7.57
C GLU B 95 -24.45 50.00 6.71
N LEU B 96 -23.47 49.17 7.05
CA LEU B 96 -22.20 49.09 6.33
C LEU B 96 -21.93 47.64 5.99
N SER B 97 -21.45 47.39 4.77
CA SER B 97 -21.16 46.04 4.30
C SER B 97 -19.74 46.00 3.78
N LEU B 98 -18.92 45.17 4.40
CA LEU B 98 -17.54 44.92 3.98
C LEU B 98 -17.37 43.45 3.60
N SER B 99 -18.33 42.92 2.85
CA SER B 99 -18.37 41.50 2.55
C SER B 99 -17.25 41.13 1.58
N SER B 100 -16.51 40.07 1.94
CA SER B 100 -15.50 39.47 1.08
C SER B 100 -14.47 40.49 0.60
N ASN B 101 -13.54 40.86 1.49
CA ASN B 101 -12.47 41.78 1.14
C ASN B 101 -11.11 41.32 1.66
N GLN B 102 -11.04 40.14 2.30
CA GLN B 102 -9.80 39.63 2.88
C GLN B 102 -9.20 40.63 3.87
N ILE B 103 -10.06 41.26 4.66
CA ILE B 103 -9.61 42.26 5.62
C ILE B 103 -9.01 41.56 6.83
N THR B 104 -7.83 42.00 7.25
CA THR B 104 -7.16 41.44 8.42
C THR B 104 -7.25 42.32 9.65
N ASP B 105 -7.37 43.65 9.47
CA ASP B 105 -7.45 44.59 10.56
C ASP B 105 -8.76 45.37 10.44
N ILE B 106 -9.59 45.29 11.48
CA ILE B 106 -10.88 45.95 11.47
C ILE B 106 -10.94 47.02 12.55
N SER B 107 -9.79 47.65 12.82
CA SER B 107 -9.74 48.70 13.82
C SER B 107 -10.47 49.98 13.40
N PRO B 108 -10.32 50.48 12.17
CA PRO B 108 -10.92 51.80 11.85
C PRO B 108 -12.42 51.86 11.93
N LEU B 109 -13.13 50.72 11.90
CA LEU B 109 -14.59 50.77 11.94
C LEU B 109 -15.14 50.99 13.35
N ALA B 110 -14.26 51.08 14.36
CA ALA B 110 -14.73 51.30 15.72
C ALA B 110 -15.28 52.70 15.92
N SER B 111 -14.98 53.64 15.01
CA SER B 111 -15.47 55.00 15.11
C SER B 111 -16.94 55.13 14.71
N LEU B 112 -17.55 54.05 14.22
CA LEU B 112 -18.93 54.09 13.73
C LEU B 112 -19.86 53.44 14.75
N ASN B 113 -19.97 54.10 15.91
CA ASN B 113 -20.81 53.60 16.99
C ASN B 113 -22.31 53.72 16.69
N SER B 114 -22.69 54.09 15.47
CA SER B 114 -24.09 54.22 15.09
C SER B 114 -24.52 53.17 14.07
N LEU B 115 -23.71 52.14 13.85
CA LEU B 115 -24.05 51.11 12.87
C LEU B 115 -25.07 50.14 13.45
N SER B 116 -26.12 49.86 12.68
CA SER B 116 -27.13 48.89 13.07
C SER B 116 -26.95 47.54 12.39
N MET B 117 -26.35 47.52 11.20
CA MET B 117 -26.07 46.29 10.47
C MET B 117 -24.64 46.35 9.95
N LEU B 118 -23.87 45.30 10.20
CA LEU B 118 -22.46 45.24 9.80
C LEU B 118 -22.18 43.90 9.15
N TRP B 119 -21.67 43.94 7.93
CA TRP B 119 -21.31 42.74 7.17
C TRP B 119 -19.79 42.66 7.13
N LEU B 120 -19.21 41.67 7.80
CA LEU B 120 -17.79 41.39 7.78
C LEU B 120 -17.55 39.96 7.32
N ASP B 121 -18.36 39.50 6.38
CA ASP B 121 -18.38 38.10 5.97
C ASP B 121 -17.28 37.79 4.96
N ARG B 122 -16.71 36.60 5.09
CA ARG B 122 -15.73 36.07 4.13
C ARG B 122 -14.52 36.98 4.01
N ASN B 123 -13.97 37.37 5.16
CA ASN B 123 -12.75 38.17 5.21
C ASN B 123 -11.63 37.32 5.81
N GLN B 124 -10.58 37.99 6.30
CA GLN B 124 -9.47 37.30 6.94
C GLN B 124 -9.27 37.85 8.34
N ILE B 125 -10.36 37.98 9.09
CA ILE B 125 -10.29 38.57 10.43
C ILE B 125 -9.80 37.51 11.40
N THR B 126 -8.82 37.88 12.22
CA THR B 126 -8.28 37.03 13.26
C THR B 126 -8.51 37.58 14.66
N ASP B 127 -8.32 38.87 14.85
CA ASP B 127 -8.54 39.52 16.13
C ASP B 127 -9.87 40.28 16.08
N ILE B 128 -10.74 39.99 17.04
CA ILE B 128 -12.02 40.67 17.20
C ILE B 128 -11.95 41.48 18.49
N ALA B 129 -12.26 42.77 18.38
CA ALA B 129 -12.23 43.68 19.53
C ALA B 129 -12.81 45.06 19.18
N PRO B 130 -12.50 45.65 18.02
CA PRO B 130 -13.09 46.97 17.69
C PRO B 130 -14.60 46.95 17.58
N LEU B 131 -15.24 45.77 17.51
CA LEU B 131 -16.69 45.70 17.46
C LEU B 131 -17.34 45.86 18.83
N ALA B 132 -16.55 45.84 19.90
CA ALA B 132 -17.13 45.96 21.24
C ALA B 132 -17.71 47.36 21.48
N SER B 133 -17.15 48.37 20.82
CA SER B 133 -17.63 49.74 20.98
C SER B 133 -18.83 50.05 20.09
N LEU B 134 -19.46 49.03 19.50
CA LEU B 134 -20.60 49.21 18.61
C LEU B 134 -21.85 48.66 19.29
N ASN B 135 -22.25 49.32 20.38
CA ASN B 135 -23.36 48.84 21.19
C ASN B 135 -24.71 49.19 20.59
N SER B 136 -24.79 49.26 19.26
CA SER B 136 -26.05 49.58 18.60
C SER B 136 -26.29 48.70 17.37
N LEU B 137 -25.57 47.59 17.23
CA LEU B 137 -25.73 46.72 16.09
C LEU B 137 -26.75 45.62 16.39
N SER B 138 -27.55 45.27 15.38
CA SER B 138 -28.52 44.20 15.52
C SER B 138 -28.38 43.13 14.42
N MET B 139 -27.33 43.22 13.62
CA MET B 139 -27.13 42.29 12.50
C MET B 139 -25.64 42.23 12.22
N LEU B 140 -25.02 41.07 12.43
CA LEU B 140 -23.59 40.91 12.28
C LEU B 140 -23.28 39.60 11.57
N TRP B 141 -22.53 39.69 10.48
CA TRP B 141 -22.19 38.52 9.66
C TRP B 141 -20.68 38.33 9.65
N LEU B 142 -20.23 37.21 10.20
CA LEU B 142 -18.82 36.80 10.18
C LEU B 142 -18.74 35.44 9.51
N PHE B 143 -18.97 35.40 8.20
CA PHE B 143 -19.23 34.14 7.50
C PHE B 143 -17.97 33.29 7.38
N GLY B 144 -16.84 33.90 7.06
CA GLY B 144 -15.65 33.11 6.79
C GLY B 144 -14.35 33.75 7.24
N ASN B 145 -14.19 33.93 8.54
CA ASN B 145 -12.99 34.52 9.12
C ASN B 145 -12.24 33.48 9.95
N LYS B 146 -11.13 33.90 10.54
CA LYS B 146 -10.32 33.06 11.40
C LYS B 146 -10.45 33.55 12.84
N ILE B 147 -11.63 33.33 13.41
CA ILE B 147 -11.99 33.87 14.72
C ILE B 147 -11.84 32.76 15.75
N SER B 148 -10.96 32.97 16.73
CA SER B 148 -10.75 32.04 17.82
C SER B 148 -11.29 32.54 19.15
N ASP B 149 -11.60 33.83 19.27
CA ASP B 149 -12.12 34.42 20.48
C ASP B 149 -13.48 35.04 20.18
N ILE B 150 -14.45 34.79 21.06
CA ILE B 150 -15.80 35.30 20.90
C ILE B 150 -16.20 36.21 22.07
N ALA B 151 -15.23 36.63 22.88
CA ALA B 151 -15.54 37.44 24.06
C ALA B 151 -16.10 38.83 23.72
N PRO B 152 -15.52 39.60 22.80
CA PRO B 152 -16.00 40.99 22.62
C PRO B 152 -17.46 41.12 22.19
N LEU B 153 -18.10 40.05 21.73
CA LEU B 153 -19.51 40.13 21.39
C LEU B 153 -20.42 40.14 22.61
N GLU B 154 -19.85 39.95 23.82
CA GLU B 154 -20.67 39.87 25.03
C GLU B 154 -21.41 41.17 25.30
N SER B 155 -20.76 42.32 25.06
CA SER B 155 -21.37 43.61 25.32
C SER B 155 -22.43 43.98 24.31
N LEU B 156 -22.66 43.14 23.30
CA LEU B 156 -23.59 43.44 22.21
C LEU B 156 -24.97 42.85 22.55
N LYS B 157 -25.58 43.42 23.59
CA LYS B 157 -26.87 42.96 24.10
C LYS B 157 -28.06 43.45 23.28
N SER B 158 -27.84 43.93 22.05
CA SER B 158 -28.91 44.41 21.20
C SER B 158 -28.97 43.64 19.88
N LEU B 159 -28.40 42.45 19.84
CA LEU B 159 -28.36 41.66 18.61
C LEU B 159 -29.64 40.87 18.43
N THR B 160 -30.11 40.82 17.19
CA THR B 160 -31.26 39.99 16.81
C THR B 160 -30.94 38.99 15.72
N GLU B 161 -29.77 39.08 15.08
CA GLU B 161 -29.37 38.15 14.04
C GLU B 161 -27.85 38.11 14.00
N LEU B 162 -27.26 37.03 14.49
CA LEU B 162 -25.82 36.86 14.54
C LEU B 162 -25.41 35.70 13.64
N GLN B 163 -24.39 35.93 12.81
CA GLN B 163 -23.87 34.91 11.90
C GLN B 163 -22.39 34.71 12.18
N LEU B 164 -22.05 33.59 12.82
CA LEU B 164 -20.67 33.25 13.13
C LEU B 164 -20.28 31.90 12.54
N SER B 165 -20.87 31.55 11.41
CA SER B 165 -20.56 30.27 10.78
C SER B 165 -19.13 30.26 10.25
N SER B 166 -18.63 29.06 10.02
CA SER B 166 -17.33 28.80 9.38
C SER B 166 -16.22 29.69 9.97
N ASN B 167 -15.84 29.36 11.20
CA ASN B 167 -14.72 30.02 11.85
C ASN B 167 -13.85 28.99 12.57
N GLN B 168 -13.18 29.41 13.63
CA GLN B 168 -12.37 28.52 14.46
C GLN B 168 -12.72 28.69 15.93
N ILE B 169 -14.02 28.79 16.22
CA ILE B 169 -14.47 28.97 17.59
C ILE B 169 -14.50 27.62 18.28
N THR B 170 -13.90 27.54 19.47
CA THR B 170 -13.88 26.31 20.25
C THR B 170 -14.63 26.42 21.57
N ASP B 171 -14.53 27.54 22.26
CA ASP B 171 -15.22 27.76 23.53
C ASP B 171 -16.19 28.92 23.38
N ILE B 172 -17.48 28.63 23.47
CA ILE B 172 -18.51 29.65 23.48
C ILE B 172 -18.99 29.83 24.92
N ALA B 173 -19.32 31.07 25.27
CA ALA B 173 -19.75 31.42 26.61
C ALA B 173 -20.35 32.83 26.63
N PRO B 174 -19.74 33.83 25.93
CA PRO B 174 -20.37 35.15 25.89
C PRO B 174 -21.63 35.19 25.04
N LEU B 175 -22.19 34.02 24.73
CA LEU B 175 -23.41 33.97 23.94
C LEU B 175 -24.67 34.00 24.79
N ALA B 176 -24.55 33.73 26.10
CA ALA B 176 -25.71 33.85 26.96
C ALA B 176 -26.02 35.30 27.29
N SER B 177 -25.04 36.20 27.10
CA SER B 177 -25.22 37.61 27.42
C SER B 177 -26.00 38.33 26.32
N LEU B 178 -25.65 38.07 25.06
CA LEU B 178 -26.28 38.75 23.93
C LEU B 178 -27.64 38.11 23.59
N LYS B 179 -28.54 38.15 24.57
CA LYS B 179 -29.87 37.57 24.43
C LYS B 179 -30.69 38.41 23.45
N SER B 180 -31.99 38.13 23.40
CA SER B 180 -32.97 38.80 22.55
C SER B 180 -32.74 38.57 21.07
N LEU B 181 -31.76 37.74 20.69
CA LEU B 181 -31.57 37.40 19.29
C LEU B 181 -32.48 36.25 18.90
N THR B 182 -32.87 36.23 17.62
CA THR B 182 -33.75 35.20 17.10
C THR B 182 -33.11 34.27 16.08
N GLU B 183 -32.06 34.72 15.39
CA GLU B 183 -31.39 33.91 14.37
C GLU B 183 -29.90 33.88 14.69
N LEU B 184 -29.37 32.68 14.89
CA LEU B 184 -27.97 32.48 15.22
C LEU B 184 -27.41 31.34 14.40
N SER B 185 -26.17 31.49 13.94
CA SER B 185 -25.52 30.49 13.10
C SER B 185 -24.08 30.33 13.54
N LEU B 186 -23.72 29.12 13.97
CA LEU B 186 -22.38 28.78 14.43
C LEU B 186 -21.90 27.49 13.80
N SER B 187 -22.13 27.34 12.49
CA SER B 187 -21.81 26.11 11.78
C SER B 187 -20.37 26.14 11.27
N GLY B 188 -19.67 25.02 11.46
CA GLY B 188 -18.31 24.88 10.96
C GLY B 188 -17.25 25.39 11.92
N ASN B 189 -17.27 24.90 13.15
CA ASN B 189 -16.31 25.30 14.17
C ASN B 189 -15.82 24.05 14.88
N ASN B 190 -15.24 24.24 16.07
CA ASN B 190 -14.76 23.15 16.91
C ASN B 190 -15.52 23.13 18.24
N ILE B 191 -16.82 23.39 18.18
CA ILE B 191 -17.65 23.48 19.37
C ILE B 191 -18.01 22.08 19.86
N SER B 192 -17.88 21.85 21.16
CA SER B 192 -18.28 20.59 21.77
C SER B 192 -19.25 20.78 22.93
N ASP B 193 -19.41 21.99 23.44
CA ASP B 193 -20.32 22.28 24.55
C ASP B 193 -21.26 23.39 24.12
N ILE B 194 -22.55 23.08 24.04
CA ILE B 194 -23.57 24.04 23.64
C ILE B 194 -24.36 24.53 24.85
N ALA B 195 -23.82 24.35 26.06
CA ALA B 195 -24.52 24.79 27.27
C ALA B 195 -24.85 26.28 27.32
N PRO B 196 -23.99 27.21 26.88
CA PRO B 196 -24.35 28.63 26.97
C PRO B 196 -25.58 29.04 26.17
N LEU B 197 -26.15 28.15 25.36
CA LEU B 197 -27.32 28.48 24.57
C LEU B 197 -28.63 28.26 25.32
N GLU B 198 -28.57 27.72 26.54
CA GLU B 198 -29.79 27.48 27.31
C GLU B 198 -30.50 28.78 27.68
N SER B 199 -29.79 29.90 27.68
CA SER B 199 -30.35 31.18 28.11
C SER B 199 -31.09 31.91 26.99
N LEU B 200 -30.81 31.59 25.73
CA LEU B 200 -31.33 32.36 24.61
C LEU B 200 -32.70 31.82 24.17
N LYS B 201 -33.65 31.86 25.08
CA LYS B 201 -34.97 31.26 24.87
C LYS B 201 -35.82 32.06 23.89
N SER B 202 -35.18 32.87 23.05
CA SER B 202 -35.87 33.68 22.04
C SER B 202 -35.43 33.30 20.63
N LEU B 203 -34.97 32.06 20.45
CA LEU B 203 -34.41 31.61 19.17
C LEU B 203 -35.50 31.14 18.23
N THR B 204 -35.49 31.65 17.01
CA THR B 204 -36.35 31.17 15.93
C THR B 204 -35.59 30.32 14.92
N GLU B 205 -34.37 30.72 14.56
CA GLU B 205 -33.53 30.00 13.62
C GLU B 205 -32.18 29.73 14.30
N LEU B 206 -31.71 28.48 14.20
CA LEU B 206 -30.43 28.09 14.79
C LEU B 206 -29.80 27.01 13.93
N SER B 207 -28.57 27.25 13.49
CA SER B 207 -27.83 26.29 12.69
C SER B 207 -26.51 25.97 13.40
N LEU B 208 -26.27 24.69 13.64
CA LEU B 208 -25.08 24.23 14.37
C LEU B 208 -24.50 23.02 13.65
N SER B 209 -24.23 23.17 12.37
CA SER B 209 -23.75 22.06 11.55
C SER B 209 -22.23 22.01 11.50
N SER B 210 -21.71 20.82 11.20
CA SER B 210 -20.28 20.61 10.97
C SER B 210 -19.45 21.07 12.18
N ASN B 211 -19.77 20.51 13.34
CA ASN B 211 -19.07 20.84 14.58
C ASN B 211 -18.67 19.52 15.26
N GLN B 212 -18.35 19.61 16.54
CA GLN B 212 -17.92 18.46 17.34
C GLN B 212 -18.85 18.26 18.52
N ILE B 213 -20.15 18.46 18.30
CA ILE B 213 -21.14 18.34 19.36
C ILE B 213 -21.43 16.86 19.61
N THR B 214 -21.58 16.50 20.88
CA THR B 214 -21.93 15.14 21.26
C THR B 214 -23.10 15.14 22.24
N ASP B 215 -23.25 16.23 22.98
CA ASP B 215 -24.32 16.39 23.95
C ASP B 215 -25.24 17.51 23.48
N ILE B 216 -26.49 17.16 23.17
CA ILE B 216 -27.47 18.11 22.69
C ILE B 216 -28.51 18.43 23.77
N ALA B 217 -28.20 18.10 25.02
CA ALA B 217 -29.14 18.35 26.12
C ALA B 217 -29.54 19.81 26.30
N PRO B 218 -28.64 20.81 26.18
CA PRO B 218 -29.08 22.21 26.37
C PRO B 218 -30.15 22.66 25.39
N LEU B 219 -30.31 22.03 24.24
CA LEU B 219 -31.35 22.41 23.30
C LEU B 219 -32.75 21.98 23.71
N ALA B 220 -32.90 21.38 24.90
CA ALA B 220 -34.22 20.96 25.36
C ALA B 220 -35.11 22.15 25.70
N SER B 221 -34.56 23.36 25.71
CA SER B 221 -35.33 24.57 25.92
C SER B 221 -35.52 25.26 24.57
N LEU B 222 -35.34 26.58 24.46
CA LEU B 222 -35.37 27.30 23.17
C LEU B 222 -36.70 27.12 22.43
N LYS B 223 -37.79 27.40 23.14
CA LYS B 223 -39.11 27.27 22.55
C LYS B 223 -39.25 28.23 21.36
N SER B 224 -40.24 27.95 20.51
CA SER B 224 -40.50 28.73 19.30
C SER B 224 -39.39 28.61 18.27
N LEU B 225 -38.57 27.56 18.35
CA LEU B 225 -37.58 27.29 17.31
C LEU B 225 -38.30 26.71 16.11
N THR B 226 -38.14 27.34 14.95
CA THR B 226 -38.81 26.88 13.73
C THR B 226 -37.88 26.23 12.72
N GLU B 227 -36.60 26.57 12.73
CA GLU B 227 -35.64 25.99 11.80
C GLU B 227 -34.36 25.68 12.55
N LEU B 228 -34.00 24.39 12.62
CA LEU B 228 -32.82 23.93 13.32
C LEU B 228 -32.01 23.04 12.39
N SER B 229 -30.71 23.31 12.32
CA SER B 229 -29.78 22.54 11.50
C SER B 229 -28.71 21.95 12.41
N LEU B 230 -28.49 20.65 12.30
CA LEU B 230 -27.58 19.96 13.20
C LEU B 230 -26.91 18.80 12.45
N SER B 231 -26.29 19.11 11.32
CA SER B 231 -25.67 18.10 10.47
C SER B 231 -24.17 18.02 10.72
N SER B 232 -23.61 16.84 10.42
CA SER B 232 -22.17 16.59 10.50
C SER B 232 -21.63 16.85 11.91
N ASN B 233 -22.14 16.09 12.86
CA ASN B 233 -21.70 16.19 14.25
C ASN B 233 -21.42 14.77 14.77
N GLN B 234 -21.37 14.64 16.10
CA GLN B 234 -21.15 13.36 16.74
C GLN B 234 -22.30 12.98 17.67
N ILE B 235 -23.50 13.53 17.43
CA ILE B 235 -24.64 13.30 18.31
C ILE B 235 -25.15 11.88 18.13
N SER B 236 -25.61 11.27 19.22
CA SER B 236 -26.21 9.94 19.16
C SER B 236 -27.51 9.91 19.96
N ASP B 237 -27.61 10.76 20.99
CA ASP B 237 -28.80 10.84 21.83
C ASP B 237 -29.58 12.08 21.41
N ILE B 238 -30.67 11.87 20.68
CA ILE B 238 -31.51 12.96 20.19
C ILE B 238 -32.76 13.13 21.04
N ALA B 239 -32.76 12.62 22.27
CA ALA B 239 -33.92 12.75 23.15
C ALA B 239 -34.34 14.19 23.44
N PRO B 240 -33.44 15.15 23.67
CA PRO B 240 -33.91 16.51 24.03
C PRO B 240 -34.76 17.20 22.97
N LEU B 241 -34.76 16.73 21.73
CA LEU B 241 -35.53 17.38 20.67
C LEU B 241 -37.01 17.05 20.72
N GLU B 242 -37.47 16.24 21.68
CA GLU B 242 -38.87 15.84 21.72
C GLU B 242 -39.78 16.98 22.15
N SER B 243 -39.23 18.03 22.75
CA SER B 243 -40.03 19.13 23.28
C SER B 243 -40.25 20.24 22.26
N LEU B 244 -39.42 20.32 21.22
CA LEU B 244 -39.48 21.41 20.24
C LEU B 244 -40.69 21.21 19.31
N LYS B 245 -41.87 21.46 19.88
CA LYS B 245 -43.11 21.28 19.13
C LYS B 245 -43.30 22.32 18.04
N SER B 246 -42.54 23.42 18.08
CA SER B 246 -42.64 24.46 17.06
C SER B 246 -41.70 24.24 15.88
N LEU B 247 -40.95 23.15 15.88
CA LEU B 247 -40.00 22.88 14.81
C LEU B 247 -40.73 22.54 13.52
N THR B 248 -40.38 23.25 12.44
CA THR B 248 -40.95 22.99 11.13
C THR B 248 -39.91 22.65 10.08
N GLU B 249 -38.63 22.55 10.44
CA GLU B 249 -37.57 22.26 9.48
C GLU B 249 -36.36 21.77 10.28
N LEU B 250 -36.15 20.46 10.31
CA LEU B 250 -35.08 19.85 11.07
C LEU B 250 -34.08 19.17 10.14
N GLN B 251 -32.80 19.33 10.45
CA GLN B 251 -31.71 18.77 9.65
C GLN B 251 -30.76 18.04 10.59
N LEU B 252 -30.74 16.71 10.49
CA LEU B 252 -29.97 15.84 11.38
C LEU B 252 -29.15 14.84 10.56
N SER B 253 -28.47 15.33 9.53
CA SER B 253 -27.75 14.47 8.62
C SER B 253 -26.30 14.29 9.05
N ARG B 254 -25.64 13.29 8.47
CA ARG B 254 -24.22 13.02 8.70
C ARG B 254 -23.90 12.88 10.19
N ASN B 255 -24.75 12.15 10.91
CA ASN B 255 -24.54 11.95 12.34
C ASN B 255 -24.47 10.48 12.69
N GLN B 256 -24.62 10.15 13.98
CA GLN B 256 -24.57 8.77 14.44
C GLN B 256 -25.85 8.40 15.17
N ILE B 257 -27.00 8.69 14.56
CA ILE B 257 -28.30 8.50 15.19
C ILE B 257 -28.88 7.17 14.72
N SER B 258 -29.42 6.39 15.67
CA SER B 258 -30.04 5.11 15.35
C SER B 258 -31.42 4.96 15.97
N ASP B 259 -32.00 6.02 16.54
CA ASP B 259 -33.31 5.94 17.16
C ASP B 259 -34.02 7.28 16.95
N ILE B 260 -34.98 7.30 16.02
CA ILE B 260 -35.73 8.52 15.74
C ILE B 260 -37.05 8.50 16.52
N ALA B 261 -37.08 7.78 17.64
CA ALA B 261 -38.27 7.75 18.47
C ALA B 261 -38.70 9.12 18.99
N PRO B 262 -37.79 10.02 19.44
CA PRO B 262 -38.25 11.33 19.94
C PRO B 262 -38.93 12.21 18.89
N LEU B 263 -38.98 11.76 17.65
CA LEU B 263 -39.56 12.56 16.57
C LEU B 263 -41.06 12.37 16.40
N GLU B 264 -41.69 11.51 17.21
CA GLU B 264 -43.11 11.23 17.04
C GLU B 264 -44.00 12.44 17.34
N SER B 265 -43.49 13.45 18.02
CA SER B 265 -44.30 14.56 18.48
C SER B 265 -44.19 15.79 17.60
N LEU B 266 -43.16 15.89 16.76
CA LEU B 266 -42.92 17.08 15.95
C LEU B 266 -43.82 17.07 14.71
N LYS B 267 -45.13 17.15 14.97
CA LYS B 267 -46.11 17.10 13.88
C LYS B 267 -46.13 18.34 13.01
N SER B 268 -45.35 19.36 13.36
CA SER B 268 -45.27 20.58 12.55
C SER B 268 -44.13 20.55 11.55
N LEU B 269 -43.37 19.46 11.49
CA LEU B 269 -42.23 19.38 10.59
C LEU B 269 -42.69 19.26 9.14
N THR B 270 -42.04 20.02 8.26
CA THR B 270 -42.24 19.92 6.83
C THR B 270 -40.98 19.56 6.06
N GLU B 271 -39.79 19.74 6.65
CA GLU B 271 -38.53 19.38 6.02
C GLU B 271 -37.67 18.66 7.05
N LEU B 272 -37.52 17.35 6.89
CA LEU B 272 -36.69 16.53 7.76
C LEU B 272 -35.64 15.80 6.93
N GLN B 273 -34.39 15.89 7.35
CA GLN B 273 -33.28 15.24 6.65
C GLN B 273 -32.32 14.67 7.68
N LEU B 274 -32.23 13.35 7.74
CA LEU B 274 -31.35 12.64 8.68
C LEU B 274 -30.49 11.62 7.94
N SER B 275 -29.99 12.00 6.77
CA SER B 275 -29.23 11.08 5.93
C SER B 275 -27.88 10.74 6.57
N SER B 276 -27.31 9.62 6.13
CA SER B 276 -26.02 9.12 6.59
C SER B 276 -25.99 8.96 8.11
N ASN B 277 -26.82 8.01 8.57
CA ASN B 277 -26.88 7.63 9.97
C ASN B 277 -26.91 6.12 10.09
N GLN B 278 -27.52 5.61 11.16
CA GLN B 278 -27.68 4.17 11.36
C GLN B 278 -29.15 3.81 11.58
N ILE B 279 -30.05 4.53 10.92
CA ILE B 279 -31.48 4.35 11.13
C ILE B 279 -31.93 3.07 10.43
N THR B 280 -32.62 2.21 11.18
CA THR B 280 -33.22 1.00 10.64
C THR B 280 -34.74 0.99 10.75
N ASP B 281 -35.29 1.53 11.83
CA ASP B 281 -36.73 1.60 12.04
C ASP B 281 -37.18 3.04 11.81
N ILE B 282 -38.10 3.23 10.87
CA ILE B 282 -38.63 4.55 10.56
C ILE B 282 -40.11 4.59 10.90
N ALA B 283 -40.51 3.82 11.91
CA ALA B 283 -41.90 3.85 12.36
C ALA B 283 -42.35 5.23 12.87
N PRO B 284 -41.56 5.98 13.65
CA PRO B 284 -42.05 7.28 14.12
C PRO B 284 -42.44 8.24 13.02
N LEU B 285 -41.86 8.11 11.82
CA LEU B 285 -42.14 9.04 10.73
C LEU B 285 -43.57 8.93 10.21
N ALA B 286 -44.32 7.90 10.61
CA ALA B 286 -45.70 7.77 10.14
C ALA B 286 -46.63 8.81 10.78
N SER B 287 -46.21 9.44 11.86
CA SER B 287 -47.03 10.44 12.54
C SER B 287 -46.83 11.84 12.00
N LEU B 288 -45.75 12.10 11.26
CA LEU B 288 -45.44 13.44 10.76
C LEU B 288 -46.06 13.63 9.37
N LYS B 289 -47.40 13.62 9.36
CA LYS B 289 -48.16 13.72 8.13
C LYS B 289 -48.01 15.07 7.43
N SER B 290 -47.28 16.03 8.01
CA SER B 290 -47.07 17.33 7.40
C SER B 290 -45.71 17.43 6.71
N LEU B 291 -44.99 16.32 6.56
CA LEU B 291 -43.68 16.36 5.92
C LEU B 291 -43.81 16.57 4.42
N THR B 292 -42.95 17.42 3.87
CA THR B 292 -42.90 17.67 2.43
C THR B 292 -41.56 17.37 1.80
N GLU B 293 -40.48 17.25 2.58
CA GLU B 293 -39.15 16.96 2.06
C GLU B 293 -38.45 16.06 3.06
N LEU B 294 -38.39 14.77 2.76
CA LEU B 294 -37.78 13.78 3.63
C LEU B 294 -36.54 13.20 2.96
N GLN B 295 -35.41 13.25 3.68
CA GLN B 295 -34.14 12.72 3.19
C GLN B 295 -33.57 11.80 4.25
N LEU B 296 -33.54 10.50 3.95
CA LEU B 296 -32.93 9.48 4.81
C LEU B 296 -32.21 8.51 3.86
N SER B 297 -30.94 8.80 3.59
CA SER B 297 -30.22 8.06 2.57
C SER B 297 -29.28 7.00 3.16
N ARG B 298 -27.97 7.26 3.13
CA ARG B 298 -26.92 6.36 3.60
C ARG B 298 -27.18 5.75 4.98
N ASN B 299 -28.36 5.18 5.19
CA ASN B 299 -28.76 4.53 6.44
C ASN B 299 -28.81 3.02 6.23
N GLN B 300 -29.66 2.33 6.99
CA GLN B 300 -29.83 0.89 6.90
C GLN B 300 -31.29 0.50 6.84
N ILE B 301 -32.14 1.37 6.29
CA ILE B 301 -33.58 1.14 6.29
C ILE B 301 -33.93 0.05 5.26
N SER B 302 -34.74 -0.91 5.69
CA SER B 302 -35.20 -1.98 4.81
C SER B 302 -36.71 -2.08 4.68
N ASP B 303 -37.47 -1.34 5.48
CA ASP B 303 -38.93 -1.39 5.46
C ASP B 303 -39.45 0.04 5.46
N ILE B 304 -40.00 0.47 4.32
CA ILE B 304 -40.51 1.83 4.18
C ILE B 304 -42.03 1.82 4.29
N ALA B 305 -42.57 0.87 5.04
CA ALA B 305 -44.01 0.82 5.24
C ALA B 305 -44.57 2.03 5.99
N PRO B 306 -43.94 2.56 7.04
CA PRO B 306 -44.55 3.70 7.76
C PRO B 306 -44.74 4.95 6.91
N LEU B 307 -44.05 5.07 5.78
CA LEU B 307 -44.17 6.26 4.95
C LEU B 307 -45.49 6.33 4.19
N GLU B 308 -46.39 5.37 4.40
CA GLU B 308 -47.63 5.33 3.65
C GLU B 308 -48.56 6.49 4.02
N SER B 309 -48.44 7.02 5.23
CA SER B 309 -49.33 8.07 5.69
C SER B 309 -48.91 9.47 5.23
N LEU B 310 -47.69 9.63 4.73
CA LEU B 310 -47.17 10.95 4.35
C LEU B 310 -47.62 11.29 2.93
N ASN B 311 -48.92 11.63 2.82
CA ASN B 311 -49.50 11.92 1.51
C ASN B 311 -49.05 13.26 0.96
N SER B 312 -48.49 14.14 1.79
CA SER B 312 -47.99 15.44 1.34
C SER B 312 -46.51 15.40 0.98
N LEU B 313 -45.90 14.22 0.99
CA LEU B 313 -44.48 14.09 0.68
C LEU B 313 -44.24 14.30 -0.81
N SER B 314 -43.37 15.25 -1.14
CA SER B 314 -43.03 15.55 -2.52
C SER B 314 -41.58 15.24 -2.89
N LYS B 315 -40.64 15.42 -1.96
CA LYS B 315 -39.23 15.11 -2.19
C LYS B 315 -38.83 13.99 -1.24
N LEU B 316 -38.45 12.84 -1.80
CA LEU B 316 -38.15 11.64 -1.02
C LEU B 316 -36.83 11.08 -1.51
N TRP B 317 -35.87 10.93 -0.60
CA TRP B 317 -34.55 10.40 -0.91
C TRP B 317 -34.30 9.15 -0.09
N LEU B 318 -34.02 8.03 -0.76
CA LEU B 318 -33.83 6.75 -0.09
C LEU B 318 -32.63 5.98 -0.64
N ASN B 319 -31.58 6.69 -1.05
CA ASN B 319 -30.44 6.03 -1.67
C ASN B 319 -29.53 5.38 -0.63
N GLY B 320 -28.95 4.25 -1.02
CA GLY B 320 -27.97 3.59 -0.17
C GLY B 320 -28.54 2.74 0.96
N ASN B 321 -29.76 2.24 0.82
CA ASN B 321 -30.38 1.40 1.82
C ASN B 321 -30.46 -0.04 1.30
N GLN B 322 -31.36 -0.82 1.88
CA GLN B 322 -31.61 -2.21 1.49
C GLN B 322 -33.09 -2.43 1.21
N ILE B 323 -33.69 -1.49 0.47
CA ILE B 323 -35.11 -1.54 0.18
C ILE B 323 -35.36 -2.52 -0.95
N THR B 324 -36.27 -3.47 -0.75
CA THR B 324 -36.66 -4.41 -1.77
C THR B 324 -38.11 -4.30 -2.20
N ASP B 325 -38.99 -3.78 -1.35
CA ASP B 325 -40.41 -3.61 -1.68
C ASP B 325 -40.77 -2.15 -1.53
N ILE B 326 -41.14 -1.51 -2.64
CA ILE B 326 -41.53 -0.09 -2.62
C ILE B 326 -43.02 0.02 -2.80
N ALA B 327 -43.75 -1.02 -2.37
CA ALA B 327 -45.21 -0.98 -2.44
C ALA B 327 -45.85 0.16 -1.65
N PRO B 328 -45.38 0.53 -0.45
CA PRO B 328 -46.00 1.66 0.25
C PRO B 328 -45.92 2.98 -0.50
N LEU B 329 -44.99 3.13 -1.43
CA LEU B 329 -44.83 4.38 -2.16
C LEU B 329 -45.97 4.66 -3.13
N ALA B 330 -46.82 3.66 -3.41
CA ALA B 330 -47.89 3.85 -4.37
C ALA B 330 -48.97 4.81 -3.88
N SER B 331 -49.05 5.02 -2.56
CA SER B 331 -50.03 5.93 -1.98
C SER B 331 -49.53 7.36 -1.88
N LEU B 332 -48.31 7.64 -2.36
CA LEU B 332 -47.73 8.98 -2.25
C LEU B 332 -47.86 9.70 -3.58
N ASN B 333 -49.12 10.01 -3.93
CA ASN B 333 -49.45 10.65 -5.20
C ASN B 333 -48.97 12.09 -5.29
N SER B 334 -48.23 12.60 -4.31
CA SER B 334 -47.72 13.96 -4.33
C SER B 334 -46.21 14.01 -4.52
N LEU B 335 -45.57 12.86 -4.75
CA LEU B 335 -44.13 12.84 -4.97
C LEU B 335 -43.78 13.44 -6.32
N THR B 336 -42.79 14.34 -6.32
CA THR B 336 -42.28 14.91 -7.57
C THR B 336 -40.80 14.65 -7.78
N GLU B 337 -40.09 14.09 -6.79
CA GLU B 337 -38.66 13.83 -6.92
C GLU B 337 -38.34 12.64 -6.01
N LEU B 338 -38.27 11.46 -6.61
CA LEU B 338 -37.93 10.23 -5.90
C LEU B 338 -36.45 9.92 -6.06
N GLU B 339 -35.92 9.16 -5.10
CA GLU B 339 -34.51 8.80 -5.09
C GLU B 339 -34.39 7.42 -4.44
N LEU B 340 -34.38 6.38 -5.25
CA LEU B 340 -34.29 5.00 -4.79
C LEU B 340 -33.02 4.33 -5.30
N SER B 341 -31.93 5.09 -5.37
CA SER B 341 -30.70 4.58 -5.92
C SER B 341 -29.97 3.70 -4.90
N SER B 342 -29.01 2.92 -5.41
CA SER B 342 -28.10 2.12 -4.59
C SER B 342 -28.86 1.26 -3.58
N ASN B 343 -29.96 0.65 -4.04
CA ASN B 343 -30.74 -0.24 -3.19
C ASN B 343 -30.70 -1.66 -3.74
N GLN B 344 -31.77 -2.42 -3.53
CA GLN B 344 -31.90 -3.77 -4.06
C GLN B 344 -33.29 -3.98 -4.64
N ILE B 345 -33.83 -2.94 -5.28
CA ILE B 345 -35.20 -2.96 -5.76
C ILE B 345 -35.30 -3.81 -7.01
N THR B 346 -36.24 -4.75 -7.01
CA THR B 346 -36.52 -5.61 -8.17
C THR B 346 -37.81 -5.23 -8.87
N ASP B 347 -38.90 -5.03 -8.13
CA ASP B 347 -40.18 -4.68 -8.71
C ASP B 347 -40.36 -3.17 -8.69
N ILE B 348 -40.93 -2.65 -9.78
CA ILE B 348 -41.14 -1.22 -9.98
C ILE B 348 -42.61 -0.88 -10.23
N ALA B 349 -43.49 -1.87 -10.13
CA ALA B 349 -44.90 -1.64 -10.39
C ALA B 349 -45.55 -0.57 -9.49
N PRO B 350 -45.26 -0.50 -8.19
CA PRO B 350 -45.96 0.50 -7.36
C PRO B 350 -45.76 1.94 -7.78
N LEU B 351 -44.70 2.24 -8.52
CA LEU B 351 -44.44 3.62 -8.95
C LEU B 351 -45.30 4.03 -10.14
N ALA B 352 -46.16 3.15 -10.65
CA ALA B 352 -46.95 3.48 -11.83
C ALA B 352 -48.09 4.43 -11.50
N SER B 353 -48.56 4.43 -10.26
CA SER B 353 -49.67 5.28 -9.86
C SER B 353 -49.25 6.70 -9.51
N LEU B 354 -47.94 6.98 -9.48
CA LEU B 354 -47.43 8.30 -9.11
C LEU B 354 -47.33 9.15 -10.38
N LYS B 355 -48.50 9.55 -10.87
CA LYS B 355 -48.60 10.27 -12.14
C LYS B 355 -47.96 11.66 -12.08
N SER B 356 -47.69 12.19 -10.89
CA SER B 356 -47.08 13.50 -10.76
C SER B 356 -45.58 13.44 -10.55
N LEU B 357 -44.98 12.25 -10.55
CA LEU B 357 -43.54 12.13 -10.37
C LEU B 357 -42.81 12.72 -11.57
N SER B 358 -41.78 13.51 -11.30
CA SER B 358 -41.02 14.18 -12.35
C SER B 358 -39.53 13.88 -12.35
N THR B 359 -38.97 13.35 -11.26
CA THR B 359 -37.55 13.07 -11.18
C THR B 359 -37.35 11.74 -10.46
N LEU B 360 -36.86 10.74 -11.19
CA LEU B 360 -36.59 9.40 -10.66
C LEU B 360 -35.10 9.09 -10.76
N TRP B 361 -34.54 8.58 -9.67
CA TRP B 361 -33.14 8.14 -9.65
C TRP B 361 -33.14 6.70 -9.13
N LEU B 362 -33.06 5.73 -10.04
CA LEU B 362 -33.12 4.32 -9.72
C LEU B 362 -31.82 3.60 -10.06
N SER B 363 -30.69 4.30 -9.97
CA SER B 363 -29.42 3.71 -10.34
C SER B 363 -28.98 2.66 -9.31
N SER B 364 -28.22 1.68 -9.80
CA SER B 364 -27.64 0.61 -8.98
C SER B 364 -28.74 -0.15 -8.20
N ASN B 365 -29.46 -0.97 -8.95
CA ASN B 365 -30.51 -1.79 -8.39
C ASN B 365 -30.49 -3.14 -9.11
N GLN B 366 -31.62 -3.86 -9.07
CA GLN B 366 -31.80 -5.11 -9.79
C GLN B 366 -33.06 -5.05 -10.65
N ILE B 367 -33.37 -3.88 -11.19
CA ILE B 367 -34.60 -3.70 -11.97
C ILE B 367 -34.44 -4.39 -13.31
N SER B 368 -35.44 -5.18 -13.68
CA SER B 368 -35.44 -5.88 -14.96
C SER B 368 -36.54 -5.42 -15.91
N ASP B 369 -37.70 -5.01 -15.40
CA ASP B 369 -38.80 -4.55 -16.22
C ASP B 369 -39.12 -3.10 -15.87
N ILE B 370 -39.19 -2.25 -16.89
CA ILE B 370 -39.54 -0.85 -16.74
C ILE B 370 -40.86 -0.51 -17.44
N ALA B 371 -41.66 -1.53 -17.73
CA ALA B 371 -42.97 -1.29 -18.33
C ALA B 371 -43.91 -0.47 -17.43
N PRO B 372 -43.94 -0.65 -16.11
CA PRO B 372 -44.81 0.22 -15.29
C PRO B 372 -44.48 1.70 -15.39
N LEU B 373 -43.30 2.07 -15.91
CA LEU B 373 -42.93 3.47 -16.04
C LEU B 373 -43.65 4.16 -17.19
N ALA B 374 -44.45 3.45 -17.99
CA ALA B 374 -45.19 4.07 -19.06
C ALA B 374 -46.36 4.91 -18.57
N SER B 375 -46.72 4.81 -17.29
CA SER B 375 -47.81 5.60 -16.73
C SER B 375 -47.33 6.87 -16.05
N LEU B 376 -46.04 7.18 -16.12
CA LEU B 376 -45.48 8.40 -15.51
C LEU B 376 -45.46 9.51 -16.56
N GLU B 377 -46.65 10.08 -16.81
CA GLU B 377 -46.79 11.10 -17.84
C GLU B 377 -46.03 12.38 -17.52
N SER B 378 -45.76 12.65 -16.24
CA SER B 378 -45.06 13.85 -15.83
C SER B 378 -43.57 13.62 -15.60
N LEU B 379 -43.08 12.40 -15.82
CA LEU B 379 -41.66 12.12 -15.61
C LEU B 379 -40.82 12.82 -16.66
N SER B 380 -39.85 13.61 -16.21
CA SER B 380 -39.01 14.39 -17.10
C SER B 380 -37.53 14.02 -17.05
N GLU B 381 -37.01 13.58 -15.90
CA GLU B 381 -35.63 13.18 -15.77
C GLU B 381 -35.56 11.83 -15.08
N LEU B 382 -34.79 10.91 -15.64
CA LEU B 382 -34.73 9.53 -15.18
C LEU B 382 -33.29 9.03 -15.21
N SER B 383 -32.99 8.06 -14.36
CA SER B 383 -31.67 7.44 -14.33
C SER B 383 -31.84 5.98 -13.95
N LEU B 384 -31.46 5.08 -14.87
CA LEU B 384 -31.60 3.64 -14.67
C LEU B 384 -30.27 2.93 -14.82
N SER B 385 -29.17 3.63 -14.57
CA SER B 385 -27.85 3.05 -14.77
C SER B 385 -27.58 1.92 -13.78
N SER B 386 -26.73 0.98 -14.20
CA SER B 386 -26.32 -0.17 -13.39
C SER B 386 -27.54 -0.98 -12.94
N ASN B 387 -28.20 -1.57 -13.93
CA ASN B 387 -29.38 -2.39 -13.69
C ASN B 387 -29.34 -3.60 -14.63
N GLN B 388 -30.48 -4.30 -14.73
CA GLN B 388 -30.60 -5.46 -15.59
C GLN B 388 -31.71 -5.26 -16.59
N ILE B 389 -31.73 -4.11 -17.25
CA ILE B 389 -32.77 -3.76 -18.21
C ILE B 389 -32.30 -4.15 -19.61
N SER B 390 -33.19 -4.78 -20.38
CA SER B 390 -32.90 -5.17 -21.74
C SER B 390 -33.84 -4.55 -22.76
N ASP B 391 -34.82 -3.77 -22.32
CA ASP B 391 -35.80 -3.17 -23.22
C ASP B 391 -36.23 -1.83 -22.68
N ILE B 392 -35.99 -0.77 -23.44
CA ILE B 392 -36.39 0.58 -23.08
C ILE B 392 -37.50 1.10 -24.00
N SER B 393 -38.20 0.20 -24.68
CA SER B 393 -39.26 0.55 -25.62
C SER B 393 -40.47 1.21 -24.92
N PRO B 394 -40.95 0.70 -23.78
CA PRO B 394 -42.12 1.31 -23.15
C PRO B 394 -41.94 2.79 -22.79
N LEU B 395 -40.69 3.24 -22.62
CA LEU B 395 -40.45 4.64 -22.29
C LEU B 395 -40.61 5.57 -23.49
N ALA B 396 -40.81 5.03 -24.69
CA ALA B 396 -41.00 5.87 -25.86
C ALA B 396 -42.32 6.61 -25.85
N SER B 397 -43.21 6.30 -24.90
CA SER B 397 -44.47 7.01 -24.75
C SER B 397 -44.36 8.24 -23.86
N LEU B 398 -43.28 8.38 -23.10
CA LEU B 398 -43.07 9.52 -22.21
C LEU B 398 -42.64 10.71 -23.04
N ASN B 399 -43.60 11.47 -23.55
CA ASN B 399 -43.31 12.63 -24.38
C ASN B 399 -42.79 13.82 -23.58
N SER B 400 -42.71 13.72 -22.25
CA SER B 400 -42.19 14.79 -21.42
C SER B 400 -40.79 14.50 -20.89
N LEU B 401 -40.17 13.42 -21.35
CA LEU B 401 -38.81 13.10 -20.91
C LEU B 401 -37.81 14.07 -21.50
N THR B 402 -36.99 14.68 -20.65
CA THR B 402 -35.97 15.63 -21.06
C THR B 402 -34.61 15.26 -20.47
N GLY B 403 -34.25 13.98 -20.57
CA GLY B 403 -32.99 13.51 -20.05
C GLY B 403 -33.13 12.26 -19.19
N PHE B 404 -32.90 11.10 -19.78
CA PHE B 404 -32.95 9.84 -19.04
C PHE B 404 -31.69 9.03 -19.30
N ASP B 405 -31.16 8.42 -18.25
CA ASP B 405 -29.87 7.74 -18.27
C ASP B 405 -30.09 6.23 -18.20
N VAL B 406 -29.39 5.48 -19.05
CA VAL B 406 -29.54 4.03 -19.11
C VAL B 406 -28.19 3.36 -19.30
N ARG B 407 -27.17 3.86 -18.62
CA ARG B 407 -25.84 3.28 -18.73
C ARG B 407 -25.78 1.93 -18.02
N ARG B 408 -24.72 1.18 -18.33
CA ARG B 408 -24.38 -0.08 -17.66
C ARG B 408 -25.59 -1.00 -17.54
N ASN B 409 -26.32 -1.15 -18.64
CA ASN B 409 -27.48 -2.02 -18.71
C ASN B 409 -27.33 -2.98 -19.88
N PRO B 410 -27.78 -4.23 -19.72
CA PRO B 410 -27.65 -5.19 -20.82
C PRO B 410 -28.63 -4.93 -21.96
N ILE B 411 -28.49 -3.79 -22.62
CA ILE B 411 -29.33 -3.43 -23.76
C ILE B 411 -28.59 -3.79 -25.04
N LYS B 412 -29.20 -4.66 -25.85
CA LYS B 412 -28.62 -5.09 -27.11
C LYS B 412 -29.12 -4.29 -28.30
N ARG B 413 -30.42 -4.03 -28.36
CA ARG B 413 -31.03 -3.32 -29.48
C ARG B 413 -31.93 -2.21 -28.95
N LEU B 414 -31.84 -1.05 -29.60
CA LEU B 414 -32.66 0.12 -29.27
C LEU B 414 -33.89 0.17 -30.16
N PRO B 415 -35.02 0.63 -29.64
CA PRO B 415 -36.21 0.77 -30.48
C PRO B 415 -36.04 1.94 -31.45
N GLU B 416 -36.62 1.76 -32.64
CA GLU B 416 -36.52 2.80 -33.67
C GLU B 416 -37.13 4.12 -33.22
N THR B 417 -38.06 4.09 -32.27
CA THR B 417 -38.68 5.32 -31.76
C THR B 417 -37.76 6.11 -30.84
N ILE B 418 -36.55 5.61 -30.55
CA ILE B 418 -35.63 6.33 -29.69
C ILE B 418 -35.06 7.59 -30.35
N THR B 419 -35.23 7.74 -31.65
CA THR B 419 -34.79 8.93 -32.36
C THR B 419 -35.87 10.01 -32.43
N GLY B 420 -37.07 9.73 -31.92
CA GLY B 420 -38.16 10.68 -31.88
C GLY B 420 -38.22 11.57 -30.66
N PHE B 421 -37.35 11.34 -29.68
CA PHE B 421 -37.31 12.19 -28.49
C PHE B 421 -36.76 13.57 -28.83
N ASP B 422 -37.02 14.52 -27.93
CA ASP B 422 -36.47 15.87 -28.04
C ASP B 422 -35.07 15.98 -27.45
N MET B 423 -34.32 14.90 -27.46
CA MET B 423 -33.00 14.85 -26.84
C MET B 423 -31.99 14.30 -27.84
N GLU B 424 -30.73 14.63 -27.62
CA GLU B 424 -29.64 14.10 -28.42
C GLU B 424 -29.03 12.90 -27.71
N ILE B 425 -28.73 11.86 -28.47
CA ILE B 425 -28.18 10.62 -27.91
C ILE B 425 -26.67 10.76 -27.79
N LEU B 426 -26.13 10.38 -26.64
CA LEU B 426 -24.71 10.49 -26.35
C LEU B 426 -24.17 9.14 -25.90
N TRP B 427 -22.84 9.03 -25.93
CA TRP B 427 -22.12 7.84 -25.45
C TRP B 427 -21.04 8.34 -24.49
N ASN B 428 -21.44 8.55 -23.23
CA ASN B 428 -20.55 9.05 -22.21
C ASN B 428 -20.85 8.33 -20.90
N ASP B 429 -19.98 8.54 -19.91
CA ASP B 429 -20.10 7.89 -18.61
C ASP B 429 -20.65 8.83 -17.54
N PHE B 430 -21.67 9.61 -17.86
CA PHE B 430 -22.33 10.47 -16.88
C PHE B 430 -23.80 10.60 -17.27
N SER B 431 -24.55 11.39 -16.50
CA SER B 431 -25.97 11.59 -16.72
C SER B 431 -26.22 13.09 -16.91
N SER B 432 -26.09 13.55 -18.15
CA SER B 432 -26.33 14.94 -18.48
C SER B 432 -27.80 15.17 -18.81
N SER B 433 -28.32 16.32 -18.39
CA SER B 433 -29.72 16.65 -18.63
C SER B 433 -29.96 16.93 -20.12
N GLY B 434 -31.11 16.49 -20.61
CA GLY B 434 -31.44 16.71 -22.01
C GLY B 434 -30.70 15.83 -22.98
N PHE B 435 -30.19 14.68 -22.54
CA PHE B 435 -29.42 13.78 -23.39
C PHE B 435 -29.72 12.34 -23.02
N ILE B 436 -29.83 11.49 -24.02
CA ILE B 436 -29.93 10.05 -23.82
C ILE B 436 -28.52 9.49 -23.78
N THR B 437 -28.09 9.03 -22.61
CA THR B 437 -26.71 8.62 -22.41
C THR B 437 -26.60 7.10 -22.38
N PHE B 438 -25.62 6.57 -23.09
CA PHE B 438 -25.30 5.15 -23.08
C PHE B 438 -23.83 4.96 -22.75
N PHE B 439 -23.55 3.87 -22.03
CA PHE B 439 -22.18 3.49 -21.71
C PHE B 439 -22.21 2.07 -21.15
N ASP B 440 -21.18 1.29 -21.49
CA ASP B 440 -21.07 -0.10 -21.04
C ASP B 440 -22.31 -0.89 -21.42
N ASN B 441 -22.80 -0.68 -22.64
CA ASN B 441 -23.96 -1.36 -23.16
C ASN B 441 -23.57 -2.25 -24.34
N PRO B 442 -23.95 -3.52 -24.34
CA PRO B 442 -23.65 -4.41 -25.48
C PRO B 442 -24.55 -4.11 -26.67
N LEU B 443 -24.46 -2.90 -27.20
CA LEU B 443 -25.36 -2.46 -28.25
C LEU B 443 -25.01 -3.10 -29.59
N GLU B 444 -26.00 -3.72 -30.21
CA GLU B 444 -25.89 -4.28 -31.55
C GLU B 444 -26.61 -3.45 -32.60
N SER B 445 -27.82 -2.98 -32.30
CA SER B 445 -28.62 -2.21 -33.25
C SER B 445 -29.24 -1.02 -32.51
N PRO B 446 -28.64 0.16 -32.60
CA PRO B 446 -27.40 0.42 -33.33
C PRO B 446 -26.16 0.14 -32.48
N PRO B 447 -25.01 -0.08 -33.11
CA PRO B 447 -23.78 -0.31 -32.36
C PRO B 447 -23.30 0.97 -31.69
N PRO B 448 -22.41 0.88 -30.70
CA PRO B 448 -21.92 2.10 -30.04
C PRO B 448 -21.21 3.06 -30.98
N GLU B 449 -20.62 2.55 -32.07
CA GLU B 449 -19.92 3.40 -33.01
C GLU B 449 -20.86 4.37 -33.73
N ILE B 450 -22.17 4.11 -33.69
CA ILE B 450 -23.15 4.97 -34.34
C ILE B 450 -23.86 5.81 -33.28
N VAL B 451 -23.93 5.30 -32.05
CA VAL B 451 -24.64 6.01 -30.99
C VAL B 451 -23.90 7.30 -30.61
N LYS B 452 -22.57 7.26 -30.60
CA LYS B 452 -21.79 8.43 -30.19
C LYS B 452 -21.91 9.59 -31.17
N GLN B 453 -22.44 9.36 -32.37
CA GLN B 453 -22.54 10.39 -33.39
C GLN B 453 -23.88 11.11 -33.40
N GLY B 454 -24.77 10.81 -32.47
CA GLY B 454 -25.99 11.57 -32.30
C GLY B 454 -27.20 10.87 -32.88
N LYS B 455 -28.34 11.57 -32.77
CA LYS B 455 -29.60 11.02 -33.26
C LYS B 455 -29.58 10.81 -34.76
N GLU B 456 -29.04 11.78 -35.51
CA GLU B 456 -29.02 11.66 -36.96
C GLU B 456 -28.21 10.47 -37.43
N ALA B 457 -27.28 9.97 -36.62
CA ALA B 457 -26.57 8.75 -36.98
C ALA B 457 -27.41 7.53 -36.66
N VAL B 458 -27.99 7.49 -35.46
CA VAL B 458 -28.87 6.39 -35.08
C VAL B 458 -30.08 6.34 -36.02
N ARG B 459 -30.56 7.51 -36.45
CA ARG B 459 -31.70 7.53 -37.37
C ARG B 459 -31.30 7.04 -38.76
N GLN B 460 -30.09 7.38 -39.21
CA GLN B 460 -29.66 6.92 -40.53
C GLN B 460 -29.30 5.45 -40.55
N TYR B 461 -28.95 4.87 -39.41
CA TYR B 461 -28.68 3.43 -39.36
C TYR B 461 -29.98 2.64 -39.47
N PHE B 462 -30.99 3.00 -38.68
CA PHE B 462 -32.28 2.34 -38.79
C PHE B 462 -32.91 2.55 -40.17
N GLN B 463 -32.63 3.70 -40.79
CA GLN B 463 -33.19 3.97 -42.11
C GLN B 463 -32.47 3.15 -43.19
N SER B 464 -31.23 2.76 -42.94
CA SER B 464 -30.49 1.95 -43.92
C SER B 464 -30.95 0.50 -43.91
N ILE B 465 -31.14 -0.08 -42.72
CA ILE B 465 -31.61 -1.46 -42.65
C ILE B 465 -33.07 -1.55 -43.07
N GLU B 466 -33.84 -0.47 -42.90
CA GLU B 466 -35.22 -0.47 -43.36
C GLU B 466 -35.29 -0.41 -44.88
N GLU B 467 -34.45 0.43 -45.50
CA GLU B 467 -34.43 0.50 -46.96
C GLU B 467 -33.87 -0.77 -47.59
N ALA B 468 -32.95 -1.44 -46.90
CA ALA B 468 -32.38 -2.67 -47.43
C ALA B 468 -33.39 -3.81 -47.39
N ARG B 469 -34.07 -3.98 -46.25
CA ARG B 469 -35.04 -5.06 -46.13
C ARG B 469 -36.31 -4.78 -46.93
N SER B 470 -36.64 -3.51 -47.15
CA SER B 470 -37.76 -3.19 -48.03
C SER B 470 -37.46 -3.62 -49.45
N LYS B 471 -36.20 -3.58 -49.86
CA LYS B 471 -35.76 -4.06 -51.17
C LYS B 471 -35.53 -5.57 -51.18
N GLY B 472 -35.87 -6.26 -50.10
CA GLY B 472 -35.68 -7.70 -50.05
C GLY B 472 -34.26 -8.16 -49.84
N GLU B 473 -33.38 -7.28 -49.36
CA GLU B 473 -31.98 -7.62 -49.16
C GLU B 473 -31.78 -8.16 -47.75
N ALA B 474 -31.20 -9.35 -47.66
CA ALA B 474 -30.93 -9.94 -46.35
C ALA B 474 -29.75 -9.23 -45.70
N LEU B 475 -29.92 -8.87 -44.43
CA LEU B 475 -28.88 -8.14 -43.71
C LEU B 475 -27.64 -9.01 -43.55
N VAL B 476 -26.48 -8.34 -43.55
CA VAL B 476 -25.19 -9.02 -43.50
C VAL B 476 -24.39 -8.46 -42.32
N HIS B 477 -23.65 -9.34 -41.66
CA HIS B 477 -22.74 -8.93 -40.59
C HIS B 477 -21.39 -8.60 -41.19
N LEU B 478 -20.37 -8.41 -40.35
CA LEU B 478 -19.07 -7.95 -40.81
C LEU B 478 -18.01 -9.06 -40.81
N GLN B 479 -17.76 -9.68 -39.65
CA GLN B 479 -16.69 -10.66 -39.49
C GLN B 479 -15.34 -10.04 -39.86
N GLU B 480 -14.94 -9.04 -39.08
CA GLU B 480 -13.68 -8.35 -39.28
C GLU B 480 -13.23 -7.80 -37.94
N ILE B 481 -12.05 -8.21 -37.49
CA ILE B 481 -11.54 -7.83 -36.18
C ILE B 481 -10.06 -7.46 -36.30
N LYS B 482 -9.57 -6.73 -35.30
CA LYS B 482 -8.17 -6.35 -35.21
C LYS B 482 -7.51 -7.17 -34.11
N VAL B 483 -6.39 -7.81 -34.44
CA VAL B 483 -5.64 -8.63 -33.49
C VAL B 483 -4.49 -7.80 -32.96
N HIS B 484 -4.60 -7.34 -31.72
CA HIS B 484 -3.56 -6.54 -31.09
C HIS B 484 -2.51 -7.47 -30.50
N LEU B 485 -1.31 -7.49 -31.10
CA LEU B 485 -0.19 -8.28 -30.58
C LEU B 485 0.46 -7.49 -29.45
N ILE B 486 0.36 -8.02 -28.23
CA ILE B 486 0.85 -7.35 -27.03
C ILE B 486 1.93 -8.21 -26.39
N GLY B 487 3.02 -7.58 -26.01
CA GLY B 487 4.14 -8.26 -25.38
C GLY B 487 5.39 -7.43 -25.48
N ASP B 488 6.33 -7.70 -24.58
CA ASP B 488 7.59 -6.99 -24.53
C ASP B 488 8.61 -7.76 -25.38
N GLY B 489 8.98 -7.18 -26.53
CA GLY B 489 9.92 -7.80 -27.42
C GLY B 489 9.26 -8.55 -28.55
N MET B 490 9.76 -8.36 -29.77
CA MET B 490 9.23 -9.02 -30.95
C MET B 490 9.70 -10.46 -31.09
N ALA B 491 10.41 -11.00 -30.09
CA ALA B 491 10.88 -12.37 -30.16
C ALA B 491 9.71 -13.35 -30.20
N GLY B 492 8.65 -13.06 -29.47
CA GLY B 492 7.47 -13.91 -29.48
C GLY B 492 6.48 -13.51 -30.55
N LYS B 493 6.58 -12.27 -31.03
CA LYS B 493 5.67 -11.80 -32.08
C LYS B 493 6.03 -12.41 -33.43
N THR B 494 7.30 -12.27 -33.84
CA THR B 494 7.72 -12.83 -35.12
C THR B 494 7.71 -14.35 -35.13
N SER B 495 7.79 -14.98 -33.96
CA SER B 495 7.69 -16.44 -33.91
C SER B 495 6.26 -16.91 -34.10
N LEU B 496 5.28 -16.11 -33.67
CA LEU B 496 3.88 -16.42 -33.87
C LEU B 496 3.33 -15.93 -35.20
N LEU B 497 3.81 -14.77 -35.68
CA LEU B 497 3.33 -14.25 -36.95
C LEU B 497 3.72 -15.14 -38.13
N LYS B 498 4.76 -15.96 -37.98
CA LYS B 498 5.06 -16.97 -38.99
C LYS B 498 4.37 -18.29 -38.71
N GLN B 499 3.91 -18.52 -37.48
CA GLN B 499 3.22 -19.77 -37.16
C GLN B 499 1.80 -19.79 -37.73
N LEU B 500 1.16 -18.64 -37.84
CA LEU B 500 -0.18 -18.53 -38.44
C LEU B 500 -0.12 -18.36 -39.94
N ILE B 501 0.68 -17.41 -40.42
CA ILE B 501 0.80 -17.14 -41.85
C ILE B 501 1.47 -18.30 -42.57
N LEU B 515 4.63 1.07 -36.41
CA LEU B 515 3.44 0.24 -36.49
C LEU B 515 3.41 -0.55 -37.79
N ASN B 516 3.25 -1.86 -37.69
CA ASN B 516 3.18 -2.75 -38.85
C ASN B 516 1.83 -3.47 -38.82
N VAL B 517 1.00 -3.18 -39.80
CA VAL B 517 -0.33 -3.76 -39.91
C VAL B 517 -0.33 -4.75 -41.08
N VAL B 518 -0.47 -6.03 -40.77
CA VAL B 518 -0.54 -7.09 -41.77
C VAL B 518 -1.94 -7.69 -41.67
N THR B 519 -2.67 -7.68 -42.79
CA THR B 519 -4.03 -8.18 -42.84
C THR B 519 -4.11 -9.41 -43.73
N LYS B 520 -4.50 -10.54 -43.15
CA LYS B 520 -4.66 -11.79 -43.87
C LYS B 520 -6.01 -12.40 -43.49
N GLN B 521 -6.77 -12.79 -44.51
CA GLN B 521 -8.11 -13.31 -44.27
C GLN B 521 -8.03 -14.72 -43.69
N ALA B 522 -9.21 -15.31 -43.47
CA ALA B 522 -9.29 -16.57 -42.72
C ALA B 522 -8.62 -17.74 -43.42
N PRO B 523 -8.83 -18.00 -44.72
CA PRO B 523 -8.18 -19.16 -45.35
C PRO B 523 -6.66 -19.13 -45.29
N ASN B 524 -6.05 -18.00 -44.89
CA ASN B 524 -4.61 -17.90 -44.76
C ASN B 524 -4.12 -18.06 -43.32
N ILE B 525 -4.96 -18.63 -42.44
CA ILE B 525 -4.62 -18.82 -41.03
C ILE B 525 -4.52 -20.31 -40.76
N LYS B 526 -3.39 -20.71 -40.19
CA LYS B 526 -3.12 -22.11 -39.86
C LYS B 526 -4.07 -22.58 -38.76
N GLY B 527 -5.13 -23.28 -39.15
CA GLY B 527 -6.10 -23.81 -38.21
C GLY B 527 -7.53 -23.78 -38.72
N LEU B 528 -7.93 -22.68 -39.33
CA LEU B 528 -9.24 -22.54 -39.94
C LEU B 528 -9.11 -22.27 -41.44
N GLU B 529 -8.21 -23.01 -42.09
CA GLU B 529 -7.95 -22.81 -43.51
C GLU B 529 -9.19 -23.10 -44.35
N ASN B 530 -9.86 -24.21 -44.08
CA ASN B 530 -11.10 -24.51 -44.79
C ASN B 530 -12.28 -24.57 -43.82
N ASP B 531 -12.51 -23.48 -43.11
CA ASP B 531 -13.64 -23.34 -42.21
C ASP B 531 -14.69 -22.50 -42.93
N ASP B 532 -15.71 -23.16 -43.50
CA ASP B 532 -16.73 -22.49 -44.27
C ASP B 532 -17.61 -21.57 -43.43
N GLU B 533 -17.53 -21.66 -42.10
CA GLU B 533 -18.34 -20.81 -41.24
C GLU B 533 -17.87 -19.35 -41.24
N LEU B 534 -16.66 -19.09 -41.74
CA LEU B 534 -16.12 -17.73 -41.72
C LEU B 534 -15.10 -17.54 -42.85
N LYS B 535 -15.44 -18.03 -44.05
CA LYS B 535 -14.54 -17.91 -45.19
C LYS B 535 -14.26 -16.45 -45.56
N GLU B 536 -15.15 -15.52 -45.19
CA GLU B 536 -14.98 -14.11 -45.49
C GLU B 536 -14.41 -13.32 -44.32
N CYS B 537 -14.05 -13.98 -43.23
CA CYS B 537 -13.56 -13.27 -42.06
C CYS B 537 -12.20 -12.63 -42.35
N LEU B 538 -12.03 -11.39 -41.90
CA LEU B 538 -10.79 -10.65 -42.06
C LEU B 538 -10.14 -10.42 -40.71
N PHE B 539 -8.82 -10.59 -40.67
CA PHE B 539 -8.03 -10.35 -39.47
C PHE B 539 -7.00 -9.28 -39.76
N HIS B 540 -6.89 -8.30 -38.87
CA HIS B 540 -5.94 -7.21 -39.00
C HIS B 540 -4.96 -7.29 -37.83
N PHE B 541 -3.73 -7.68 -38.12
CA PHE B 541 -2.70 -7.84 -37.09
C PHE B 541 -1.95 -6.52 -36.94
N TRP B 542 -2.01 -5.94 -35.74
CA TRP B 542 -1.32 -4.70 -35.43
C TRP B 542 -0.28 -4.94 -34.34
N ASP B 543 0.76 -4.10 -34.33
CA ASP B 543 1.84 -4.19 -33.34
C ASP B 543 2.28 -2.78 -32.96
N PHE B 544 1.57 -2.18 -32.00
CA PHE B 544 1.99 -0.92 -31.42
C PHE B 544 2.98 -1.23 -30.30
N GLY B 545 4.24 -0.83 -30.49
CA GLY B 545 5.27 -1.11 -29.50
C GLY B 545 5.07 -0.37 -28.20
N GLY B 546 3.94 -0.61 -27.53
CA GLY B 546 3.62 0.09 -26.30
C GLY B 546 2.93 1.42 -26.53
N GLN B 547 3.23 2.06 -27.66
CA GLN B 547 2.67 3.37 -27.99
C GLN B 547 1.35 3.15 -28.72
N GLU B 548 0.25 3.23 -27.98
CA GLU B 548 -1.09 3.13 -28.56
C GLU B 548 -1.44 4.48 -29.17
N ILE B 549 -1.20 4.62 -30.48
CA ILE B 549 -1.34 5.90 -31.14
C ILE B 549 -2.81 6.30 -31.28
N MET B 550 -3.70 5.31 -31.39
CA MET B 550 -5.08 5.56 -31.75
C MET B 550 -6.00 5.78 -30.55
N HIS B 551 -5.50 5.61 -29.32
CA HIS B 551 -6.40 5.64 -28.17
C HIS B 551 -6.97 7.03 -27.91
N ALA B 552 -6.25 8.08 -28.29
CA ALA B 552 -6.69 9.43 -27.96
C ALA B 552 -7.80 9.88 -28.90
N SER B 553 -7.59 9.78 -30.20
CA SER B 553 -8.58 10.25 -31.17
C SER B 553 -9.74 9.28 -31.30
N HIS B 554 -9.46 8.07 -31.79
CA HIS B 554 -10.49 7.06 -32.04
C HIS B 554 -10.66 6.22 -30.77
N GLN B 555 -11.68 6.55 -29.97
CA GLN B 555 -11.89 5.84 -28.71
C GLN B 555 -12.33 4.40 -28.93
N PHE B 556 -12.84 4.06 -30.12
CA PHE B 556 -13.31 2.71 -30.40
C PHE B 556 -12.29 1.87 -31.15
N PHE B 557 -11.11 2.43 -31.47
CA PHE B 557 -10.08 1.61 -32.09
C PHE B 557 -9.55 0.55 -31.13
N MET B 558 -9.47 0.88 -29.85
CA MET B 558 -8.94 -0.04 -28.85
C MET B 558 -10.01 -0.82 -28.13
N THR B 559 -11.21 -0.25 -27.96
CA THR B 559 -12.26 -0.90 -27.18
C THR B 559 -13.11 -1.85 -28.03
N ARG B 560 -13.61 -1.37 -29.17
CA ARG B 560 -14.48 -2.16 -30.03
C ARG B 560 -13.72 -2.67 -31.25
N SER B 561 -14.15 -3.83 -31.73
CA SER B 561 -13.56 -4.47 -32.91
C SER B 561 -12.08 -4.73 -32.71
N SER B 562 -11.74 -5.34 -31.57
CA SER B 562 -10.34 -5.60 -31.23
C SER B 562 -10.24 -6.90 -30.46
N VAL B 563 -9.18 -7.66 -30.75
CA VAL B 563 -8.86 -8.89 -30.04
C VAL B 563 -7.42 -8.81 -29.59
N TYR B 564 -7.19 -8.83 -28.28
CA TYR B 564 -5.86 -8.67 -27.74
C TYR B 564 -5.21 -10.03 -27.51
N MET B 565 -3.93 -10.13 -27.85
CA MET B 565 -3.19 -11.38 -27.78
C MET B 565 -1.91 -11.16 -26.98
N LEU B 566 -1.89 -11.70 -25.76
CA LEU B 566 -0.73 -11.57 -24.89
C LEU B 566 0.26 -12.68 -25.19
N LEU B 567 1.52 -12.29 -25.41
CA LEU B 567 2.59 -13.21 -25.76
C LEU B 567 3.55 -13.32 -24.59
N LEU B 568 3.63 -14.51 -24.01
CA LEU B 568 4.45 -14.74 -22.82
C LEU B 568 5.31 -15.99 -23.02
N ASP B 569 6.49 -15.97 -22.40
CA ASP B 569 7.36 -17.13 -22.35
C ASP B 569 8.08 -17.12 -21.01
N SER B 570 9.02 -18.06 -20.83
CA SER B 570 9.71 -18.20 -19.55
C SER B 570 10.55 -16.97 -19.24
N ARG B 571 11.00 -16.25 -20.27
CA ARG B 571 11.83 -15.08 -20.04
C ARG B 571 10.98 -13.83 -19.76
N THR B 572 9.93 -13.63 -20.53
CA THR B 572 9.06 -12.46 -20.39
C THR B 572 7.92 -12.68 -19.42
N ASP B 573 8.06 -13.61 -18.47
CA ASP B 573 7.02 -13.85 -17.48
C ASP B 573 7.04 -12.82 -16.36
N SER B 574 8.16 -12.10 -16.19
CA SER B 574 8.24 -11.10 -15.13
C SER B 574 7.24 -9.96 -15.38
N ASN B 575 7.18 -9.46 -16.60
CA ASN B 575 6.25 -8.38 -16.95
C ASN B 575 4.96 -8.97 -17.52
N LYS B 576 4.28 -9.75 -16.68
CA LYS B 576 3.06 -10.44 -17.06
C LYS B 576 1.80 -9.67 -16.69
N HIS B 577 1.75 -9.10 -15.48
CA HIS B 577 0.56 -8.40 -15.03
C HIS B 577 0.50 -6.96 -15.52
N TYR B 578 1.65 -6.38 -15.92
CA TYR B 578 1.63 -5.03 -16.49
C TYR B 578 0.86 -5.02 -17.80
N TRP B 579 1.18 -5.94 -18.71
CA TRP B 579 0.50 -5.98 -19.98
C TRP B 579 -0.96 -6.41 -19.82
N LEU B 580 -1.24 -7.30 -18.88
CA LEU B 580 -2.62 -7.67 -18.60
C LEU B 580 -3.44 -6.46 -18.17
N ARG B 581 -2.83 -5.57 -17.37
CA ARG B 581 -3.49 -4.32 -17.03
C ARG B 581 -3.48 -3.36 -18.21
N HIS B 582 -2.42 -3.39 -19.02
CA HIS B 582 -2.37 -2.58 -20.23
C HIS B 582 -3.53 -2.93 -21.17
N ILE B 583 -3.95 -4.19 -21.19
CA ILE B 583 -5.08 -4.59 -22.01
C ILE B 583 -6.39 -4.08 -21.41
N GLU B 584 -6.52 -4.16 -20.09
CA GLU B 584 -7.78 -3.79 -19.44
C GLU B 584 -8.07 -2.30 -19.58
N LYS B 585 -7.05 -1.45 -19.40
CA LYS B 585 -7.28 -0.01 -19.43
C LYS B 585 -7.54 0.48 -20.85
N TYR B 586 -6.82 -0.06 -21.83
CA TYR B 586 -6.98 0.39 -23.21
C TYR B 586 -8.15 -0.32 -23.90
N GLY B 587 -8.19 -1.64 -23.82
CA GLY B 587 -9.21 -2.41 -24.51
C GLY B 587 -10.52 -2.54 -23.77
N GLY B 588 -10.45 -2.94 -22.50
CA GLY B 588 -11.66 -3.12 -21.71
C GLY B 588 -12.29 -4.48 -21.92
N LYS B 589 -13.52 -4.50 -22.42
CA LYS B 589 -14.26 -5.74 -22.62
C LYS B 589 -13.85 -6.50 -23.86
N SER B 590 -12.78 -6.09 -24.53
CA SER B 590 -12.33 -6.80 -25.72
C SER B 590 -11.78 -8.17 -25.33
N PRO B 591 -12.07 -9.21 -26.12
CA PRO B 591 -11.58 -10.55 -25.76
C PRO B 591 -10.06 -10.61 -25.80
N VAL B 592 -9.50 -11.41 -24.89
CA VAL B 592 -8.06 -11.54 -24.75
C VAL B 592 -7.68 -13.01 -24.93
N ILE B 593 -6.53 -13.24 -25.56
CA ILE B 593 -5.99 -14.58 -25.78
C ILE B 593 -4.58 -14.59 -25.21
N VAL B 594 -4.36 -15.34 -24.15
CA VAL B 594 -3.05 -15.45 -23.52
C VAL B 594 -2.39 -16.72 -24.06
N VAL B 595 -1.39 -16.54 -24.92
CA VAL B 595 -0.67 -17.65 -25.54
C VAL B 595 0.74 -17.69 -24.99
N MET B 596 1.09 -18.80 -24.34
CA MET B 596 2.43 -19.01 -23.78
C MET B 596 3.22 -19.86 -24.77
N ASN B 597 4.06 -19.20 -25.57
CA ASN B 597 4.83 -19.91 -26.58
C ASN B 597 6.19 -20.31 -26.03
N LYS B 598 6.90 -21.13 -26.82
CA LYS B 598 8.24 -21.60 -26.47
C LYS B 598 8.22 -22.39 -25.15
N ILE B 599 7.23 -23.29 -25.02
CA ILE B 599 7.17 -24.15 -23.84
C ILE B 599 7.91 -25.46 -24.06
N ASP B 600 8.23 -25.81 -25.31
CA ASP B 600 9.03 -27.01 -25.54
C ASP B 600 10.46 -26.85 -25.04
N GLU B 601 10.91 -25.61 -24.83
CA GLU B 601 12.22 -25.39 -24.23
C GLU B 601 12.18 -25.54 -22.71
N ASN B 602 11.08 -25.10 -22.09
CA ASN B 602 10.88 -25.25 -20.65
C ASN B 602 9.43 -25.63 -20.40
N PRO B 603 9.12 -26.94 -20.36
CA PRO B 603 7.71 -27.36 -20.21
C PRO B 603 7.12 -27.07 -18.85
N SER B 604 7.94 -26.72 -17.85
CA SER B 604 7.43 -26.37 -16.53
C SER B 604 6.76 -25.01 -16.48
N TYR B 605 6.74 -24.28 -17.60
CA TYR B 605 6.21 -22.92 -17.62
C TYR B 605 4.69 -22.97 -17.75
N ASN B 606 4.00 -22.36 -16.79
CA ASN B 606 2.55 -22.23 -16.83
C ASN B 606 2.14 -21.16 -15.82
N ILE B 607 1.06 -20.47 -16.11
CA ILE B 607 0.59 -19.38 -15.28
C ILE B 607 -0.61 -19.84 -14.46
N GLU B 608 -1.06 -18.99 -13.54
CA GLU B 608 -2.23 -19.28 -12.70
C GLU B 608 -3.48 -18.82 -13.44
N GLN B 609 -3.93 -19.66 -14.38
CA GLN B 609 -5.02 -19.28 -15.26
C GLN B 609 -6.33 -19.06 -14.51
N LYS B 610 -6.51 -19.66 -13.34
CA LYS B 610 -7.75 -19.48 -12.60
C LYS B 610 -7.85 -18.07 -12.04
N LYS B 611 -6.84 -17.65 -11.27
CA LYS B 611 -6.88 -16.32 -10.68
C LYS B 611 -6.72 -15.22 -11.73
N ILE B 612 -6.02 -15.51 -12.83
CA ILE B 612 -5.85 -14.52 -13.88
C ILE B 612 -7.16 -14.27 -14.62
N ASN B 613 -7.89 -15.34 -14.93
CA ASN B 613 -9.15 -15.19 -15.64
C ASN B 613 -10.22 -14.56 -14.74
N GLU B 614 -10.19 -14.85 -13.44
CA GLU B 614 -11.14 -14.24 -12.52
C GLU B 614 -10.90 -12.73 -12.41
N ARG B 615 -9.64 -12.30 -12.50
CA ARG B 615 -9.34 -10.87 -12.47
C ARG B 615 -9.70 -10.21 -13.81
N PHE B 616 -9.33 -10.84 -14.92
CA PHE B 616 -9.64 -10.35 -16.26
C PHE B 616 -10.63 -11.29 -16.93
N PRO B 617 -11.94 -11.07 -16.76
CA PRO B 617 -12.93 -11.99 -17.36
C PRO B 617 -12.96 -11.98 -18.87
N ALA B 618 -12.32 -10.99 -19.52
CA ALA B 618 -12.32 -10.92 -20.97
C ALA B 618 -11.49 -12.03 -21.62
N ILE B 619 -10.68 -12.75 -20.84
CA ILE B 619 -9.90 -13.84 -21.40
C ILE B 619 -10.79 -15.01 -21.80
N GLU B 620 -11.77 -15.34 -20.96
CA GLU B 620 -12.68 -16.47 -21.20
C GLU B 620 -11.90 -17.77 -21.38
N ASN B 621 -10.84 -17.94 -20.58
CA ASN B 621 -10.01 -19.14 -20.59
C ASN B 621 -9.44 -19.43 -21.97
N ARG B 622 -8.99 -18.37 -22.65
CA ARG B 622 -8.31 -18.52 -23.95
C ARG B 622 -6.80 -18.65 -23.76
N PHE B 623 -6.39 -19.59 -22.90
CA PHE B 623 -4.98 -19.84 -22.62
C PHE B 623 -4.45 -20.95 -23.50
N HIS B 624 -3.25 -20.75 -24.06
CA HIS B 624 -2.66 -21.71 -24.97
C HIS B 624 -1.18 -21.87 -24.66
N ARG B 625 -0.65 -23.04 -24.96
CA ARG B 625 0.76 -23.38 -24.75
C ARG B 625 1.28 -24.04 -26.03
N ILE B 626 2.08 -23.30 -26.79
CA ILE B 626 2.52 -23.76 -28.10
C ILE B 626 3.73 -24.67 -27.96
N SER B 627 3.64 -25.86 -28.54
CA SER B 627 4.74 -26.81 -28.57
C SER B 627 4.77 -27.48 -29.94
N CYS B 628 5.92 -28.06 -30.27
CA CYS B 628 6.09 -28.75 -31.54
C CYS B 628 5.48 -30.14 -31.52
N VAL B 634 -1.14 -28.62 -35.11
CA VAL B 634 -2.26 -28.44 -34.19
C VAL B 634 -2.21 -27.06 -33.57
N GLU B 635 -2.98 -26.13 -34.12
CA GLU B 635 -3.02 -24.75 -33.64
C GLU B 635 -4.39 -24.49 -33.01
N SER B 636 -4.41 -24.43 -31.68
CA SER B 636 -5.64 -24.12 -30.95
C SER B 636 -5.94 -22.63 -30.91
N ILE B 637 -4.96 -21.78 -31.21
CA ILE B 637 -5.19 -20.34 -31.23
C ILE B 637 -6.20 -19.97 -32.32
N ALA B 638 -6.23 -20.72 -33.41
CA ALA B 638 -7.20 -20.44 -34.46
C ALA B 638 -8.63 -20.56 -33.96
N LYS B 639 -8.87 -21.47 -33.01
CA LYS B 639 -10.19 -21.57 -32.40
C LYS B 639 -10.47 -20.38 -31.49
N SER B 640 -9.43 -19.79 -30.90
CA SER B 640 -9.63 -18.61 -30.05
C SER B 640 -9.87 -17.35 -30.87
N LEU B 641 -9.23 -17.23 -32.04
CA LEU B 641 -9.55 -16.11 -32.92
C LEU B 641 -10.97 -16.22 -33.44
N LYS B 642 -11.43 -17.45 -33.70
CA LYS B 642 -12.80 -17.66 -34.15
C LYS B 642 -13.79 -17.24 -33.07
N SER B 643 -13.56 -17.68 -31.83
CA SER B 643 -14.43 -17.32 -30.71
C SER B 643 -14.38 -15.84 -30.38
N ALA B 644 -13.43 -15.10 -30.92
CA ALA B 644 -13.30 -13.68 -30.64
C ALA B 644 -13.91 -12.78 -31.70
N VAL B 645 -13.88 -13.17 -32.97
CA VAL B 645 -14.53 -12.36 -34.00
C VAL B 645 -16.02 -12.60 -34.01
N LEU B 646 -16.46 -13.86 -33.87
CA LEU B 646 -17.87 -14.21 -33.79
C LEU B 646 -18.48 -13.94 -32.42
N HIS B 647 -17.85 -13.11 -31.60
CA HIS B 647 -18.38 -12.85 -30.27
C HIS B 647 -19.67 -12.04 -30.36
N PRO B 648 -20.68 -12.39 -29.57
CA PRO B 648 -21.96 -11.64 -29.64
C PRO B 648 -21.82 -10.17 -29.25
N ASP B 649 -20.95 -9.86 -28.29
CA ASP B 649 -20.76 -8.46 -27.91
C ASP B 649 -19.98 -7.68 -28.95
N SER B 650 -19.24 -8.37 -29.83
CA SER B 650 -18.45 -7.69 -30.85
C SER B 650 -19.37 -7.15 -31.94
N ILE B 651 -18.76 -6.59 -32.99
CA ILE B 651 -19.52 -6.03 -34.10
C ILE B 651 -20.17 -7.08 -34.97
N TYR B 652 -19.85 -8.36 -34.75
CA TYR B 652 -20.50 -9.43 -35.49
C TYR B 652 -22.00 -9.45 -35.24
N GLY B 653 -22.43 -9.09 -34.04
CA GLY B 653 -23.83 -9.03 -33.71
C GLY B 653 -24.56 -7.84 -34.29
N THR B 654 -23.85 -6.91 -34.92
CA THR B 654 -24.47 -5.72 -35.47
C THR B 654 -24.93 -6.00 -36.89
N PRO B 655 -26.23 -5.90 -37.20
CA PRO B 655 -26.69 -6.10 -38.57
C PRO B 655 -26.44 -4.85 -39.41
N LEU B 656 -25.74 -5.03 -40.53
CA LEU B 656 -25.38 -3.94 -41.42
C LEU B 656 -26.16 -4.06 -42.73
N ALA B 657 -26.41 -2.91 -43.34
CA ALA B 657 -27.03 -2.90 -44.66
C ALA B 657 -26.04 -3.43 -45.70
N PRO B 658 -26.51 -4.16 -46.71
CA PRO B 658 -25.59 -4.72 -47.70
C PRO B 658 -24.85 -3.67 -48.51
N SER B 659 -25.41 -2.46 -48.64
CA SER B 659 -24.71 -1.41 -49.37
C SER B 659 -23.56 -0.83 -48.56
N TRP B 660 -23.65 -0.90 -47.23
CA TRP B 660 -22.56 -0.41 -46.39
C TRP B 660 -21.33 -1.29 -46.50
N ILE B 661 -21.52 -2.59 -46.76
CA ILE B 661 -20.38 -3.47 -46.98
C ILE B 661 -19.83 -3.26 -48.38
N LYS B 662 -20.68 -2.86 -49.33
CA LYS B 662 -20.21 -2.59 -50.69
C LYS B 662 -19.24 -1.42 -50.72
N VAL B 663 -19.60 -0.32 -50.05
CA VAL B 663 -18.70 0.82 -50.00
C VAL B 663 -17.49 0.54 -49.11
N LYS B 664 -17.64 -0.38 -48.15
CA LYS B 664 -16.52 -0.75 -47.31
C LYS B 664 -15.45 -1.47 -48.11
N GLU B 665 -15.84 -2.50 -48.87
CA GLU B 665 -14.89 -3.24 -49.68
C GLU B 665 -14.31 -2.37 -50.80
N LYS B 666 -15.05 -1.37 -51.26
CA LYS B 666 -14.54 -0.49 -52.31
C LYS B 666 -13.58 0.55 -51.75
N LEU B 667 -13.83 1.05 -50.54
CA LEU B 667 -12.94 2.03 -49.95
C LEU B 667 -11.61 1.40 -49.54
N VAL B 668 -11.66 0.20 -48.98
CA VAL B 668 -10.41 -0.50 -48.64
C VAL B 668 -9.64 -0.85 -49.91
N GLU B 669 -10.35 -1.18 -50.98
CA GLU B 669 -9.69 -1.47 -52.25
C GLU B 669 -8.98 -0.23 -52.80
N ALA B 670 -9.64 0.93 -52.72
CA ALA B 670 -9.07 2.14 -53.30
C ALA B 670 -8.04 2.80 -52.38
N THR B 671 -8.22 2.70 -51.05
CA THR B 671 -7.25 3.30 -50.14
C THR B 671 -5.94 2.52 -50.13
N THR B 672 -6.02 1.18 -50.17
CA THR B 672 -4.81 0.37 -50.21
C THR B 672 -4.05 0.51 -51.51
N ALA B 673 -4.67 1.08 -52.55
CA ALA B 673 -4.01 1.27 -53.83
C ALA B 673 -3.69 2.73 -54.15
N GLN B 674 -4.40 3.69 -53.55
CA GLN B 674 -4.19 5.11 -53.80
C GLN B 674 -3.85 5.88 -52.54
N ARG B 675 -3.33 5.21 -51.51
CA ARG B 675 -3.05 5.83 -50.22
C ARG B 675 -4.31 6.47 -49.64
N TYR B 676 -4.57 7.72 -50.00
CA TYR B 676 -5.77 8.44 -49.56
C TYR B 676 -6.69 8.67 -50.75
N LEU B 677 -7.96 8.97 -50.43
CA LEU B 677 -8.97 9.26 -51.43
C LEU B 677 -9.52 10.67 -51.20
N ASN B 678 -9.87 11.34 -52.30
CA ASN B 678 -10.42 12.67 -52.23
C ASN B 678 -11.94 12.60 -52.09
N ARG B 679 -12.59 13.76 -51.96
CA ARG B 679 -14.02 13.78 -51.66
C ARG B 679 -14.86 13.29 -52.83
N THR B 680 -14.52 13.72 -54.05
CA THR B 680 -15.28 13.27 -55.21
C THR B 680 -15.13 11.77 -55.44
N GLU B 681 -13.96 11.21 -55.12
CA GLU B 681 -13.78 9.76 -55.25
C GLU B 681 -14.69 9.01 -54.29
N VAL B 682 -14.79 9.48 -53.05
CA VAL B 682 -15.59 8.77 -52.06
C VAL B 682 -17.08 8.91 -52.36
N GLU B 683 -17.49 10.07 -52.88
CA GLU B 683 -18.89 10.25 -53.24
C GLU B 683 -19.26 9.40 -54.45
N LYS B 684 -18.35 9.26 -55.42
CA LYS B 684 -18.61 8.40 -56.55
C LYS B 684 -18.73 6.94 -56.12
N ILE B 685 -18.10 6.57 -55.01
CA ILE B 685 -18.24 5.21 -54.49
C ILE B 685 -19.57 5.06 -53.77
N CYS B 686 -19.97 6.07 -52.99
CA CYS B 686 -21.23 6.00 -52.27
C CYS B 686 -22.42 6.10 -53.21
N ASN B 687 -22.32 6.93 -54.26
CA ASN B 687 -23.42 7.06 -55.20
C ASN B 687 -23.57 5.81 -56.07
N ASP B 688 -22.49 5.08 -56.30
CA ASP B 688 -22.55 3.83 -57.03
C ASP B 688 -23.15 2.68 -56.23
N SER B 689 -23.55 2.92 -54.97
CA SER B 689 -24.16 1.89 -54.14
C SER B 689 -25.51 2.33 -53.58
N GLY B 690 -26.09 3.41 -54.09
CA GLY B 690 -27.38 3.88 -53.65
C GLY B 690 -27.37 4.83 -52.48
N ILE B 691 -26.21 5.03 -51.85
CA ILE B 691 -26.09 5.95 -50.73
C ILE B 691 -26.02 7.38 -51.26
N THR B 692 -27.18 8.00 -51.46
CA THR B 692 -27.27 9.34 -52.02
C THR B 692 -27.41 10.41 -50.95
N ASP B 693 -28.13 10.12 -49.89
CA ASP B 693 -28.32 11.08 -48.81
C ASP B 693 -26.98 11.35 -48.12
N PRO B 694 -26.55 12.61 -48.02
CA PRO B 694 -25.33 12.90 -47.24
C PRO B 694 -25.44 12.51 -45.78
N GLY B 695 -26.65 12.34 -45.26
CA GLY B 695 -26.80 11.87 -43.89
C GLY B 695 -26.28 10.46 -43.70
N GLU B 696 -26.49 9.59 -44.69
CA GLU B 696 -25.99 8.23 -44.60
C GLU B 696 -24.46 8.19 -44.68
N ARG B 697 -23.89 8.83 -45.71
CA ARG B 697 -22.45 8.73 -45.93
C ARG B 697 -21.66 9.44 -44.83
N LYS B 698 -22.22 10.49 -44.23
CA LYS B 698 -21.52 11.17 -43.15
C LYS B 698 -21.47 10.31 -41.89
N THR B 699 -22.55 9.58 -41.61
CA THR B 699 -22.62 8.71 -40.45
C THR B 699 -22.09 7.31 -40.73
N LEU B 700 -21.83 6.98 -41.99
CA LEU B 700 -21.19 5.71 -42.35
C LEU B 700 -19.68 5.80 -42.32
N LEU B 701 -19.11 6.89 -42.86
CA LEU B 701 -17.68 7.10 -42.74
C LEU B 701 -17.24 7.20 -41.29
N GLY B 702 -18.09 7.78 -40.43
CA GLY B 702 -17.79 7.79 -39.01
C GLY B 702 -17.83 6.40 -38.41
N TYR B 703 -18.71 5.53 -38.92
CA TYR B 703 -18.74 4.15 -38.45
C TYR B 703 -17.47 3.41 -38.86
N LEU B 704 -17.05 3.56 -40.11
CA LEU B 704 -15.81 2.93 -40.55
C LEU B 704 -14.60 3.58 -39.89
N ASN B 705 -14.71 4.85 -39.49
CA ASN B 705 -13.62 5.51 -38.79
C ASN B 705 -13.49 5.00 -37.36
N ASN B 706 -14.62 4.76 -36.69
CA ASN B 706 -14.57 4.27 -35.32
C ASN B 706 -14.05 2.84 -35.24
N LEU B 707 -14.24 2.05 -36.30
CA LEU B 707 -13.74 0.69 -36.30
C LEU B 707 -12.28 0.59 -36.70
N GLY B 708 -11.72 1.63 -37.29
CA GLY B 708 -10.34 1.60 -37.75
C GLY B 708 -10.13 0.97 -39.10
N ILE B 709 -11.20 0.69 -39.85
CA ILE B 709 -11.05 0.09 -41.16
C ILE B 709 -10.60 1.15 -42.18
N VAL B 710 -11.20 2.33 -42.14
CA VAL B 710 -10.86 3.43 -43.02
C VAL B 710 -10.98 4.71 -42.22
N LEU B 711 -9.91 5.51 -42.21
CA LEU B 711 -9.86 6.71 -41.38
C LEU B 711 -10.49 7.90 -42.09
N TYR B 712 -11.26 8.68 -41.32
CA TYR B 712 -11.93 9.87 -41.83
C TYR B 712 -11.99 10.88 -40.70
N PHE B 713 -11.32 12.02 -40.89
CA PHE B 713 -11.24 13.07 -39.87
C PHE B 713 -12.21 14.19 -40.25
N GLU B 714 -13.34 14.26 -39.56
CA GLU B 714 -14.33 15.29 -39.84
C GLU B 714 -13.88 16.66 -39.35
N ALA B 715 -12.94 16.72 -38.40
CA ALA B 715 -12.47 17.98 -37.86
C ALA B 715 -11.47 18.68 -38.78
N LEU B 716 -11.19 18.12 -39.96
CA LEU B 716 -10.28 18.72 -40.92
C LEU B 716 -11.00 19.19 -42.18
N ASP B 717 -11.79 18.31 -42.80
CA ASP B 717 -12.60 18.63 -43.97
C ASP B 717 -11.74 19.20 -45.10
N LEU B 718 -10.72 18.45 -45.48
CA LEU B 718 -9.91 18.76 -46.66
C LEU B 718 -10.34 17.79 -47.76
N SER B 719 -11.04 18.31 -48.76
CA SER B 719 -11.63 17.45 -49.79
C SER B 719 -10.59 16.70 -50.61
N GLU B 720 -9.35 17.17 -50.65
CA GLU B 720 -8.31 16.45 -51.38
C GLU B 720 -7.88 15.20 -50.63
N ILE B 721 -7.94 15.21 -49.30
CA ILE B 721 -7.59 14.06 -48.47
C ILE B 721 -8.80 13.81 -47.57
N TYR B 722 -9.78 13.05 -48.07
CA TYR B 722 -11.03 12.83 -47.35
C TYR B 722 -10.95 11.59 -46.47
N VAL B 723 -10.68 10.43 -47.07
CA VAL B 723 -10.53 9.17 -46.35
C VAL B 723 -9.11 8.67 -46.56
N LEU B 724 -8.52 8.13 -45.50
CA LEU B 724 -7.11 7.74 -45.52
C LEU B 724 -6.97 6.26 -45.20
N ASP B 725 -5.90 5.67 -45.68
CA ASP B 725 -5.59 4.29 -45.38
C ASP B 725 -4.88 4.20 -44.03
N PRO B 726 -5.34 3.33 -43.13
CA PRO B 726 -4.66 3.22 -41.83
C PRO B 726 -3.22 2.77 -41.95
N HIS B 727 -2.90 1.90 -42.93
CA HIS B 727 -1.53 1.45 -43.11
C HIS B 727 -0.62 2.60 -43.54
N TRP B 728 -1.17 3.60 -44.23
CA TRP B 728 -0.35 4.69 -44.74
C TRP B 728 -0.11 5.77 -43.69
N VAL B 729 -1.12 6.08 -42.88
CA VAL B 729 -0.96 7.15 -41.89
C VAL B 729 -0.11 6.67 -40.71
N THR B 730 -0.39 5.47 -40.20
CA THR B 730 0.33 4.98 -39.03
C THR B 730 1.83 4.86 -39.31
N ILE B 731 2.20 4.44 -40.52
CA ILE B 731 3.60 4.43 -40.90
C ILE B 731 4.14 5.86 -40.96
N GLY B 732 3.34 6.80 -41.46
CA GLY B 732 3.78 8.18 -41.51
C GLY B 732 3.97 8.78 -40.14
N VAL B 733 3.10 8.43 -39.20
CA VAL B 733 3.21 8.98 -37.85
C VAL B 733 4.28 8.23 -37.04
N TYR B 734 4.49 6.95 -37.31
CA TYR B 734 5.49 6.19 -36.56
C TYR B 734 6.91 6.61 -36.92
N ARG B 735 7.14 7.06 -38.16
CA ARG B 735 8.47 7.48 -38.55
C ARG B 735 8.81 8.90 -38.07
N ILE B 736 7.81 9.77 -37.93
CA ILE B 736 8.10 11.13 -37.50
C ILE B 736 8.30 11.21 -35.99
N ILE B 737 7.66 10.33 -35.22
CA ILE B 737 7.84 10.35 -33.77
C ILE B 737 9.18 9.73 -33.38
N ASN B 738 9.62 8.71 -34.11
CA ASN B 738 10.89 8.03 -33.84
C ASN B 738 11.96 8.45 -34.83
N SER B 739 12.12 9.76 -35.00
CA SER B 739 13.09 10.33 -35.90
C SER B 739 14.27 10.94 -35.15
N SER B 740 15.38 11.11 -35.88
CA SER B 740 16.56 11.73 -35.30
C SER B 740 16.28 13.19 -34.94
N LYS B 741 15.53 13.90 -35.77
CA LYS B 741 15.22 15.29 -35.49
C LYS B 741 14.19 15.46 -34.38
N THR B 742 13.58 14.36 -33.91
CA THR B 742 12.64 14.39 -32.80
C THR B 742 13.14 13.56 -31.61
N LYS B 743 14.45 13.33 -31.52
CA LYS B 743 14.98 12.50 -30.44
C LYS B 743 14.89 13.19 -29.08
N ASN B 744 14.71 14.50 -29.06
CA ASN B 744 14.63 15.26 -27.82
C ASN B 744 13.24 15.82 -27.56
N GLY B 745 12.25 15.47 -28.38
CA GLY B 745 10.90 15.95 -28.22
C GLY B 745 10.57 17.23 -28.95
N HIS B 746 11.55 17.89 -29.55
CA HIS B 746 11.32 19.12 -30.31
C HIS B 746 11.21 18.78 -31.79
N LEU B 747 10.25 19.42 -32.46
CA LEU B 747 9.97 19.17 -33.87
C LEU B 747 9.84 20.50 -34.60
N ASN B 748 10.66 20.69 -35.63
CA ASN B 748 10.61 21.88 -36.47
C ASN B 748 9.86 21.55 -37.75
N THR B 749 8.85 22.37 -38.08
CA THR B 749 8.05 22.13 -39.27
C THR B 749 8.90 22.11 -40.53
N SER B 750 9.99 22.88 -40.56
CA SER B 750 10.88 22.92 -41.71
C SER B 750 11.80 21.71 -41.73
N ALA B 751 11.25 20.52 -41.49
CA ALA B 751 12.04 19.31 -41.47
C ALA B 751 11.19 18.08 -41.78
N LEU B 752 9.89 18.27 -41.99
CA LEU B 752 9.02 17.13 -42.27
C LEU B 752 9.37 16.46 -43.59
N GLY B 753 9.94 17.20 -44.54
CA GLY B 753 10.32 16.61 -45.80
C GLY B 753 11.41 15.56 -45.68
N TYR B 754 12.44 15.83 -44.87
CA TYR B 754 13.54 14.88 -44.73
C TYR B 754 13.10 13.59 -44.07
N ILE B 755 12.22 13.68 -43.07
CA ILE B 755 11.77 12.48 -42.36
C ILE B 755 10.80 11.69 -43.22
N LEU B 756 9.69 12.31 -43.63
CA LEU B 756 8.65 11.62 -44.36
C LEU B 756 9.02 11.50 -45.84
N TYR B 776 5.56 11.66 -50.35
CA TYR B 776 5.01 12.59 -49.37
C TYR B 776 5.16 14.04 -49.84
N THR B 777 4.07 14.63 -50.32
CA THR B 777 4.07 16.00 -50.77
C THR B 777 4.02 16.94 -49.56
N LEU B 778 4.04 18.25 -49.84
CA LEU B 778 4.04 19.23 -48.75
C LEU B 778 2.70 19.27 -48.03
N LEU B 779 1.60 19.11 -48.77
CA LEU B 779 0.29 19.12 -48.13
C LEU B 779 0.04 17.84 -47.36
N GLU B 780 0.60 16.71 -47.82
CA GLU B 780 0.50 15.48 -47.05
C GLU B 780 1.24 15.60 -45.72
N GLN B 781 2.32 16.39 -45.69
CA GLN B 781 2.99 16.67 -44.43
C GLN B 781 2.12 17.55 -43.54
N ARG B 782 1.47 18.56 -44.12
CA ARG B 782 0.58 19.42 -43.34
C ARG B 782 -0.62 18.63 -42.83
N TYR B 783 -1.02 17.57 -43.52
CA TYR B 783 -2.12 16.74 -43.06
C TYR B 783 -1.67 15.80 -41.94
N LEU B 784 -0.45 15.27 -42.05
CA LEU B 784 0.04 14.33 -41.04
C LEU B 784 0.29 15.02 -39.71
N LEU B 785 0.75 16.27 -39.72
CA LEU B 785 0.92 17.00 -38.47
C LEU B 785 -0.44 17.33 -37.84
N ASP B 786 -1.45 17.62 -38.66
CA ASP B 786 -2.80 17.80 -38.14
C ASP B 786 -3.35 16.50 -37.57
N ILE B 787 -2.93 15.37 -38.13
CA ILE B 787 -3.35 14.08 -37.58
C ILE B 787 -2.71 13.85 -36.22
N MET B 788 -1.41 14.14 -36.10
CA MET B 788 -0.75 14.04 -34.80
C MET B 788 -1.37 15.01 -33.81
N LYS B 789 -1.72 16.21 -34.27
CA LYS B 789 -2.44 17.15 -33.41
C LYS B 789 -3.80 16.58 -33.02
N GLN B 790 -4.43 15.81 -33.91
CA GLN B 790 -5.68 15.14 -33.56
C GLN B 790 -5.44 13.95 -32.64
N PHE B 791 -4.31 13.25 -32.83
CA PHE B 791 -3.97 12.11 -31.97
C PHE B 791 -3.50 12.52 -30.59
N GLU B 792 -3.49 13.82 -30.27
CA GLU B 792 -3.07 14.31 -28.96
C GLU B 792 -1.67 13.82 -28.60
N LEU B 793 -0.76 13.88 -29.59
CA LEU B 793 0.63 13.51 -29.37
C LEU B 793 1.59 14.69 -29.40
N CYS B 794 1.18 15.82 -29.97
CA CYS B 794 2.05 16.99 -30.06
C CYS B 794 1.18 18.23 -30.18
N TYR B 795 1.82 19.39 -30.09
CA TYR B 795 1.13 20.66 -30.26
C TYR B 795 2.07 21.67 -30.88
N ASP B 796 1.49 22.70 -31.49
CA ASP B 796 2.26 23.77 -32.10
C ASP B 796 2.48 24.87 -31.08
N GLU B 797 3.74 25.31 -30.95
CA GLU B 797 4.09 26.37 -30.01
C GLU B 797 4.25 27.73 -30.67
N GLY B 798 4.43 27.77 -31.99
CA GLY B 798 4.56 29.01 -32.72
C GLY B 798 5.82 29.04 -33.57
N LYS B 799 5.73 29.72 -34.71
CA LYS B 799 6.84 29.84 -35.65
C LYS B 799 7.37 28.46 -36.05
N GLY B 800 6.46 27.54 -36.34
CA GLY B 800 6.85 26.20 -36.76
C GLY B 800 7.65 25.44 -35.74
N LEU B 801 7.23 25.49 -34.47
CA LEU B 801 7.92 24.79 -33.38
C LEU B 801 6.91 23.87 -32.71
N PHE B 802 7.09 22.57 -32.90
CA PHE B 802 6.22 21.56 -32.32
C PHE B 802 6.97 20.78 -31.25
N ILE B 803 6.24 20.32 -30.25
CA ILE B 803 6.81 19.57 -29.13
C ILE B 803 6.15 18.20 -29.09
N ILE B 804 6.95 17.16 -29.24
CA ILE B 804 6.47 15.80 -29.08
C ILE B 804 6.62 15.46 -27.60
N PRO B 805 5.57 15.60 -26.81
CA PRO B 805 5.73 15.44 -25.35
C PRO B 805 6.16 14.06 -24.92
N SER B 806 5.99 13.04 -25.76
CA SER B 806 6.42 11.69 -25.42
C SER B 806 7.91 11.47 -25.65
N ASN B 807 8.58 12.38 -26.37
CA ASN B 807 10.00 12.21 -26.70
C ASN B 807 10.90 13.16 -25.93
N LEU B 808 10.37 13.96 -25.01
CA LEU B 808 11.19 14.88 -24.24
C LEU B 808 12.11 14.12 -23.28
N PRO B 809 13.24 14.72 -22.88
CA PRO B 809 14.11 14.05 -21.90
C PRO B 809 13.59 14.22 -20.48
N THR B 810 14.45 13.91 -19.48
CA THR B 810 14.10 14.02 -18.06
C THR B 810 15.37 14.42 -17.28
N GLN B 811 15.72 15.70 -17.33
CA GLN B 811 16.97 16.16 -16.72
C GLN B 811 16.97 17.70 -16.69
N ILE B 812 18.16 18.25 -16.41
CA ILE B 812 18.49 19.68 -16.45
C ILE B 812 18.07 20.42 -15.19
N ASP B 813 16.76 20.56 -14.96
CA ASP B 813 16.32 21.43 -13.88
C ASP B 813 14.94 21.03 -13.39
N ASN B 814 14.67 21.33 -12.12
CA ASN B 814 13.36 21.14 -11.52
C ASN B 814 13.04 22.40 -10.70
N GLU B 815 12.01 22.31 -9.84
CA GLU B 815 11.64 23.43 -8.99
C GLU B 815 10.72 23.00 -7.85
N PRO B 816 11.24 22.30 -6.83
CA PRO B 816 10.41 21.94 -5.69
C PRO B 816 10.53 22.93 -4.55
N GLU B 817 9.97 24.13 -4.72
CA GLU B 817 10.18 25.21 -3.77
C GLU B 817 9.35 25.00 -2.51
N ILE B 818 9.44 25.96 -1.59
CA ILE B 818 8.79 25.90 -0.30
C ILE B 818 7.46 26.65 -0.37
N THR B 819 6.52 26.27 0.50
CA THR B 819 5.21 26.90 0.56
C THR B 819 5.32 28.37 0.97
N PHE B 826 -0.04 16.38 -3.09
CA PHE B 826 -1.17 15.62 -3.62
C PHE B 826 -0.72 14.65 -4.71
N ILE B 827 -0.93 13.35 -4.47
CA ILE B 827 -0.53 12.31 -5.39
C ILE B 827 -1.77 11.48 -5.76
N MET B 828 -1.80 11.02 -7.01
CA MET B 828 -2.87 10.15 -7.49
C MET B 828 -2.25 8.83 -7.91
N LYS B 829 -2.50 7.78 -7.13
CA LYS B 829 -1.89 6.47 -7.33
C LYS B 829 -2.74 5.65 -8.29
N TYR B 830 -2.25 5.45 -9.50
CA TYR B 830 -2.90 4.59 -10.47
C TYR B 830 -2.54 3.13 -10.20
N ASP B 831 -3.47 2.23 -10.55
CA ASP B 831 -3.11 0.83 -10.61
C ASP B 831 -2.29 0.53 -11.86
N TYR B 832 -2.58 1.22 -12.94
CA TYR B 832 -1.77 1.20 -14.16
C TYR B 832 -1.62 2.64 -14.63
N LEU B 833 -0.39 3.11 -14.74
CA LEU B 833 -0.13 4.48 -15.17
C LEU B 833 0.07 4.50 -16.68
N PRO B 834 -0.85 5.05 -17.46
CA PRO B 834 -0.65 5.11 -18.91
C PRO B 834 0.46 6.08 -19.28
N SER B 835 1.29 5.67 -20.25
CA SER B 835 2.41 6.49 -20.67
C SER B 835 2.00 7.71 -21.48
N THR B 836 0.72 7.82 -21.85
CA THR B 836 0.21 8.97 -22.57
C THR B 836 -0.60 9.91 -21.68
N ILE B 837 -0.61 9.66 -20.36
CA ILE B 837 -1.40 10.50 -19.46
C ILE B 837 -0.75 11.86 -19.27
N ILE B 838 0.58 11.93 -19.29
CA ILE B 838 1.31 13.18 -19.11
C ILE B 838 1.45 13.92 -20.45
N PRO B 839 1.84 13.26 -21.56
CA PRO B 839 1.94 14.01 -22.82
C PRO B 839 0.62 14.65 -23.25
N ARG B 840 -0.50 13.94 -23.15
CA ARG B 840 -1.77 14.53 -23.56
C ARG B 840 -2.28 15.55 -22.55
N LEU B 841 -1.78 15.50 -21.31
CA LEU B 841 -2.07 16.58 -20.36
C LEU B 841 -1.20 17.80 -20.66
N MET B 842 0.04 17.56 -21.08
CA MET B 842 0.97 18.65 -21.37
C MET B 842 0.48 19.50 -22.55
N ILE B 843 -0.26 18.91 -23.49
CA ILE B 843 -0.79 19.70 -24.60
C ILE B 843 -2.02 20.50 -24.16
N ALA B 844 -2.75 20.02 -23.15
CA ALA B 844 -3.92 20.75 -22.68
C ALA B 844 -3.56 22.01 -21.92
N MET B 845 -2.34 22.07 -21.36
CA MET B 845 -1.86 23.23 -20.62
C MET B 845 -0.60 23.79 -21.28
N GLN B 846 -0.61 23.88 -22.62
CA GLN B 846 0.58 24.30 -23.34
C GLN B 846 0.87 25.78 -23.13
N HIS B 847 -0.16 26.61 -23.01
CA HIS B 847 -0.02 28.04 -22.80
C HIS B 847 0.13 28.41 -21.33
N GLN B 848 0.52 27.46 -20.47
CA GLN B 848 0.73 27.73 -19.06
C GLN B 848 2.09 27.29 -18.56
N ILE B 849 2.97 26.77 -19.42
CA ILE B 849 4.28 26.33 -18.98
C ILE B 849 5.14 27.54 -18.62
N LEU B 850 5.98 27.38 -17.60
CA LEU B 850 6.87 28.45 -17.17
C LEU B 850 8.16 28.37 -17.99
N ASP B 851 8.10 28.97 -19.19
CA ASP B 851 9.21 29.08 -20.14
C ASP B 851 10.04 27.80 -20.27
N ARG B 852 9.58 26.87 -21.10
CA ARG B 852 10.29 25.62 -21.38
C ARG B 852 10.62 24.86 -20.10
N MET B 853 9.56 24.51 -19.36
CA MET B 853 9.68 23.74 -18.12
C MET B 853 8.65 22.60 -18.17
N GLN B 854 8.94 21.56 -18.95
CA GLN B 854 7.97 20.48 -19.07
C GLN B 854 8.57 19.08 -19.00
N TRP B 855 9.58 18.78 -19.82
CA TRP B 855 10.22 17.46 -19.90
C TRP B 855 9.21 16.32 -20.04
N ARG B 856 9.68 15.07 -19.92
CA ARG B 856 8.84 13.92 -20.27
C ARG B 856 7.87 13.54 -19.15
N TYR B 857 8.37 13.39 -17.91
CA TYR B 857 7.60 12.85 -16.81
C TYR B 857 6.94 13.91 -15.95
N GLY B 858 6.67 15.09 -16.50
CA GLY B 858 6.05 16.14 -15.71
C GLY B 858 5.83 17.39 -16.52
N MET B 859 5.71 18.50 -15.81
CA MET B 859 5.56 19.84 -16.38
C MET B 859 5.47 20.84 -15.23
N VAL B 860 5.72 22.11 -15.55
CA VAL B 860 5.63 23.20 -14.60
C VAL B 860 4.63 24.21 -15.15
N LEU B 861 3.69 24.64 -14.31
CA LEU B 861 2.61 25.51 -14.74
C LEU B 861 2.72 26.86 -14.03
N LYS B 862 2.07 27.86 -14.61
CA LYS B 862 2.01 29.19 -14.04
C LYS B 862 0.78 29.88 -14.59
N SER B 863 -0.19 30.17 -13.73
CA SER B 863 -1.47 30.72 -14.16
C SER B 863 -1.41 32.24 -14.27
N GLN B 864 -2.01 32.77 -15.32
CA GLN B 864 -2.16 34.22 -15.45
C GLN B 864 -3.39 34.70 -14.70
N ASP B 865 -4.41 33.84 -14.58
CA ASP B 865 -5.60 34.18 -13.82
C ASP B 865 -5.26 34.34 -12.34
N HIS B 866 -4.81 33.26 -11.71
CA HIS B 866 -4.36 33.32 -10.32
C HIS B 866 -2.93 33.84 -10.29
N GLU B 867 -2.73 35.01 -9.69
CA GLU B 867 -1.40 35.62 -9.66
C GLU B 867 -0.41 34.75 -8.89
N GLY B 868 -0.72 34.45 -7.63
CA GLY B 868 0.15 33.61 -6.83
C GLY B 868 -0.21 32.15 -6.91
N ALA B 869 0.23 31.48 -7.99
CA ALA B 869 -0.03 30.05 -8.13
C ALA B 869 1.00 29.45 -9.09
N LEU B 870 1.94 28.70 -8.55
CA LEU B 870 2.95 27.99 -9.33
C LEU B 870 2.77 26.50 -9.09
N ALA B 871 2.64 25.72 -10.17
CA ALA B 871 2.41 24.30 -10.06
C ALA B 871 3.53 23.51 -10.73
N LYS B 872 3.71 22.27 -10.27
CA LYS B 872 4.71 21.36 -10.84
C LYS B 872 4.24 19.94 -10.60
N VAL B 873 3.56 19.36 -11.59
CA VAL B 873 3.10 17.98 -11.51
C VAL B 873 4.16 17.08 -12.12
N VAL B 874 4.43 15.95 -11.46
CA VAL B 874 5.43 14.98 -11.91
C VAL B 874 4.84 13.59 -11.76
N ALA B 875 5.16 12.72 -12.72
CA ALA B 875 4.73 11.33 -12.71
C ALA B 875 5.89 10.43 -12.34
N GLU B 876 5.64 9.48 -11.45
CA GLU B 876 6.64 8.52 -10.99
C GLU B 876 6.31 7.16 -11.59
N THR B 877 7.09 6.74 -12.60
CA THR B 877 6.83 5.46 -13.25
C THR B 877 7.11 4.28 -12.34
N LYS B 878 8.04 4.43 -11.40
CA LYS B 878 8.37 3.33 -10.50
C LYS B 878 7.22 3.03 -9.54
N ASP B 879 6.40 4.02 -9.21
CA ASP B 879 5.27 3.84 -8.32
C ASP B 879 3.93 4.04 -9.01
N SER B 880 3.93 4.45 -10.28
CA SER B 880 2.71 4.70 -11.05
C SER B 880 1.80 5.71 -10.33
N THR B 881 2.39 6.83 -9.94
CA THR B 881 1.68 7.90 -9.24
C THR B 881 2.03 9.24 -9.87
N ILE B 882 1.05 10.13 -9.90
CA ILE B 882 1.23 11.49 -10.39
C ILE B 882 1.06 12.43 -9.20
N THR B 883 2.15 13.07 -8.79
CA THR B 883 2.14 13.99 -7.67
C THR B 883 2.05 15.42 -8.18
N ILE B 884 1.17 16.22 -7.60
CA ILE B 884 1.00 17.62 -7.96
C ILE B 884 1.34 18.47 -6.73
N ALA B 885 2.26 19.41 -6.92
CA ALA B 885 2.72 20.29 -5.85
C ALA B 885 2.57 21.73 -6.30
N ILE B 886 1.71 22.48 -5.60
CA ILE B 886 1.42 23.86 -5.97
C ILE B 886 1.76 24.77 -4.78
N GLN B 887 2.10 26.02 -5.10
CA GLN B 887 2.47 27.01 -4.10
C GLN B 887 1.82 28.34 -4.46
N GLY B 888 1.65 29.18 -3.44
CA GLY B 888 1.07 30.50 -3.62
C GLY B 888 0.09 30.89 -2.54
N GLU B 889 -1.03 31.50 -2.94
CA GLU B 889 -2.07 31.86 -1.97
C GLU B 889 -3.12 30.76 -1.88
N PRO B 890 -3.67 30.54 -0.69
CA PRO B 890 -4.65 29.44 -0.54
C PRO B 890 -5.86 29.57 -1.45
N ARG B 891 -6.47 30.75 -1.52
CA ARG B 891 -7.58 30.96 -2.44
C ARG B 891 -7.15 30.94 -3.89
N CYS B 892 -5.85 31.11 -4.17
CA CYS B 892 -5.33 31.07 -5.53
C CYS B 892 -4.65 29.75 -5.87
N LYS B 893 -4.30 28.93 -4.87
CA LYS B 893 -3.69 27.62 -5.11
C LYS B 893 -4.70 26.49 -5.06
N ARG B 894 -5.55 26.45 -4.03
CA ARG B 894 -6.55 25.39 -3.93
C ARG B 894 -7.50 25.39 -5.11
N GLU B 895 -7.63 26.51 -5.82
CA GLU B 895 -8.41 26.54 -7.06
C GLU B 895 -7.62 25.99 -8.24
N TYR B 896 -6.29 26.18 -8.24
CA TYR B 896 -5.48 25.70 -9.36
C TYR B 896 -5.41 24.17 -9.39
N LEU B 897 -5.46 23.52 -8.22
CA LEU B 897 -5.50 22.07 -8.22
C LEU B 897 -6.84 21.54 -8.71
N SER B 898 -7.92 22.27 -8.44
CA SER B 898 -9.24 21.87 -8.89
C SER B 898 -9.39 21.99 -10.40
N ILE B 899 -8.53 22.76 -11.04
CA ILE B 899 -8.56 22.86 -12.50
C ILE B 899 -7.63 21.84 -13.14
N ILE B 900 -6.53 21.49 -12.48
CA ILE B 900 -5.66 20.44 -12.99
C ILE B 900 -6.28 19.06 -12.77
N TRP B 901 -6.73 18.80 -11.54
CA TRP B 901 -7.33 17.51 -11.20
C TRP B 901 -8.55 17.20 -12.06
N TYR B 902 -9.33 18.22 -12.42
CA TYR B 902 -10.46 17.99 -13.32
C TYR B 902 -9.97 17.66 -14.73
N GLU B 903 -8.93 18.35 -15.20
CA GLU B 903 -8.38 18.06 -16.52
C GLU B 903 -7.69 16.71 -16.58
N ILE B 904 -7.28 16.16 -15.43
CA ILE B 904 -6.69 14.82 -15.41
C ILE B 904 -7.78 13.76 -15.45
N LYS B 905 -8.84 13.93 -14.66
CA LYS B 905 -9.98 13.02 -14.76
C LYS B 905 -10.70 13.15 -16.09
N LYS B 906 -10.57 14.28 -16.78
CA LYS B 906 -11.15 14.41 -18.10
C LYS B 906 -10.47 13.49 -19.11
N ILE B 907 -9.19 13.18 -18.89
CA ILE B 907 -8.48 12.26 -19.76
C ILE B 907 -8.43 10.85 -19.17
N ASN B 908 -8.57 10.70 -17.85
CA ASN B 908 -8.65 9.37 -17.26
C ASN B 908 -9.90 8.62 -17.68
N ALA B 909 -10.95 9.33 -18.07
CA ALA B 909 -12.20 8.68 -18.46
C ALA B 909 -12.09 7.95 -19.79
N ASN B 910 -11.08 8.28 -20.60
CA ASN B 910 -10.89 7.59 -21.88
C ASN B 910 -10.45 6.15 -21.69
N PHE B 911 -9.94 5.79 -20.52
CA PHE B 911 -9.54 4.44 -20.21
C PHE B 911 -10.69 3.71 -19.52
N THR B 912 -10.49 2.41 -19.25
CA THR B 912 -11.53 1.55 -18.69
C THR B 912 -11.07 1.01 -17.36
N ASN B 913 -11.82 1.33 -16.29
CA ASN B 913 -11.61 0.78 -14.95
C ASN B 913 -10.21 1.12 -14.44
N LEU B 914 -9.99 2.42 -14.22
CA LEU B 914 -8.77 2.90 -13.62
C LEU B 914 -8.98 3.07 -12.12
N ASP B 915 -8.05 2.53 -11.33
CA ASP B 915 -8.10 2.61 -9.87
C ASP B 915 -7.23 3.78 -9.44
N VAL B 916 -7.85 4.90 -9.12
CA VAL B 916 -7.15 6.11 -8.71
C VAL B 916 -7.46 6.37 -7.24
N LYS B 917 -6.46 6.15 -6.39
CA LYS B 917 -6.56 6.44 -4.97
C LYS B 917 -5.76 7.69 -4.69
N GLU B 918 -6.45 8.76 -4.30
CA GLU B 918 -5.81 10.06 -4.10
C GLU B 918 -5.19 10.13 -2.71
N PHE B 919 -3.88 10.37 -2.65
CA PHE B 919 -3.16 10.52 -1.40
C PHE B 919 -2.63 11.94 -1.28
N ILE B 920 -2.40 12.36 -0.03
CA ILE B 920 -1.78 13.65 0.27
C ILE B 920 -0.76 13.42 1.37
N PRO B 921 0.50 13.82 1.18
CA PRO B 921 1.52 13.54 2.21
C PRO B 921 1.29 14.36 3.46
N LEU B 922 1.91 13.88 4.55
CA LEU B 922 1.81 14.51 5.86
C LEU B 922 2.73 15.73 5.94
N PRO B 923 2.35 16.73 6.74
CA PRO B 923 3.14 17.96 6.82
C PRO B 923 4.49 17.70 7.48
N GLY B 924 5.56 18.07 6.78
CA GLY B 924 6.91 17.88 7.27
C GLY B 924 7.59 16.61 6.81
N HIS B 925 6.90 15.74 6.08
CA HIS B 925 7.50 14.49 5.62
C HIS B 925 7.09 14.21 4.18
N PRO B 926 8.05 14.05 3.27
CA PRO B 926 7.69 13.72 1.89
C PRO B 926 7.03 12.36 1.75
N ASP B 927 7.56 11.34 2.41
CA ASP B 927 6.97 10.01 2.40
C ASP B 927 5.88 9.94 3.47
N GLU B 928 5.46 8.72 3.80
CA GLU B 928 4.38 8.48 4.77
C GLU B 928 3.13 9.23 4.36
N LEU B 929 2.35 8.65 3.45
CA LEU B 929 1.19 9.30 2.88
C LEU B 929 -0.09 8.82 3.58
N VAL B 930 -1.15 9.61 3.42
CA VAL B 930 -2.47 9.28 3.94
C VAL B 930 -3.49 9.45 2.83
N GLU B 931 -4.46 8.53 2.79
CA GLU B 931 -5.45 8.57 1.72
C GLU B 931 -6.41 9.74 1.91
N TYR B 932 -6.78 10.38 0.81
CA TYR B 932 -7.72 11.49 0.89
C TYR B 932 -9.09 11.04 1.36
N LYS B 933 -9.46 9.79 1.05
CA LYS B 933 -10.72 9.25 1.53
C LYS B 933 -10.69 8.94 3.02
N GLU B 934 -9.50 8.77 3.60
CA GLU B 934 -9.39 8.49 5.02
C GLU B 934 -9.60 9.74 5.86
N LEU B 935 -8.83 10.81 5.59
CA LEU B 935 -9.00 12.04 6.35
C LEU B 935 -10.35 12.68 6.09
N LEU B 936 -10.81 12.66 4.83
CA LEU B 936 -12.15 13.14 4.55
C LEU B 936 -13.21 12.24 5.20
N GLY B 937 -12.90 10.96 5.35
CA GLY B 937 -13.77 10.07 6.11
C GLY B 937 -13.70 10.29 7.60
N LEU B 938 -12.58 10.83 8.10
CA LEU B 938 -12.46 11.12 9.52
C LEU B 938 -13.30 12.34 9.89
N GLU B 939 -13.35 13.35 9.02
CA GLU B 939 -14.19 14.50 9.28
C GLU B 939 -15.66 14.12 9.17
N LYS B 940 -16.52 15.02 9.64
CA LYS B 940 -17.99 14.85 9.62
C LYS B 940 -18.43 13.69 10.49
N MET B 941 -17.71 12.56 10.43
CA MET B 941 -17.99 11.44 11.32
C MET B 941 -17.58 11.75 12.76
N GLY B 942 -16.66 12.67 12.96
CA GLY B 942 -16.17 13.03 14.27
C GLY B 942 -14.73 12.60 14.48
N ARG B 943 -14.19 13.03 15.63
CA ARG B 943 -12.80 12.80 16.02
C ARG B 943 -11.85 13.62 15.14
N ASP B 944 -10.74 14.06 15.73
CA ASP B 944 -9.74 14.87 15.06
C ASP B 944 -8.39 14.17 15.15
N GLU B 945 -7.42 14.69 14.41
CA GLU B 945 -6.03 14.21 14.44
C GLU B 945 -5.87 12.83 13.82
N TYR B 946 -5.04 12.74 12.78
CA TYR B 946 -4.68 11.46 12.17
C TYR B 946 -3.35 11.02 12.79
N VAL B 947 -3.40 9.93 13.56
CA VAL B 947 -2.24 9.45 14.29
C VAL B 947 -1.45 8.48 13.41
N SER B 948 -0.13 8.62 13.43
CA SER B 948 0.78 7.80 12.62
C SER B 948 1.72 7.07 13.56
N GLY B 949 1.54 5.75 13.67
CA GLY B 949 2.40 4.97 14.55
C GLY B 949 3.84 4.91 14.08
N LYS B 950 4.04 4.80 12.76
CA LYS B 950 5.38 4.76 12.21
C LYS B 950 6.10 6.10 12.33
N LEU B 951 5.39 7.18 12.64
CA LEU B 951 6.00 8.47 12.87
C LEU B 951 5.85 8.97 14.30
N GLU B 952 4.93 8.39 15.08
CA GLU B 952 4.70 8.79 16.47
C GLU B 952 4.39 10.28 16.56
N LYS B 953 3.53 10.77 15.66
CA LYS B 953 3.17 12.18 15.61
C LYS B 953 1.74 12.33 15.15
N VAL B 954 1.08 13.37 15.65
CA VAL B 954 -0.27 13.75 15.23
C VAL B 954 -0.16 14.93 14.29
N PHE B 955 -1.03 14.98 13.29
CA PHE B 955 -0.96 16.02 12.26
C PHE B 955 -2.29 16.76 12.04
N SER B 956 -3.34 16.40 12.77
CA SER B 956 -4.65 17.06 12.70
C SER B 956 -5.33 16.85 11.35
N VAL B 957 -6.62 16.54 11.37
CA VAL B 957 -7.33 16.27 10.12
C VAL B 957 -7.88 17.54 9.47
N SER B 958 -8.20 18.57 10.26
CA SER B 958 -8.77 19.78 9.70
C SER B 958 -7.75 20.61 8.95
N LYS B 959 -6.48 20.56 9.37
CA LYS B 959 -5.45 21.37 8.74
C LYS B 959 -5.07 20.86 7.35
N MET B 960 -5.25 19.57 7.08
CA MET B 960 -4.81 19.00 5.82
C MET B 960 -5.88 18.99 4.75
N LEU B 961 -7.17 18.93 5.11
CA LEU B 961 -8.22 19.02 4.10
C LEU B 961 -8.47 20.47 3.67
N ASP B 962 -7.40 21.27 3.64
CA ASP B 962 -7.50 22.66 3.19
C ASP B 962 -7.72 22.79 1.69
N SER B 963 -7.54 21.71 0.92
CA SER B 963 -7.80 21.78 -0.51
C SER B 963 -9.28 21.90 -0.84
N VAL B 964 -10.15 21.71 0.13
CA VAL B 964 -11.59 21.91 -0.03
C VAL B 964 -12.02 23.01 0.92
N ILE B 965 -13.05 23.76 0.53
CA ILE B 965 -13.54 24.87 1.34
C ILE B 965 -14.20 24.32 2.59
N SER B 966 -15.52 24.17 2.56
CA SER B 966 -16.27 23.62 3.67
C SER B 966 -17.43 22.79 3.13
N LYS B 967 -17.84 21.79 3.91
CA LYS B 967 -18.96 20.91 3.56
C LYS B 967 -18.72 20.22 2.22
N GLU B 968 -19.13 20.87 1.14
CA GLU B 968 -18.98 20.29 -0.20
C GLU B 968 -17.88 20.99 -0.99
#